data_2DLH
#
_entry.id   2DLH
#
_entity_poly.entity_id   1
_entity_poly.type   'polypeptide(L)'
_entity_poly.pdbx_seq_one_letter_code
;GSSGSSGPVLTQTSEQAPSSAPRDVQARMLSSTTILVQWKEPEEPNGQIQGYRVYYTMDPTQHVNNWMKHNVADSQITTI
GNLVPQKTYSVKVLAFTSIGDGPLSSDIQVITQTGSGPSSG
;
_entity_poly.pdbx_strand_id   A
#
# COMPACT_ATOMS: atom_id res chain seq x y z
N GLY A 1 -20.89 -11.83 23.35
CA GLY A 1 -21.53 -11.29 24.52
C GLY A 1 -20.93 -9.96 24.95
N SER A 2 -20.59 -9.12 23.97
CA SER A 2 -20.00 -7.83 24.25
C SER A 2 -21.05 -6.73 24.19
N SER A 3 -20.87 -5.69 25.00
CA SER A 3 -21.80 -4.57 25.05
C SER A 3 -21.36 -3.46 24.10
N GLY A 4 -22.26 -3.04 23.23
CA GLY A 4 -21.95 -1.98 22.29
C GLY A 4 -23.19 -1.41 21.62
N SER A 5 -24.10 -2.29 21.24
CA SER A 5 -25.33 -1.86 20.57
C SER A 5 -26.53 -2.04 21.50
N SER A 6 -26.67 -1.11 22.45
CA SER A 6 -27.78 -1.16 23.40
C SER A 6 -29.09 -0.76 22.75
N GLY A 7 -29.11 0.44 22.17
CA GLY A 7 -30.31 0.92 21.52
C GLY A 7 -30.00 1.92 20.41
N PRO A 8 -31.05 2.51 19.82
CA PRO A 8 -30.92 3.49 18.74
C PRO A 8 -30.33 4.80 19.23
N VAL A 9 -29.78 5.58 18.31
CA VAL A 9 -29.18 6.87 18.64
C VAL A 9 -28.06 6.71 19.66
N LEU A 10 -26.92 6.21 19.19
CA LEU A 10 -25.76 6.01 20.06
C LEU A 10 -24.97 7.30 20.22
N THR A 11 -23.95 7.26 21.08
CA THR A 11 -23.12 8.43 21.32
C THR A 11 -22.35 8.84 20.07
N GLN A 12 -22.02 7.86 19.24
CA GLN A 12 -21.29 8.13 18.01
C GLN A 12 -21.49 6.99 17.00
N THR A 13 -21.91 7.36 15.79
CA THR A 13 -22.14 6.38 14.74
C THR A 13 -22.05 7.02 13.36
N SER A 14 -20.82 7.20 12.88
CA SER A 14 -20.61 7.80 11.57
C SER A 14 -19.30 7.29 10.94
N GLU A 15 -19.44 6.53 9.86
CA GLU A 15 -18.29 5.98 9.16
C GLU A 15 -17.75 6.96 8.12
N GLN A 16 -16.48 7.31 8.24
CA GLN A 16 -15.85 8.23 7.30
C GLN A 16 -14.67 7.57 6.60
N ALA A 17 -14.00 8.34 5.74
CA ALA A 17 -12.85 7.84 5.00
C ALA A 17 -11.71 7.46 5.94
N PRO A 18 -10.80 6.61 5.45
CA PRO A 18 -9.65 6.15 6.23
C PRO A 18 -8.62 7.26 6.47
N SER A 19 -8.35 7.54 7.74
CA SER A 19 -7.40 8.59 8.11
C SER A 19 -6.14 7.99 8.72
N SER A 20 -5.68 6.87 8.16
CA SER A 20 -4.50 6.19 8.66
C SER A 20 -3.80 5.42 7.54
N ALA A 21 -2.50 5.66 7.39
CA ALA A 21 -1.71 4.99 6.36
C ALA A 21 -1.54 3.51 6.68
N PRO A 22 -1.31 2.70 5.63
CA PRO A 22 -1.12 1.26 5.78
C PRO A 22 0.20 0.91 6.47
N ARG A 23 0.19 -0.19 7.21
CA ARG A 23 1.39 -0.64 7.92
C ARG A 23 1.89 -1.96 7.36
N ASP A 24 3.02 -2.44 7.89
CA ASP A 24 3.60 -3.69 7.45
C ASP A 24 3.86 -3.67 5.94
N VAL A 25 4.03 -2.47 5.39
CA VAL A 25 4.29 -2.31 3.97
C VAL A 25 5.75 -2.58 3.64
N GLN A 26 6.00 -3.74 3.03
CA GLN A 26 7.37 -4.13 2.67
C GLN A 26 7.37 -4.91 1.36
N ALA A 27 8.40 -4.69 0.55
CA ALA A 27 8.52 -5.37 -0.73
C ALA A 27 9.72 -6.33 -0.72
N ARG A 28 9.46 -7.60 -0.96
CA ARG A 28 10.51 -8.61 -0.99
C ARG A 28 10.62 -9.26 -2.37
N MET A 29 11.81 -9.23 -2.93
CA MET A 29 12.05 -9.81 -4.26
C MET A 29 12.03 -11.33 -4.19
N LEU A 30 11.40 -11.96 -5.18
CA LEU A 30 11.31 -13.41 -5.23
C LEU A 30 12.01 -13.96 -6.47
N SER A 31 12.04 -13.16 -7.53
CA SER A 31 12.68 -13.57 -8.78
C SER A 31 13.47 -12.41 -9.38
N SER A 32 13.92 -12.59 -10.62
CA SER A 32 14.68 -11.57 -11.32
C SER A 32 13.77 -10.45 -11.81
N THR A 33 12.50 -10.79 -12.02
CA THR A 33 11.53 -9.81 -12.51
C THR A 33 10.17 -10.01 -11.84
N THR A 34 10.20 -10.46 -10.59
CA THR A 34 8.97 -10.70 -9.84
C THR A 34 9.11 -10.24 -8.40
N ILE A 35 8.27 -9.29 -8.00
CA ILE A 35 8.29 -8.78 -6.63
C ILE A 35 7.04 -9.16 -5.86
N LEU A 36 6.99 -8.79 -4.59
CA LEU A 36 5.84 -9.10 -3.74
C LEU A 36 5.58 -7.97 -2.74
N VAL A 37 4.38 -7.41 -2.80
CA VAL A 37 4.01 -6.33 -1.90
C VAL A 37 2.92 -6.78 -0.92
N GLN A 38 3.24 -6.74 0.37
CA GLN A 38 2.30 -7.14 1.40
C GLN A 38 2.22 -6.09 2.51
N TRP A 39 1.01 -5.84 2.98
CA TRP A 39 0.79 -4.86 4.04
C TRP A 39 -0.41 -5.24 4.90
N LYS A 40 -0.65 -4.45 5.95
CA LYS A 40 -1.77 -4.71 6.85
C LYS A 40 -2.79 -3.57 6.78
N GLU A 41 -3.97 -3.81 7.36
CA GLU A 41 -5.03 -2.81 7.35
C GLU A 41 -4.65 -1.61 8.22
N PRO A 42 -5.32 -0.47 7.99
CA PRO A 42 -5.07 0.76 8.73
C PRO A 42 -5.54 0.67 10.18
N GLU A 43 -5.16 1.65 10.99
CA GLU A 43 -5.54 1.68 12.40
C GLU A 43 -6.86 2.43 12.58
N GLU A 44 -7.16 3.34 11.67
CA GLU A 44 -8.39 4.12 11.73
C GLU A 44 -9.19 3.99 10.44
N PRO A 45 -9.82 2.81 10.26
CA PRO A 45 -10.62 2.52 9.07
C PRO A 45 -11.83 3.46 8.95
N ASN A 46 -12.62 3.52 10.02
CA ASN A 46 -13.81 4.37 10.03
C ASN A 46 -14.82 3.91 8.98
N GLY A 47 -14.83 2.62 8.71
CA GLY A 47 -15.76 2.08 7.72
C GLY A 47 -15.24 0.80 7.09
N GLN A 48 -16.12 0.11 6.37
CA GLN A 48 -15.74 -1.14 5.71
C GLN A 48 -14.83 -0.88 4.52
N ILE A 49 -13.59 -1.38 4.61
CA ILE A 49 -12.63 -1.19 3.54
C ILE A 49 -13.05 -1.95 2.29
N GLN A 50 -13.06 -1.24 1.16
CA GLN A 50 -13.44 -1.84 -0.11
C GLN A 50 -12.21 -2.36 -0.87
N GLY A 51 -11.07 -1.75 -0.59
CA GLY A 51 -9.84 -2.17 -1.25
C GLY A 51 -8.70 -1.21 -0.99
N TYR A 52 -7.69 -1.23 -1.86
CA TYR A 52 -6.54 -0.36 -1.72
C TYR A 52 -5.98 0.04 -3.09
N ARG A 53 -4.97 0.90 -3.08
CA ARG A 53 -4.36 1.36 -4.32
C ARG A 53 -2.84 1.35 -4.20
N VAL A 54 -2.17 0.84 -5.23
CA VAL A 54 -0.71 0.77 -5.24
C VAL A 54 -0.14 1.64 -6.35
N TYR A 55 1.05 2.19 -6.11
CA TYR A 55 1.72 3.05 -7.09
C TYR A 55 3.16 2.62 -7.29
N TYR A 56 3.49 2.18 -8.49
CA TYR A 56 4.84 1.74 -8.82
C TYR A 56 5.20 2.08 -10.26
N THR A 57 6.37 2.69 -10.44
CA THR A 57 6.83 3.08 -11.77
C THR A 57 8.34 3.30 -11.78
N MET A 58 8.98 2.93 -12.89
CA MET A 58 10.42 3.09 -13.04
C MET A 58 10.81 4.56 -13.03
N ASP A 59 9.86 5.42 -13.40
CA ASP A 59 10.10 6.85 -13.45
C ASP A 59 9.26 7.57 -12.39
N PRO A 60 9.69 7.47 -11.12
CA PRO A 60 9.00 8.11 -10.00
C PRO A 60 9.12 9.64 -10.03
N THR A 61 9.97 10.13 -10.93
CA THR A 61 10.18 11.58 -11.05
C THR A 61 8.89 12.29 -11.40
N GLN A 62 7.92 11.53 -11.92
CA GLN A 62 6.63 12.11 -12.31
C GLN A 62 5.64 12.02 -11.15
N HIS A 63 4.48 12.65 -11.34
CA HIS A 63 3.43 12.64 -10.32
C HIS A 63 2.83 11.25 -10.16
N VAL A 64 2.48 10.90 -8.93
CA VAL A 64 1.89 9.60 -8.65
C VAL A 64 0.64 9.36 -9.49
N ASN A 65 0.01 10.45 -9.91
CA ASN A 65 -1.19 10.37 -10.73
C ASN A 65 -0.87 9.88 -12.13
N ASN A 66 0.39 10.01 -12.52
CA ASN A 66 0.83 9.58 -13.84
C ASN A 66 1.50 8.21 -13.77
N TRP A 67 1.91 7.81 -12.58
CA TRP A 67 2.55 6.52 -12.38
C TRP A 67 1.72 5.39 -12.99
N MET A 68 2.29 4.20 -13.06
CA MET A 68 1.60 3.05 -13.61
C MET A 68 0.40 2.67 -12.75
N LYS A 69 0.60 2.70 -11.43
CA LYS A 69 -0.47 2.36 -10.50
C LYS A 69 -0.89 0.90 -10.66
N HIS A 70 -1.52 0.36 -9.62
CA HIS A 70 -1.98 -1.03 -9.66
C HIS A 70 -3.42 -1.14 -9.15
N ASN A 71 -3.90 -2.37 -9.04
CA ASN A 71 -5.27 -2.61 -8.57
C ASN A 71 -5.28 -3.56 -7.38
N VAL A 72 -6.24 -3.37 -6.49
CA VAL A 72 -6.36 -4.22 -5.31
C VAL A 72 -7.82 -4.38 -4.89
N ALA A 73 -8.17 -5.55 -4.39
CA ALA A 73 -9.53 -5.83 -3.95
C ALA A 73 -9.55 -6.47 -2.57
N ASP A 74 -9.12 -5.72 -1.57
CA ASP A 74 -9.08 -6.21 -0.19
C ASP A 74 -8.33 -7.53 -0.12
N SER A 75 -7.08 -7.52 -0.54
CA SER A 75 -6.25 -8.72 -0.52
C SER A 75 -5.06 -8.55 0.42
N GLN A 76 -4.65 -7.30 0.63
CA GLN A 76 -3.53 -6.99 1.51
C GLN A 76 -2.25 -7.62 0.98
N ILE A 77 -2.24 -7.96 -0.30
CA ILE A 77 -1.08 -8.57 -0.93
C ILE A 77 -1.20 -8.56 -2.45
N THR A 78 -0.11 -8.18 -3.12
CA THR A 78 -0.09 -8.12 -4.57
C THR A 78 1.29 -8.44 -5.13
N THR A 79 1.32 -9.24 -6.19
CA THR A 79 2.58 -9.62 -6.81
C THR A 79 2.74 -8.99 -8.19
N ILE A 80 3.78 -8.18 -8.33
CA ILE A 80 4.05 -7.51 -9.61
C ILE A 80 5.24 -8.13 -10.32
N GLY A 81 5.16 -8.21 -11.65
CA GLY A 81 6.24 -8.78 -12.43
C GLY A 81 6.41 -8.11 -13.76
N ASN A 82 7.16 -8.74 -14.66
CA ASN A 82 7.41 -8.18 -15.99
C ASN A 82 8.17 -6.86 -15.89
N LEU A 83 9.12 -6.80 -14.96
CA LEU A 83 9.92 -5.60 -14.77
C LEU A 83 11.34 -5.80 -15.28
N VAL A 84 12.22 -4.85 -14.97
CA VAL A 84 13.61 -4.93 -15.40
C VAL A 84 14.56 -5.03 -14.20
N PRO A 85 15.50 -5.97 -14.27
CA PRO A 85 16.48 -6.19 -13.19
C PRO A 85 17.48 -5.04 -13.08
N GLN A 86 18.12 -4.92 -11.91
CA GLN A 86 19.09 -3.87 -11.68
C GLN A 86 18.51 -2.50 -11.99
N LYS A 87 17.35 -2.21 -11.41
CA LYS A 87 16.68 -0.94 -11.62
C LYS A 87 15.81 -0.57 -10.42
N THR A 88 16.05 0.63 -9.87
CA THR A 88 15.28 1.09 -8.72
C THR A 88 13.81 1.28 -9.07
N TYR A 89 12.93 0.77 -8.21
CA TYR A 89 11.50 0.88 -8.44
C TYR A 89 10.79 1.40 -7.18
N SER A 90 9.91 2.37 -7.36
CA SER A 90 9.17 2.96 -6.25
C SER A 90 7.89 2.18 -5.98
N VAL A 91 7.45 2.19 -4.73
CA VAL A 91 6.23 1.48 -4.35
C VAL A 91 5.47 2.23 -3.26
N LYS A 92 4.16 2.39 -3.44
CA LYS A 92 3.33 3.09 -2.47
C LYS A 92 2.03 2.35 -2.25
N VAL A 93 1.42 2.57 -1.09
CA VAL A 93 0.16 1.91 -0.74
C VAL A 93 -0.71 2.82 0.13
N LEU A 94 -2.03 2.72 -0.04
CA LEU A 94 -2.96 3.52 0.73
C LEU A 94 -4.28 2.78 0.93
N ALA A 95 -5.13 3.31 1.81
CA ALA A 95 -6.41 2.70 2.09
C ALA A 95 -7.55 3.64 1.74
N PHE A 96 -8.64 3.08 1.21
CA PHE A 96 -9.79 3.89 0.82
C PHE A 96 -11.10 3.13 1.10
N THR A 97 -12.14 3.86 1.47
CA THR A 97 -13.44 3.26 1.77
C THR A 97 -14.53 3.86 0.90
N SER A 98 -15.75 3.40 1.09
CA SER A 98 -16.89 3.89 0.33
C SER A 98 -17.06 5.40 0.52
N ILE A 99 -16.59 5.90 1.66
CA ILE A 99 -16.68 7.32 1.95
C ILE A 99 -15.72 8.13 1.09
N GLY A 100 -14.44 7.81 1.19
CA GLY A 100 -13.43 8.51 0.41
C GLY A 100 -12.11 7.78 0.37
N ASP A 101 -11.03 8.53 0.16
CA ASP A 101 -9.69 7.94 0.10
C ASP A 101 -8.90 8.28 1.35
N GLY A 102 -7.80 7.56 1.56
CA GLY A 102 -6.96 7.80 2.73
C GLY A 102 -5.56 8.22 2.35
N PRO A 103 -4.78 8.65 3.36
CA PRO A 103 -3.40 9.11 3.15
C PRO A 103 -2.47 7.95 2.80
N LEU A 104 -1.53 8.22 1.90
CA LEU A 104 -0.56 7.21 1.47
C LEU A 104 0.41 6.86 2.61
N SER A 105 1.31 5.93 2.34
CA SER A 105 2.29 5.51 3.34
C SER A 105 3.68 6.04 2.99
N SER A 106 4.66 5.70 3.83
CA SER A 106 6.03 6.15 3.61
C SER A 106 6.59 5.57 2.32
N ASP A 107 6.85 6.45 1.35
CA ASP A 107 7.39 6.03 0.07
C ASP A 107 8.63 5.18 0.25
N ILE A 108 8.60 3.97 -0.31
CA ILE A 108 9.73 3.05 -0.20
C ILE A 108 10.38 2.81 -1.56
N GLN A 109 11.59 2.28 -1.56
CA GLN A 109 12.31 1.99 -2.80
C GLN A 109 13.00 0.64 -2.72
N VAL A 110 12.67 -0.24 -3.67
CA VAL A 110 13.27 -1.57 -3.71
C VAL A 110 13.93 -1.84 -5.07
N ILE A 111 15.15 -2.34 -5.03
CA ILE A 111 15.89 -2.64 -6.25
C ILE A 111 15.58 -4.05 -6.75
N THR A 112 15.45 -4.20 -8.06
CA THR A 112 15.16 -5.49 -8.67
C THR A 112 16.42 -6.36 -8.73
N GLN A 113 16.61 -7.18 -7.71
CA GLN A 113 17.77 -8.07 -7.66
C GLN A 113 17.43 -9.37 -6.95
N THR A 114 17.94 -10.48 -7.48
CA THR A 114 17.69 -11.79 -6.90
C THR A 114 18.51 -12.00 -5.63
N GLY A 115 17.93 -12.69 -4.65
CA GLY A 115 18.62 -12.94 -3.41
C GLY A 115 17.72 -12.83 -2.19
N SER A 116 17.78 -13.84 -1.32
CA SER A 116 16.95 -13.85 -0.12
C SER A 116 17.79 -14.14 1.12
N GLY A 117 17.14 -14.18 2.27
CA GLY A 117 17.85 -14.44 3.52
C GLY A 117 18.17 -13.17 4.28
N PRO A 118 18.57 -13.33 5.55
CA PRO A 118 18.92 -12.20 6.41
C PRO A 118 20.22 -11.52 5.98
N SER A 119 20.19 -10.19 5.90
CA SER A 119 21.36 -9.43 5.49
C SER A 119 22.49 -9.58 6.52
N SER A 120 23.72 -9.69 6.01
CA SER A 120 24.88 -9.85 6.88
C SER A 120 25.83 -8.67 6.73
N GLY A 121 26.78 -8.56 7.65
CA GLY A 121 27.75 -7.48 7.60
C GLY A 121 27.09 -6.11 7.71
N GLY A 1 -2.62 -2.63 25.80
CA GLY A 1 -3.94 -3.16 26.07
C GLY A 1 -4.82 -2.19 26.83
N SER A 2 -6.11 -2.48 26.88
CA SER A 2 -7.07 -1.62 27.58
C SER A 2 -7.07 -0.22 26.97
N SER A 3 -7.93 0.64 27.51
CA SER A 3 -8.04 2.02 27.02
C SER A 3 -7.19 2.96 27.86
N GLY A 4 -6.93 4.15 27.32
CA GLY A 4 -6.13 5.13 28.04
C GLY A 4 -6.79 6.49 28.08
N SER A 5 -8.11 6.51 27.96
CA SER A 5 -8.87 7.76 27.99
C SER A 5 -10.30 7.52 28.45
N SER A 6 -10.98 6.59 27.79
CA SER A 6 -12.37 6.27 28.13
C SER A 6 -13.24 7.51 28.07
N GLY A 7 -13.78 7.80 26.88
CA GLY A 7 -14.63 8.96 26.72
C GLY A 7 -15.28 9.01 25.36
N PRO A 8 -16.07 10.07 25.11
CA PRO A 8 -16.77 10.26 23.83
C PRO A 8 -15.82 10.58 22.69
N VAL A 9 -16.36 10.70 21.48
CA VAL A 9 -15.55 11.02 20.31
C VAL A 9 -16.10 12.24 19.59
N LEU A 10 -15.29 12.78 18.67
CA LEU A 10 -15.68 13.97 17.91
C LEU A 10 -15.52 13.73 16.41
N THR A 11 -16.44 14.28 15.62
CA THR A 11 -16.39 14.12 14.18
C THR A 11 -16.27 12.65 13.78
N GLN A 12 -16.98 11.79 14.50
CA GLN A 12 -16.96 10.36 14.23
C GLN A 12 -18.33 9.74 14.47
N THR A 13 -19.38 10.53 14.25
CA THR A 13 -20.75 10.06 14.45
C THR A 13 -21.09 8.95 13.46
N SER A 14 -20.48 8.99 12.29
CA SER A 14 -20.73 7.98 11.26
C SER A 14 -19.41 7.52 10.63
N GLU A 15 -19.49 6.46 9.83
CA GLU A 15 -18.31 5.91 9.17
C GLU A 15 -17.76 6.90 8.15
N GLN A 16 -16.49 7.27 8.30
CA GLN A 16 -15.85 8.20 7.38
C GLN A 16 -14.68 7.54 6.66
N ALA A 17 -13.99 8.32 5.84
CA ALA A 17 -12.85 7.81 5.08
C ALA A 17 -11.69 7.43 6.02
N PRO A 18 -10.79 6.58 5.52
CA PRO A 18 -9.62 6.13 6.29
C PRO A 18 -8.61 7.25 6.52
N SER A 19 -8.32 7.53 7.78
CA SER A 19 -7.37 8.58 8.13
C SER A 19 -6.10 7.98 8.74
N SER A 20 -5.67 6.85 8.19
CA SER A 20 -4.47 6.18 8.67
C SER A 20 -3.79 5.39 7.56
N ALA A 21 -2.50 5.63 7.37
CA ALA A 21 -1.73 4.94 6.34
C ALA A 21 -1.55 3.47 6.69
N PRO A 22 -1.34 2.64 5.65
CA PRO A 22 -1.15 1.20 5.81
C PRO A 22 0.18 0.86 6.47
N ARG A 23 0.20 -0.23 7.23
CA ARG A 23 1.41 -0.66 7.92
C ARG A 23 1.90 -2.00 7.38
N ASP A 24 3.03 -2.48 7.90
CA ASP A 24 3.59 -3.75 7.47
C ASP A 24 3.82 -3.75 5.96
N VAL A 25 4.01 -2.57 5.39
CA VAL A 25 4.24 -2.44 3.96
C VAL A 25 5.71 -2.68 3.61
N GLN A 26 6.00 -3.86 3.08
CA GLN A 26 7.36 -4.22 2.71
C GLN A 26 7.38 -5.01 1.41
N ALA A 27 8.38 -4.75 0.57
CA ALA A 27 8.51 -5.44 -0.71
C ALA A 27 9.71 -6.37 -0.70
N ARG A 28 9.47 -7.65 -0.98
CA ARG A 28 10.53 -8.64 -1.00
C ARG A 28 10.65 -9.27 -2.39
N MET A 29 11.87 -9.27 -2.93
CA MET A 29 12.12 -9.83 -4.25
C MET A 29 12.16 -11.36 -4.19
N LEU A 30 11.52 -12.00 -5.16
CA LEU A 30 11.49 -13.45 -5.22
C LEU A 30 12.18 -13.97 -6.47
N SER A 31 12.16 -13.16 -7.53
CA SER A 31 12.79 -13.54 -8.79
C SER A 31 13.55 -12.36 -9.38
N SER A 32 13.99 -12.52 -10.64
CA SER A 32 14.74 -11.47 -11.32
C SER A 32 13.81 -10.39 -11.84
N THR A 33 12.54 -10.75 -12.03
CA THR A 33 11.54 -9.80 -12.52
C THR A 33 10.19 -10.03 -11.86
N THR A 34 10.22 -10.45 -10.60
CA THR A 34 8.99 -10.71 -9.86
C THR A 34 9.12 -10.24 -8.41
N ILE A 35 8.26 -9.31 -8.02
CA ILE A 35 8.27 -8.77 -6.66
C ILE A 35 6.99 -9.14 -5.92
N LEU A 36 6.89 -8.69 -4.67
CA LEU A 36 5.72 -8.98 -3.84
C LEU A 36 5.53 -7.89 -2.80
N VAL A 37 4.37 -7.26 -2.81
CA VAL A 37 4.05 -6.21 -1.85
C VAL A 37 2.96 -6.64 -0.88
N GLN A 38 3.30 -6.69 0.40
CA GLN A 38 2.35 -7.09 1.42
C GLN A 38 2.23 -6.03 2.52
N TRP A 39 1.02 -5.84 3.02
CA TRP A 39 0.78 -4.85 4.06
C TRP A 39 -0.45 -5.22 4.89
N LYS A 40 -0.69 -4.49 5.96
CA LYS A 40 -1.83 -4.74 6.83
C LYS A 40 -2.83 -3.60 6.77
N GLU A 41 -3.99 -3.80 7.38
CA GLU A 41 -5.03 -2.78 7.40
C GLU A 41 -4.61 -1.58 8.23
N PRO A 42 -5.26 -0.43 7.99
CA PRO A 42 -4.97 0.81 8.72
C PRO A 42 -5.42 0.76 10.18
N GLU A 43 -5.05 1.77 10.94
CA GLU A 43 -5.41 1.83 12.36
C GLU A 43 -6.73 2.56 12.55
N GLU A 44 -7.07 3.44 11.61
CA GLU A 44 -8.31 4.20 11.67
C GLU A 44 -9.12 4.04 10.39
N PRO A 45 -9.72 2.86 10.21
CA PRO A 45 -10.54 2.55 9.04
C PRO A 45 -11.75 3.47 8.92
N ASN A 46 -12.54 3.54 9.98
CA ASN A 46 -13.73 4.39 9.99
C ASN A 46 -14.74 3.90 8.96
N GLY A 47 -14.69 2.62 8.64
CA GLY A 47 -15.60 2.06 7.67
C GLY A 47 -15.11 0.75 7.09
N GLN A 48 -15.98 0.04 6.39
CA GLN A 48 -15.62 -1.25 5.79
C GLN A 48 -14.75 -1.03 4.55
N ILE A 49 -13.47 -1.35 4.68
CA ILE A 49 -12.53 -1.20 3.57
C ILE A 49 -13.02 -1.94 2.34
N GLN A 50 -12.93 -1.27 1.18
CA GLN A 50 -13.36 -1.87 -0.07
C GLN A 50 -12.16 -2.36 -0.89
N GLY A 51 -11.00 -1.74 -0.65
CA GLY A 51 -9.81 -2.12 -1.37
C GLY A 51 -8.65 -1.17 -1.11
N TYR A 52 -7.64 -1.23 -1.96
CA TYR A 52 -6.46 -0.37 -1.82
C TYR A 52 -5.89 -0.02 -3.18
N ARG A 53 -4.87 0.84 -3.18
CA ARG A 53 -4.23 1.27 -4.42
C ARG A 53 -2.71 1.27 -4.27
N VAL A 54 -2.02 0.63 -5.22
CA VAL A 54 -0.58 0.56 -5.19
C VAL A 54 0.03 1.27 -6.39
N TYR A 55 0.90 2.25 -6.11
CA TYR A 55 1.55 3.01 -7.16
C TYR A 55 3.00 2.59 -7.33
N TYR A 56 3.33 2.10 -8.52
CA TYR A 56 4.69 1.66 -8.82
C TYR A 56 5.08 2.01 -10.25
N THR A 57 6.26 2.59 -10.41
CA THR A 57 6.76 2.98 -11.73
C THR A 57 8.26 3.19 -11.71
N MET A 58 8.91 2.88 -12.82
CA MET A 58 10.35 3.03 -12.94
C MET A 58 10.75 4.50 -12.87
N ASP A 59 9.81 5.38 -13.24
CA ASP A 59 10.07 6.82 -13.23
C ASP A 59 9.21 7.50 -12.17
N PRO A 60 9.60 7.36 -10.89
CA PRO A 60 8.88 7.95 -9.76
C PRO A 60 9.01 9.47 -9.73
N THR A 61 9.88 10.00 -10.59
CA THR A 61 10.09 11.44 -10.66
C THR A 61 8.84 12.17 -11.13
N GLN A 62 7.89 11.41 -11.67
CA GLN A 62 6.65 11.99 -12.17
C GLN A 62 5.57 11.94 -11.09
N HIS A 63 4.40 12.50 -11.40
CA HIS A 63 3.29 12.53 -10.47
C HIS A 63 2.72 11.13 -10.26
N VAL A 64 2.31 10.83 -9.03
CA VAL A 64 1.74 9.53 -8.70
C VAL A 64 0.58 9.19 -9.63
N ASN A 65 -0.18 10.21 -10.00
CA ASN A 65 -1.33 10.02 -10.89
C ASN A 65 -0.88 9.55 -12.27
N ASN A 66 0.37 9.84 -12.60
CA ASN A 66 0.92 9.45 -13.89
C ASN A 66 1.55 8.06 -13.82
N TRP A 67 1.93 7.65 -12.62
CA TRP A 67 2.54 6.34 -12.40
C TRP A 67 1.70 5.24 -13.03
N MET A 68 2.25 4.04 -13.11
CA MET A 68 1.56 2.90 -13.68
C MET A 68 0.35 2.53 -12.84
N LYS A 69 0.52 2.52 -11.52
CA LYS A 69 -0.56 2.19 -10.61
C LYS A 69 -1.00 0.74 -10.79
N HIS A 70 -1.66 0.19 -9.78
CA HIS A 70 -2.14 -1.18 -9.84
C HIS A 70 -3.57 -1.29 -9.31
N ASN A 71 -4.08 -2.51 -9.22
CA ASN A 71 -5.44 -2.74 -8.74
C ASN A 71 -5.44 -3.72 -7.56
N VAL A 72 -6.32 -3.46 -6.59
CA VAL A 72 -6.43 -4.31 -5.42
C VAL A 72 -7.87 -4.47 -4.99
N ALA A 73 -8.22 -5.66 -4.49
CA ALA A 73 -9.58 -5.94 -4.04
C ALA A 73 -9.57 -6.58 -2.65
N ASP A 74 -9.17 -5.80 -1.65
CA ASP A 74 -9.11 -6.30 -0.28
C ASP A 74 -8.33 -7.60 -0.20
N SER A 75 -7.07 -7.55 -0.61
CA SER A 75 -6.21 -8.74 -0.59
C SER A 75 -5.04 -8.53 0.37
N GLN A 76 -4.66 -7.28 0.59
CA GLN A 76 -3.55 -6.95 1.48
C GLN A 76 -2.24 -7.53 0.96
N ILE A 77 -2.23 -7.87 -0.33
CA ILE A 77 -1.04 -8.44 -0.96
C ILE A 77 -1.16 -8.41 -2.47
N THR A 78 -0.08 -8.00 -3.14
CA THR A 78 -0.05 -7.93 -4.59
C THR A 78 1.30 -8.35 -5.14
N THR A 79 1.29 -9.05 -6.27
CA THR A 79 2.51 -9.51 -6.90
C THR A 79 2.69 -8.88 -8.28
N ILE A 80 3.77 -8.13 -8.45
CA ILE A 80 4.06 -7.47 -9.71
C ILE A 80 5.28 -8.10 -10.39
N GLY A 81 5.19 -8.27 -11.71
CA GLY A 81 6.29 -8.86 -12.45
C GLY A 81 6.49 -8.19 -13.81
N ASN A 82 7.26 -8.84 -14.67
CA ASN A 82 7.53 -8.31 -16.00
C ASN A 82 8.30 -6.99 -15.91
N LEU A 83 9.06 -6.84 -14.83
CA LEU A 83 9.85 -5.62 -14.63
C LEU A 83 11.27 -5.81 -15.15
N VAL A 84 12.11 -4.80 -14.92
CA VAL A 84 13.51 -4.85 -15.36
C VAL A 84 14.45 -4.94 -14.16
N PRO A 85 15.42 -5.85 -14.25
CA PRO A 85 16.41 -6.06 -13.19
C PRO A 85 17.40 -4.89 -13.09
N GLN A 86 18.05 -4.78 -11.93
CA GLN A 86 19.01 -3.71 -11.70
C GLN A 86 18.41 -2.35 -12.02
N LYS A 87 17.26 -2.07 -11.42
CA LYS A 87 16.57 -0.80 -11.63
C LYS A 87 15.71 -0.43 -10.42
N THR A 88 15.94 0.76 -9.88
CA THR A 88 15.19 1.23 -8.73
C THR A 88 13.70 1.39 -9.06
N TYR A 89 12.85 0.90 -8.17
CA TYR A 89 11.41 0.99 -8.37
C TYR A 89 10.71 1.52 -7.11
N SER A 90 9.82 2.49 -7.30
CA SER A 90 9.10 3.08 -6.18
C SER A 90 7.81 2.30 -5.90
N VAL A 91 7.34 2.40 -4.66
CA VAL A 91 6.11 1.70 -4.25
C VAL A 91 5.37 2.48 -3.18
N LYS A 92 4.08 2.71 -3.42
CA LYS A 92 3.26 3.44 -2.46
C LYS A 92 1.88 2.78 -2.32
N VAL A 93 1.49 2.51 -1.08
CA VAL A 93 0.20 1.89 -0.81
C VAL A 93 -0.64 2.75 0.11
N LEU A 94 -1.96 2.69 -0.08
CA LEU A 94 -2.89 3.47 0.74
C LEU A 94 -4.20 2.73 0.93
N ALA A 95 -5.04 3.24 1.84
CA ALA A 95 -6.33 2.63 2.11
C ALA A 95 -7.47 3.59 1.79
N PHE A 96 -8.53 3.07 1.19
CA PHE A 96 -9.68 3.89 0.83
C PHE A 96 -10.99 3.12 1.07
N THR A 97 -12.03 3.85 1.45
CA THR A 97 -13.33 3.25 1.71
C THR A 97 -14.42 3.90 0.86
N SER A 98 -15.65 3.42 1.03
CA SER A 98 -16.78 3.96 0.28
C SER A 98 -16.94 5.45 0.53
N ILE A 99 -16.47 5.91 1.69
CA ILE A 99 -16.57 7.32 2.05
C ILE A 99 -15.60 8.16 1.21
N GLY A 100 -14.32 7.85 1.30
CA GLY A 100 -13.32 8.57 0.55
C GLY A 100 -12.00 7.84 0.46
N ASP A 101 -10.92 8.58 0.28
CA ASP A 101 -9.59 7.99 0.19
C ASP A 101 -8.77 8.28 1.43
N GLY A 102 -7.72 7.48 1.65
CA GLY A 102 -6.87 7.67 2.81
C GLY A 102 -5.47 8.11 2.45
N PRO A 103 -4.70 8.55 3.45
CA PRO A 103 -3.32 9.00 3.24
C PRO A 103 -2.38 7.86 2.88
N LEU A 104 -1.50 8.12 1.92
CA LEU A 104 -0.54 7.11 1.48
C LEU A 104 0.44 6.76 2.60
N SER A 105 1.27 5.75 2.35
CA SER A 105 2.25 5.32 3.35
C SER A 105 3.63 5.89 3.03
N SER A 106 4.60 5.55 3.87
CA SER A 106 5.97 6.04 3.68
C SER A 106 6.54 5.56 2.35
N ASP A 107 6.97 6.52 1.52
CA ASP A 107 7.53 6.21 0.21
C ASP A 107 8.68 5.21 0.34
N ILE A 108 8.44 3.98 -0.13
CA ILE A 108 9.45 2.94 -0.06
C ILE A 108 10.01 2.62 -1.45
N GLN A 109 11.25 2.14 -1.49
CA GLN A 109 11.89 1.79 -2.75
C GLN A 109 12.59 0.43 -2.66
N VAL A 110 12.55 -0.31 -3.75
CA VAL A 110 13.18 -1.63 -3.80
C VAL A 110 13.87 -1.87 -5.14
N ILE A 111 15.11 -2.34 -5.08
CA ILE A 111 15.87 -2.62 -6.29
C ILE A 111 15.66 -4.05 -6.77
N THR A 112 15.45 -4.20 -8.07
CA THR A 112 15.21 -5.52 -8.66
C THR A 112 16.51 -6.33 -8.69
N GLN A 113 16.72 -7.13 -7.64
CA GLN A 113 17.92 -7.96 -7.55
C GLN A 113 17.60 -9.29 -6.88
N THR A 114 18.12 -10.37 -7.46
CA THR A 114 17.89 -11.70 -6.92
C THR A 114 18.83 -11.99 -5.76
N GLY A 115 20.07 -11.52 -5.86
CA GLY A 115 21.04 -11.73 -4.81
C GLY A 115 22.10 -10.65 -4.76
N SER A 116 23.27 -10.99 -4.25
CA SER A 116 24.36 -10.03 -4.15
C SER A 116 25.16 -9.96 -5.44
N GLY A 117 26.11 -9.04 -5.50
CA GLY A 117 26.93 -8.89 -6.69
C GLY A 117 28.40 -8.76 -6.38
N PRO A 118 29.01 -9.86 -5.88
CA PRO A 118 30.43 -9.89 -5.53
C PRO A 118 31.33 -9.83 -6.76
N SER A 119 31.74 -8.62 -7.12
CA SER A 119 32.59 -8.41 -8.27
C SER A 119 33.89 -7.71 -7.87
N SER A 120 34.72 -7.41 -8.86
CA SER A 120 36.00 -6.74 -8.60
C SER A 120 36.90 -7.61 -7.72
N GLY A 121 38.12 -7.15 -7.51
CA GLY A 121 39.06 -7.89 -6.69
C GLY A 121 40.14 -8.57 -7.50
N GLY A 1 3.21 -4.11 29.34
CA GLY A 1 1.87 -3.60 29.15
C GLY A 1 1.67 -3.04 27.76
N SER A 2 1.62 -1.71 27.66
CA SER A 2 1.42 -1.04 26.38
C SER A 2 0.15 -1.54 25.70
N SER A 3 -0.93 -1.61 26.45
CA SER A 3 -2.20 -2.08 25.93
C SER A 3 -3.35 -1.17 26.38
N GLY A 4 -3.60 -0.12 25.61
CA GLY A 4 -4.66 0.82 25.95
C GLY A 4 -4.37 1.60 27.22
N SER A 5 -4.67 2.89 27.19
CA SER A 5 -4.43 3.76 28.35
C SER A 5 -5.21 5.07 28.21
N SER A 6 -5.71 5.56 29.34
CA SER A 6 -6.47 6.80 29.35
C SER A 6 -7.64 6.73 28.37
N GLY A 7 -8.32 7.86 28.18
CA GLY A 7 -9.44 7.90 27.27
C GLY A 7 -9.68 9.29 26.70
N PRO A 8 -8.83 9.69 25.75
CA PRO A 8 -8.93 11.01 25.10
C PRO A 8 -10.15 11.12 24.20
N VAL A 9 -10.72 12.31 24.14
CA VAL A 9 -11.90 12.56 23.31
C VAL A 9 -11.58 12.36 21.84
N LEU A 10 -12.52 11.76 21.11
CA LEU A 10 -12.35 11.51 19.69
C LEU A 10 -13.68 11.62 18.95
N THR A 11 -13.61 11.88 17.65
CA THR A 11 -14.81 12.02 16.82
C THR A 11 -15.07 10.74 16.02
N GLN A 12 -16.16 10.07 16.33
CA GLN A 12 -16.52 8.84 15.63
C GLN A 12 -17.95 8.91 15.09
N THR A 13 -18.31 10.07 14.56
CA THR A 13 -19.65 10.27 14.01
C THR A 13 -19.79 9.57 12.66
N SER A 14 -20.51 8.44 12.67
CA SER A 14 -20.73 7.68 11.45
C SER A 14 -19.40 7.20 10.86
N GLU A 15 -19.48 6.40 9.81
CA GLU A 15 -18.29 5.88 9.15
C GLU A 15 -17.77 6.87 8.11
N GLN A 16 -16.51 7.27 8.26
CA GLN A 16 -15.89 8.21 7.34
C GLN A 16 -14.72 7.57 6.61
N ALA A 17 -14.05 8.36 5.77
CA ALA A 17 -12.90 7.87 5.02
C ALA A 17 -11.74 7.52 5.94
N PRO A 18 -10.81 6.69 5.45
CA PRO A 18 -9.64 6.25 6.21
C PRO A 18 -8.64 7.39 6.43
N SER A 19 -8.35 7.68 7.69
CA SER A 19 -7.41 8.74 8.03
C SER A 19 -6.14 8.17 8.62
N SER A 20 -5.68 7.05 8.07
CA SER A 20 -4.47 6.39 8.55
C SER A 20 -3.80 5.58 7.44
N ALA A 21 -2.52 5.82 7.22
CA ALA A 21 -1.77 5.11 6.19
C ALA A 21 -1.57 3.64 6.56
N PRO A 22 -1.38 2.79 5.54
CA PRO A 22 -1.18 1.35 5.75
C PRO A 22 0.17 1.04 6.39
N ARG A 23 0.23 -0.07 7.13
CA ARG A 23 1.45 -0.47 7.79
C ARG A 23 1.93 -1.84 7.28
N ASP A 24 3.04 -2.32 7.83
CA ASP A 24 3.60 -3.59 7.42
C ASP A 24 3.85 -3.63 5.91
N VAL A 25 4.05 -2.45 5.33
CA VAL A 25 4.30 -2.35 3.90
C VAL A 25 5.77 -2.62 3.57
N GLN A 26 6.03 -3.80 3.02
CA GLN A 26 7.39 -4.19 2.66
C GLN A 26 7.41 -4.96 1.35
N ALA A 27 8.42 -4.69 0.53
CA ALA A 27 8.56 -5.36 -0.76
C ALA A 27 9.73 -6.34 -0.74
N ARG A 28 9.43 -7.60 -1.03
CA ARG A 28 10.45 -8.64 -1.06
C ARG A 28 10.56 -9.28 -2.44
N MET A 29 11.77 -9.28 -2.99
CA MET A 29 12.01 -9.86 -4.30
C MET A 29 12.01 -11.38 -4.24
N LEU A 30 11.37 -12.02 -5.22
CA LEU A 30 11.30 -13.47 -5.28
C LEU A 30 11.98 -14.00 -6.54
N SER A 31 11.97 -13.19 -7.59
CA SER A 31 12.59 -13.58 -8.85
C SER A 31 13.38 -12.41 -9.45
N SER A 32 13.80 -12.58 -10.70
CA SER A 32 14.57 -11.55 -11.39
C SER A 32 13.65 -10.44 -11.90
N THR A 33 12.38 -10.77 -12.08
CA THR A 33 11.40 -9.82 -12.58
C THR A 33 10.05 -10.02 -11.90
N THR A 34 10.08 -10.45 -10.65
CA THR A 34 8.85 -10.68 -9.89
C THR A 34 9.01 -10.23 -8.45
N ILE A 35 8.18 -9.28 -8.03
CA ILE A 35 8.23 -8.77 -6.67
C ILE A 35 6.97 -9.14 -5.89
N LEU A 36 6.91 -8.73 -4.63
CA LEU A 36 5.76 -9.02 -3.78
C LEU A 36 5.53 -7.90 -2.77
N VAL A 37 4.34 -7.31 -2.82
CA VAL A 37 3.98 -6.23 -1.90
C VAL A 37 2.93 -6.68 -0.89
N GLN A 38 3.29 -6.65 0.39
CA GLN A 38 2.39 -7.05 1.45
C GLN A 38 2.26 -5.95 2.51
N TRP A 39 1.05 -5.75 2.99
CA TRP A 39 0.79 -4.74 4.01
C TRP A 39 -0.41 -5.12 4.87
N LYS A 40 -0.62 -4.36 5.95
CA LYS A 40 -1.74 -4.62 6.85
C LYS A 40 -2.77 -3.49 6.78
N GLU A 41 -3.90 -3.69 7.44
CA GLU A 41 -4.96 -2.69 7.45
C GLU A 41 -4.53 -1.45 8.25
N PRO A 42 -5.21 -0.32 7.98
CA PRO A 42 -4.91 0.95 8.64
C PRO A 42 -5.31 0.93 10.12
N GLU A 43 -4.94 1.99 10.84
CA GLU A 43 -5.26 2.10 12.26
C GLU A 43 -6.59 2.81 12.46
N GLU A 44 -6.96 3.64 11.50
CA GLU A 44 -8.21 4.39 11.58
C GLU A 44 -9.04 4.21 10.30
N PRO A 45 -9.63 3.01 10.14
CA PRO A 45 -10.44 2.69 8.97
C PRO A 45 -11.67 3.58 8.85
N ASN A 46 -12.45 3.65 9.93
CA ASN A 46 -13.66 4.47 9.95
C ASN A 46 -14.68 3.96 8.93
N GLY A 47 -14.59 2.67 8.59
CA GLY A 47 -15.50 2.08 7.64
C GLY A 47 -14.98 0.79 7.06
N GLN A 48 -15.85 0.06 6.35
CA GLN A 48 -15.48 -1.20 5.75
C GLN A 48 -14.59 -0.99 4.53
N ILE A 49 -13.35 -1.47 4.63
CA ILE A 49 -12.39 -1.33 3.53
C ILE A 49 -12.81 -2.16 2.33
N GLN A 50 -13.05 -1.49 1.20
CA GLN A 50 -13.46 -2.17 -0.02
C GLN A 50 -12.24 -2.64 -0.81
N GLY A 51 -11.11 -1.97 -0.61
CA GLY A 51 -9.89 -2.34 -1.30
C GLY A 51 -8.76 -1.36 -1.07
N TYR A 52 -7.75 -1.41 -1.93
CA TYR A 52 -6.61 -0.52 -1.81
C TYR A 52 -6.05 -0.14 -3.17
N ARG A 53 -5.02 0.69 -3.19
CA ARG A 53 -4.40 1.13 -4.43
C ARG A 53 -2.88 1.18 -4.30
N VAL A 54 -2.18 0.63 -5.28
CA VAL A 54 -0.73 0.62 -5.27
C VAL A 54 -0.16 1.45 -6.42
N TYR A 55 0.97 2.11 -6.16
CA TYR A 55 1.61 2.94 -7.16
C TYR A 55 3.09 2.60 -7.29
N TYR A 56 3.49 2.12 -8.46
CA TYR A 56 4.87 1.74 -8.69
C TYR A 56 5.31 2.17 -10.10
N THR A 57 6.46 2.83 -10.19
CA THR A 57 6.99 3.29 -11.46
C THR A 57 8.48 3.59 -11.36
N MET A 58 9.22 3.19 -12.39
CA MET A 58 10.66 3.42 -12.43
C MET A 58 10.98 4.91 -12.34
N ASP A 59 10.04 5.73 -12.76
CA ASP A 59 10.22 7.19 -12.73
C ASP A 59 9.25 7.82 -11.74
N PRO A 60 9.56 7.69 -10.44
CA PRO A 60 8.73 8.26 -9.37
C PRO A 60 8.79 9.78 -9.33
N THR A 61 9.70 10.35 -10.11
CA THR A 61 9.87 11.80 -10.17
C THR A 61 8.58 12.49 -10.62
N GLN A 62 7.70 11.72 -11.27
CA GLN A 62 6.44 12.26 -11.75
C GLN A 62 5.34 12.11 -10.69
N HIS A 63 4.20 12.72 -10.95
CA HIS A 63 3.07 12.66 -10.02
C HIS A 63 2.54 11.23 -9.91
N VAL A 64 2.13 10.84 -8.70
CA VAL A 64 1.59 9.51 -8.48
C VAL A 64 0.41 9.23 -9.39
N ASN A 65 -0.31 10.28 -9.77
CA ASN A 65 -1.47 10.15 -10.64
C ASN A 65 -1.05 9.77 -12.05
N ASN A 66 0.25 9.86 -12.32
CA ASN A 66 0.79 9.52 -13.63
C ASN A 66 1.49 8.17 -13.60
N TRP A 67 1.86 7.73 -12.40
CA TRP A 67 2.55 6.45 -12.24
C TRP A 67 1.77 5.33 -12.91
N MET A 68 2.37 4.13 -12.94
CA MET A 68 1.73 2.98 -13.55
C MET A 68 0.49 2.56 -12.76
N LYS A 69 0.59 2.61 -11.45
CA LYS A 69 -0.52 2.23 -10.57
C LYS A 69 -0.86 0.75 -10.74
N HIS A 70 -1.59 0.21 -9.77
CA HIS A 70 -1.99 -1.19 -9.82
C HIS A 70 -3.42 -1.37 -9.32
N ASN A 71 -3.86 -2.61 -9.21
CA ASN A 71 -5.21 -2.91 -8.76
C ASN A 71 -5.19 -3.82 -7.53
N VAL A 72 -6.21 -3.69 -6.69
CA VAL A 72 -6.31 -4.51 -5.48
C VAL A 72 -7.76 -4.75 -5.10
N ALA A 73 -8.04 -5.94 -4.58
CA ALA A 73 -9.39 -6.31 -4.18
C ALA A 73 -9.43 -6.77 -2.72
N ASP A 74 -8.99 -5.91 -1.82
CA ASP A 74 -8.96 -6.23 -0.40
C ASP A 74 -8.25 -7.55 -0.16
N SER A 75 -6.99 -7.62 -0.56
CA SER A 75 -6.19 -8.83 -0.39
C SER A 75 -5.01 -8.58 0.55
N GLN A 76 -4.64 -7.31 0.70
CA GLN A 76 -3.53 -6.94 1.56
C GLN A 76 -2.21 -7.54 1.05
N ILE A 77 -2.21 -7.98 -0.20
CA ILE A 77 -1.03 -8.58 -0.79
C ILE A 77 -1.16 -8.67 -2.31
N THR A 78 -0.11 -8.30 -3.02
CA THR A 78 -0.11 -8.34 -4.48
C THR A 78 1.28 -8.64 -5.03
N THR A 79 1.33 -9.33 -6.16
CA THR A 79 2.60 -9.68 -6.79
C THR A 79 2.73 -9.04 -8.17
N ILE A 80 3.72 -8.18 -8.32
CA ILE A 80 3.95 -7.51 -9.59
C ILE A 80 5.15 -8.12 -10.34
N GLY A 81 5.04 -8.18 -11.65
CA GLY A 81 6.12 -8.73 -12.46
C GLY A 81 6.30 -8.02 -13.78
N ASN A 82 7.04 -8.64 -14.70
CA ASN A 82 7.28 -8.05 -16.01
C ASN A 82 8.06 -6.75 -15.88
N LEU A 83 8.99 -6.72 -14.95
CA LEU A 83 9.82 -5.52 -14.73
C LEU A 83 11.25 -5.75 -15.23
N VAL A 84 12.10 -4.77 -14.99
CA VAL A 84 13.50 -4.85 -15.42
C VAL A 84 14.43 -4.98 -14.23
N PRO A 85 15.38 -5.92 -14.32
CA PRO A 85 16.35 -6.17 -13.25
C PRO A 85 17.37 -5.04 -13.12
N GLN A 86 18.02 -4.96 -11.97
CA GLN A 86 19.02 -3.92 -11.72
C GLN A 86 18.45 -2.53 -12.04
N LYS A 87 17.31 -2.22 -11.43
CA LYS A 87 16.66 -0.92 -11.65
C LYS A 87 15.81 -0.54 -10.45
N THR A 88 16.07 0.65 -9.90
CA THR A 88 15.33 1.13 -8.74
C THR A 88 13.85 1.30 -9.07
N TYR A 89 12.99 0.82 -8.17
CA TYR A 89 11.55 0.91 -8.37
C TYR A 89 10.86 1.41 -7.10
N SER A 90 10.01 2.41 -7.27
CA SER A 90 9.29 2.98 -6.13
C SER A 90 7.98 2.23 -5.89
N VAL A 91 7.54 2.22 -4.63
CA VAL A 91 6.31 1.53 -4.25
C VAL A 91 5.50 2.36 -3.27
N LYS A 92 4.17 2.30 -3.39
CA LYS A 92 3.29 3.04 -2.51
C LYS A 92 1.98 2.29 -2.30
N VAL A 93 1.37 2.48 -1.14
CA VAL A 93 0.11 1.82 -0.82
C VAL A 93 -0.77 2.71 0.06
N LEU A 94 -2.08 2.64 -0.15
CA LEU A 94 -3.02 3.44 0.63
C LEU A 94 -4.33 2.68 0.84
N ALA A 95 -5.17 3.20 1.74
CA ALA A 95 -6.45 2.57 2.03
C ALA A 95 -7.61 3.50 1.71
N PHE A 96 -8.67 2.95 1.14
CA PHE A 96 -9.84 3.73 0.78
C PHE A 96 -11.13 2.95 1.05
N THR A 97 -12.20 3.67 1.35
CA THR A 97 -13.49 3.04 1.63
C THR A 97 -14.60 3.70 0.82
N SER A 98 -15.83 3.24 1.04
CA SER A 98 -16.98 3.78 0.32
C SER A 98 -17.11 5.28 0.54
N ILE A 99 -16.59 5.76 1.67
CA ILE A 99 -16.65 7.17 2.01
C ILE A 99 -15.70 7.98 1.12
N GLY A 100 -14.40 7.70 1.25
CA GLY A 100 -13.41 8.41 0.46
C GLY A 100 -12.07 7.72 0.46
N ASP A 101 -11.01 8.48 0.20
CA ASP A 101 -9.66 7.94 0.16
C ASP A 101 -8.88 8.34 1.42
N GLY A 102 -7.77 7.65 1.66
CA GLY A 102 -6.95 7.95 2.82
C GLY A 102 -5.53 8.30 2.45
N PRO A 103 -4.73 8.68 3.46
CA PRO A 103 -3.33 9.05 3.26
C PRO A 103 -2.45 7.87 2.89
N LEU A 104 -1.47 8.11 2.04
CA LEU A 104 -0.56 7.05 1.60
C LEU A 104 0.48 6.76 2.67
N SER A 105 1.26 5.70 2.46
CA SER A 105 2.30 5.30 3.40
C SER A 105 3.63 5.97 3.07
N SER A 106 4.67 5.61 3.81
CA SER A 106 6.00 6.17 3.58
C SER A 106 6.59 5.66 2.27
N ASP A 107 7.01 6.60 1.43
CA ASP A 107 7.59 6.24 0.13
C ASP A 107 8.72 5.23 0.30
N ILE A 108 8.55 4.05 -0.29
CA ILE A 108 9.55 3.01 -0.21
C ILE A 108 10.06 2.60 -1.59
N GLN A 109 11.32 2.22 -1.66
CA GLN A 109 11.92 1.81 -2.92
C GLN A 109 12.63 0.47 -2.78
N VAL A 110 12.55 -0.35 -3.84
CA VAL A 110 13.18 -1.66 -3.83
C VAL A 110 13.87 -1.95 -5.16
N ILE A 111 15.11 -2.41 -5.10
CA ILE A 111 15.87 -2.73 -6.29
C ILE A 111 15.56 -4.14 -6.78
N THR A 112 15.41 -4.27 -8.10
CA THR A 112 15.11 -5.56 -8.71
C THR A 112 16.35 -6.45 -8.76
N GLN A 113 16.56 -7.24 -7.72
CA GLN A 113 17.72 -8.13 -7.66
C GLN A 113 17.37 -9.44 -6.97
N THR A 114 18.00 -10.52 -7.40
CA THR A 114 17.75 -11.84 -6.81
C THR A 114 18.59 -12.05 -5.55
N GLY A 115 19.88 -11.77 -5.66
CA GLY A 115 20.77 -11.93 -4.53
C GLY A 115 22.04 -12.68 -4.89
N SER A 116 22.65 -13.31 -3.90
CA SER A 116 23.89 -14.07 -4.11
C SER A 116 23.58 -15.54 -4.39
N GLY A 117 24.27 -16.10 -5.38
CA GLY A 117 24.07 -17.49 -5.74
C GLY A 117 24.61 -17.83 -7.11
N PRO A 118 24.61 -19.13 -7.45
CA PRO A 118 25.11 -19.61 -8.74
C PRO A 118 24.20 -19.21 -9.89
N SER A 119 24.72 -18.40 -10.80
CA SER A 119 23.95 -17.95 -11.95
C SER A 119 24.21 -18.82 -13.17
N SER A 120 23.16 -19.16 -13.90
CA SER A 120 23.28 -19.99 -15.09
C SER A 120 23.80 -21.38 -14.73
N GLY A 121 23.72 -22.31 -15.67
CA GLY A 121 24.18 -23.66 -15.44
C GLY A 121 24.51 -24.40 -16.72
N GLY A 1 -35.86 39.37 11.61
CA GLY A 1 -35.99 38.16 10.81
C GLY A 1 -35.47 36.93 11.53
N SER A 2 -35.99 35.76 11.15
CA SER A 2 -35.59 34.51 11.77
C SER A 2 -35.97 33.32 10.89
N SER A 3 -35.06 32.93 9.99
CA SER A 3 -35.31 31.82 9.09
C SER A 3 -34.34 30.67 9.38
N GLY A 4 -34.45 29.61 8.58
CA GLY A 4 -33.58 28.46 8.76
C GLY A 4 -34.30 27.15 8.55
N SER A 5 -33.62 26.19 7.93
CA SER A 5 -34.20 24.88 7.67
C SER A 5 -33.13 23.87 7.27
N SER A 6 -32.55 23.19 8.25
CA SER A 6 -31.51 22.21 8.02
C SER A 6 -32.09 20.80 7.97
N GLY A 7 -31.39 19.90 7.30
CA GLY A 7 -31.86 18.52 7.20
C GLY A 7 -31.90 17.83 8.55
N PRO A 8 -32.53 16.65 8.58
CA PRO A 8 -32.66 15.85 9.81
C PRO A 8 -31.33 15.28 10.26
N VAL A 9 -30.98 15.50 11.53
CA VAL A 9 -29.73 14.99 12.09
C VAL A 9 -28.53 15.56 11.35
N LEU A 10 -27.91 16.59 11.94
CA LEU A 10 -26.74 17.22 11.32
C LEU A 10 -25.52 17.05 12.21
N THR A 11 -24.36 17.50 11.70
CA THR A 11 -23.12 17.40 12.45
C THR A 11 -22.87 15.97 12.93
N GLN A 12 -23.21 15.00 12.08
CA GLN A 12 -23.03 13.60 12.42
C GLN A 12 -21.70 13.07 11.87
N THR A 13 -20.96 12.37 12.72
CA THR A 13 -19.67 11.82 12.32
C THR A 13 -19.85 10.63 11.38
N SER A 14 -20.34 9.53 11.92
CA SER A 14 -20.55 8.32 11.12
C SER A 14 -19.25 7.84 10.48
N GLU A 15 -19.31 6.72 9.76
CA GLU A 15 -18.14 6.17 9.11
C GLU A 15 -17.59 7.13 8.06
N GLN A 16 -16.29 7.40 8.14
CA GLN A 16 -15.65 8.31 7.20
C GLN A 16 -14.47 7.62 6.50
N ALA A 17 -13.78 8.37 5.65
CA ALA A 17 -12.63 7.84 4.92
C ALA A 17 -11.49 7.51 5.88
N PRO A 18 -10.58 6.64 5.41
CA PRO A 18 -9.41 6.22 6.21
C PRO A 18 -8.40 7.34 6.40
N SER A 19 -8.12 7.68 7.65
CA SER A 19 -7.18 8.75 7.97
C SER A 19 -5.90 8.17 8.58
N SER A 20 -5.54 6.96 8.16
CA SER A 20 -4.35 6.30 8.67
C SER A 20 -3.67 5.49 7.56
N ALA A 21 -2.35 5.66 7.44
CA ALA A 21 -1.59 4.95 6.42
C ALA A 21 -1.49 3.46 6.75
N PRO A 22 -1.28 2.64 5.72
CA PRO A 22 -1.16 1.19 5.87
C PRO A 22 0.12 0.78 6.59
N ARG A 23 0.09 -0.39 7.22
CA ARG A 23 1.25 -0.90 7.93
C ARG A 23 1.77 -2.19 7.30
N ASP A 24 2.86 -2.72 7.84
CA ASP A 24 3.46 -3.95 7.34
C ASP A 24 3.70 -3.85 5.83
N VAL A 25 3.94 -2.64 5.35
CA VAL A 25 4.18 -2.41 3.94
C VAL A 25 5.65 -2.62 3.59
N GLN A 26 5.94 -3.78 3.00
CA GLN A 26 7.30 -4.12 2.62
C GLN A 26 7.32 -4.93 1.32
N ALA A 27 8.35 -4.70 0.51
CA ALA A 27 8.49 -5.42 -0.76
C ALA A 27 9.71 -6.33 -0.75
N ARG A 28 9.50 -7.61 -1.02
CA ARG A 28 10.58 -8.58 -1.04
C ARG A 28 10.72 -9.21 -2.42
N MET A 29 11.95 -9.24 -2.93
CA MET A 29 12.22 -9.81 -4.24
C MET A 29 12.28 -11.33 -4.17
N LEU A 30 11.64 -11.99 -5.12
CA LEU A 30 11.63 -13.45 -5.17
C LEU A 30 12.29 -13.97 -6.44
N SER A 31 12.25 -13.15 -7.49
CA SER A 31 12.84 -13.53 -8.77
C SER A 31 13.63 -12.36 -9.37
N SER A 32 14.03 -12.50 -10.63
CA SER A 32 14.78 -11.47 -11.31
C SER A 32 13.86 -10.37 -11.82
N THR A 33 12.59 -10.71 -12.00
CA THR A 33 11.61 -9.76 -12.49
C THR A 33 10.25 -9.98 -11.84
N THR A 34 10.26 -10.36 -10.57
CA THR A 34 9.02 -10.62 -9.83
C THR A 34 9.15 -10.13 -8.39
N ILE A 35 8.29 -9.20 -8.01
CA ILE A 35 8.29 -8.66 -6.66
C ILE A 35 6.98 -8.94 -5.94
N LEU A 36 7.02 -8.95 -4.61
CA LEU A 36 5.83 -9.21 -3.81
C LEU A 36 5.58 -8.08 -2.82
N VAL A 37 4.40 -7.47 -2.91
CA VAL A 37 4.04 -6.37 -2.02
C VAL A 37 2.93 -6.80 -1.06
N GLN A 38 3.22 -6.75 0.23
CA GLN A 38 2.25 -7.14 1.26
C GLN A 38 2.10 -6.03 2.30
N TRP A 39 0.89 -5.85 2.79
CA TRP A 39 0.61 -4.83 3.79
C TRP A 39 -0.56 -5.23 4.68
N LYS A 40 -0.85 -4.42 5.69
CA LYS A 40 -1.94 -4.70 6.61
C LYS A 40 -2.96 -3.57 6.61
N GLU A 41 -4.07 -3.78 7.31
CA GLU A 41 -5.12 -2.77 7.37
C GLU A 41 -4.68 -1.57 8.19
N PRO A 42 -5.33 -0.42 7.97
CA PRO A 42 -5.02 0.83 8.67
C PRO A 42 -5.41 0.78 10.14
N GLU A 43 -5.02 1.80 10.89
CA GLU A 43 -5.33 1.87 12.31
C GLU A 43 -6.65 2.61 12.54
N GLU A 44 -6.98 3.51 11.62
CA GLU A 44 -8.22 4.28 11.72
C GLU A 44 -9.06 4.14 10.45
N PRO A 45 -9.68 2.96 10.27
CA PRO A 45 -10.51 2.68 9.10
C PRO A 45 -11.72 3.60 9.02
N ASN A 46 -12.49 3.66 10.11
CA ASN A 46 -13.68 4.50 10.16
C ASN A 46 -14.72 4.04 9.15
N GLY A 47 -14.66 2.75 8.80
CA GLY A 47 -15.61 2.20 7.84
C GLY A 47 -15.10 0.94 7.19
N GLN A 48 -15.83 0.44 6.20
CA GLN A 48 -15.44 -0.78 5.49
C GLN A 48 -14.43 -0.47 4.40
N ILE A 49 -13.44 -1.35 4.27
CA ILE A 49 -12.40 -1.17 3.25
C ILE A 49 -12.77 -1.87 1.95
N GLN A 50 -13.04 -1.09 0.91
CA GLN A 50 -13.39 -1.64 -0.39
C GLN A 50 -12.17 -2.22 -1.10
N GLY A 51 -11.00 -1.71 -0.74
CA GLY A 51 -9.77 -2.18 -1.35
C GLY A 51 -8.59 -1.27 -1.09
N TYR A 52 -7.50 -1.47 -1.82
CA TYR A 52 -6.31 -0.66 -1.64
C TYR A 52 -5.67 -0.32 -2.99
N ARG A 53 -4.84 0.71 -3.00
CA ARG A 53 -4.17 1.14 -4.22
C ARG A 53 -2.65 1.12 -4.05
N VAL A 54 -1.96 0.54 -5.02
CA VAL A 54 -0.50 0.46 -4.97
C VAL A 54 0.13 1.25 -6.11
N TYR A 55 0.98 2.21 -5.76
CA TYR A 55 1.66 3.03 -6.75
C TYR A 55 3.09 2.56 -6.99
N TYR A 56 3.36 2.10 -8.21
CA TYR A 56 4.69 1.62 -8.56
C TYR A 56 5.02 1.94 -10.02
N THR A 57 6.19 2.51 -10.24
CA THR A 57 6.62 2.87 -11.59
C THR A 57 8.13 3.07 -11.65
N MET A 58 8.69 2.97 -12.85
CA MET A 58 10.13 3.13 -13.04
C MET A 58 10.49 4.59 -13.22
N ASP A 59 9.49 5.41 -13.53
CA ASP A 59 9.71 6.84 -13.73
C ASP A 59 9.02 7.65 -12.62
N PRO A 60 9.66 7.70 -11.45
CA PRO A 60 9.14 8.43 -10.30
C PRO A 60 9.20 9.94 -10.49
N THR A 61 9.85 10.37 -11.57
CA THR A 61 9.98 11.79 -11.88
C THR A 61 8.63 12.39 -12.26
N GLN A 62 7.65 11.53 -12.50
CA GLN A 62 6.32 11.98 -12.87
C GLN A 62 5.38 11.94 -11.67
N HIS A 63 4.24 12.62 -11.81
CA HIS A 63 3.25 12.67 -10.73
C HIS A 63 2.78 11.27 -10.36
N VAL A 64 2.63 11.03 -9.06
CA VAL A 64 2.19 9.74 -8.57
C VAL A 64 0.88 9.31 -9.23
N ASN A 65 0.04 10.29 -9.55
CA ASN A 65 -1.24 10.02 -10.19
C ASN A 65 -1.04 9.52 -11.62
N ASN A 66 0.10 9.87 -12.20
CA ASN A 66 0.42 9.46 -13.57
C ASN A 66 1.07 8.08 -13.58
N TRP A 67 1.58 7.66 -12.42
CA TRP A 67 2.22 6.36 -12.30
C TRP A 67 1.31 5.25 -12.79
N MET A 68 1.83 4.02 -12.81
CA MET A 68 1.07 2.87 -13.26
C MET A 68 -0.16 2.65 -12.37
N LYS A 69 0.09 2.52 -11.07
CA LYS A 69 -0.99 2.30 -10.11
C LYS A 69 -1.64 0.94 -10.32
N HIS A 70 -1.95 0.26 -9.23
CA HIS A 70 -2.59 -1.05 -9.30
C HIS A 70 -3.99 -1.00 -8.72
N ASN A 71 -4.64 -2.17 -8.63
CA ASN A 71 -5.99 -2.25 -8.11
C ASN A 71 -6.26 -3.63 -7.51
N VAL A 72 -6.44 -3.68 -6.19
CA VAL A 72 -6.70 -4.93 -5.51
C VAL A 72 -8.14 -4.99 -4.99
N ALA A 73 -8.60 -6.20 -4.68
CA ALA A 73 -9.96 -6.38 -4.17
C ALA A 73 -9.94 -7.04 -2.80
N ASP A 74 -9.46 -6.30 -1.79
CA ASP A 74 -9.39 -6.82 -0.43
C ASP A 74 -8.44 -8.01 -0.34
N SER A 75 -7.25 -7.86 -0.92
CA SER A 75 -6.25 -8.93 -0.91
C SER A 75 -5.13 -8.61 0.07
N GLN A 76 -4.81 -7.32 0.20
CA GLN A 76 -3.75 -6.89 1.10
C GLN A 76 -2.40 -7.44 0.67
N ILE A 77 -2.34 -7.90 -0.58
CA ILE A 77 -1.09 -8.46 -1.12
C ILE A 77 -1.17 -8.60 -2.64
N THR A 78 -0.11 -8.20 -3.32
CA THR A 78 -0.06 -8.27 -4.78
C THR A 78 1.37 -8.52 -5.26
N THR A 79 1.49 -9.23 -6.37
CA THR A 79 2.80 -9.54 -6.94
C THR A 79 2.96 -8.90 -8.32
N ILE A 80 3.93 -8.01 -8.44
CA ILE A 80 4.20 -7.33 -9.70
C ILE A 80 5.39 -7.95 -10.42
N GLY A 81 5.23 -8.20 -11.71
CA GLY A 81 6.30 -8.79 -12.49
C GLY A 81 6.50 -8.09 -13.82
N ASN A 82 7.25 -8.72 -14.72
CA ASN A 82 7.51 -8.14 -16.04
C ASN A 82 8.31 -6.84 -15.91
N LEU A 83 9.06 -6.72 -14.83
CA LEU A 83 9.86 -5.53 -14.58
C LEU A 83 11.28 -5.71 -15.12
N VAL A 84 12.14 -4.75 -14.82
CA VAL A 84 13.53 -4.80 -15.27
C VAL A 84 14.49 -4.88 -14.08
N PRO A 85 15.46 -5.81 -14.17
CA PRO A 85 16.45 -6.02 -13.11
C PRO A 85 17.43 -4.85 -13.01
N GLN A 86 18.08 -4.73 -11.86
CA GLN A 86 19.04 -3.66 -11.63
C GLN A 86 18.43 -2.29 -11.93
N LYS A 87 17.28 -2.03 -11.33
CA LYS A 87 16.59 -0.76 -11.53
C LYS A 87 15.72 -0.41 -10.31
N THR A 88 15.95 0.78 -9.76
CA THR A 88 15.20 1.24 -8.60
C THR A 88 13.72 1.42 -8.93
N TYR A 89 12.86 0.85 -8.09
CA TYR A 89 11.42 0.95 -8.30
C TYR A 89 10.72 1.51 -7.06
N SER A 90 9.79 2.43 -7.28
CA SER A 90 9.05 3.05 -6.18
C SER A 90 7.83 2.22 -5.81
N VAL A 91 7.39 2.34 -4.56
CA VAL A 91 6.23 1.60 -4.09
C VAL A 91 5.50 2.37 -3.00
N LYS A 92 4.18 2.48 -3.14
CA LYS A 92 3.37 3.21 -2.15
C LYS A 92 1.98 2.56 -2.02
N VAL A 93 1.58 2.30 -0.78
CA VAL A 93 0.28 1.68 -0.53
C VAL A 93 -0.60 2.61 0.31
N LEU A 94 -1.90 2.59 0.04
CA LEU A 94 -2.86 3.42 0.76
C LEU A 94 -4.17 2.67 0.97
N ALA A 95 -5.03 3.24 1.82
CA ALA A 95 -6.33 2.64 2.12
C ALA A 95 -7.47 3.58 1.73
N PHE A 96 -8.58 3.01 1.28
CA PHE A 96 -9.73 3.79 0.89
C PHE A 96 -11.02 3.03 1.14
N THR A 97 -12.06 3.74 1.57
CA THR A 97 -13.35 3.14 1.86
C THR A 97 -14.45 3.71 0.97
N SER A 98 -15.68 3.29 1.21
CA SER A 98 -16.82 3.78 0.43
C SER A 98 -16.98 5.28 0.56
N ILE A 99 -16.51 5.82 1.68
CA ILE A 99 -16.60 7.25 1.95
C ILE A 99 -15.61 8.02 1.07
N GLY A 100 -14.34 7.68 1.18
CA GLY A 100 -13.31 8.35 0.40
C GLY A 100 -11.99 7.60 0.39
N ASP A 101 -10.90 8.33 0.20
CA ASP A 101 -9.58 7.73 0.18
C ASP A 101 -8.77 8.14 1.42
N GLY A 102 -7.61 7.51 1.59
CA GLY A 102 -6.77 7.83 2.73
C GLY A 102 -5.37 8.25 2.32
N PRO A 103 -4.58 8.70 3.30
CA PRO A 103 -3.20 9.15 3.06
C PRO A 103 -2.27 7.99 2.71
N LEU A 104 -1.35 8.23 1.78
CA LEU A 104 -0.40 7.21 1.36
C LEU A 104 0.55 6.85 2.49
N SER A 105 1.31 5.77 2.30
CA SER A 105 2.27 5.32 3.31
C SER A 105 3.65 5.88 3.02
N SER A 106 4.59 5.61 3.92
CA SER A 106 5.96 6.06 3.76
C SER A 106 6.54 5.64 2.43
N ASP A 107 7.11 6.58 1.69
CA ASP A 107 7.69 6.30 0.38
C ASP A 107 8.82 5.27 0.51
N ILE A 108 8.60 4.10 -0.07
CA ILE A 108 9.60 3.03 -0.02
C ILE A 108 10.10 2.69 -1.41
N GLN A 109 11.37 2.26 -1.49
CA GLN A 109 11.97 1.91 -2.77
C GLN A 109 12.72 0.58 -2.66
N VAL A 110 12.50 -0.30 -3.64
CA VAL A 110 13.14 -1.60 -3.65
C VAL A 110 13.82 -1.87 -4.99
N ILE A 111 15.08 -2.31 -4.94
CA ILE A 111 15.83 -2.60 -6.15
C ILE A 111 15.55 -4.01 -6.65
N THR A 112 15.49 -4.17 -7.97
CA THR A 112 15.23 -5.47 -8.57
C THR A 112 16.51 -6.30 -8.65
N GLN A 113 16.73 -7.12 -7.63
CA GLN A 113 17.92 -7.97 -7.58
C GLN A 113 17.59 -9.32 -6.95
N THR A 114 18.14 -10.39 -7.53
CA THR A 114 17.90 -11.73 -7.03
C THR A 114 18.86 -12.06 -5.88
N GLY A 115 18.37 -11.92 -4.66
CA GLY A 115 19.20 -12.22 -3.50
C GLY A 115 18.74 -11.48 -2.26
N SER A 116 19.57 -11.48 -1.22
CA SER A 116 19.24 -10.81 0.03
C SER A 116 20.38 -9.87 0.46
N GLY A 117 20.04 -8.90 1.30
CA GLY A 117 21.03 -7.96 1.77
C GLY A 117 20.60 -7.24 3.03
N PRO A 118 21.54 -6.52 3.66
CA PRO A 118 21.28 -5.77 4.89
C PRO A 118 20.38 -4.56 4.65
N SER A 119 20.70 -3.78 3.62
CA SER A 119 19.92 -2.59 3.30
C SER A 119 19.91 -1.60 4.46
N SER A 120 20.87 -0.68 4.44
CA SER A 120 20.98 0.33 5.49
C SER A 120 20.51 1.68 4.99
N GLY A 121 19.57 1.67 4.04
CA GLY A 121 19.06 2.91 3.50
C GLY A 121 20.14 3.76 2.85
N GLY A 1 4.47 -8.08 17.61
CA GLY A 1 5.21 -6.85 17.43
C GLY A 1 6.41 -6.75 18.35
N SER A 2 6.68 -5.55 18.84
CA SER A 2 7.82 -5.32 19.73
C SER A 2 7.55 -4.16 20.67
N SER A 3 7.14 -3.03 20.10
CA SER A 3 6.83 -1.84 20.89
C SER A 3 5.34 -1.60 20.99
N GLY A 4 4.79 -1.77 22.19
CA GLY A 4 3.37 -1.57 22.41
C GLY A 4 2.58 -2.86 22.29
N SER A 5 1.99 -3.28 23.40
CA SER A 5 1.21 -4.51 23.42
C SER A 5 -0.27 -4.22 23.67
N SER A 6 -0.54 -3.13 24.38
CA SER A 6 -1.90 -2.73 24.69
C SER A 6 -2.09 -1.23 24.51
N GLY A 7 -3.25 -0.73 24.93
CA GLY A 7 -3.54 0.69 24.79
C GLY A 7 -5.02 0.98 24.90
N PRO A 8 -5.37 2.28 24.81
CA PRO A 8 -6.76 2.73 24.90
C PRO A 8 -7.58 2.33 23.67
N VAL A 9 -8.89 2.36 23.81
CA VAL A 9 -9.79 2.00 22.71
C VAL A 9 -10.90 3.02 22.54
N LEU A 10 -11.32 3.24 21.30
CA LEU A 10 -12.38 4.19 21.00
C LEU A 10 -13.08 3.86 19.68
N THR A 11 -14.36 4.18 19.60
CA THR A 11 -15.13 3.90 18.39
C THR A 11 -15.89 5.15 17.93
N GLN A 12 -15.97 5.34 16.62
CA GLN A 12 -16.66 6.49 16.05
C GLN A 12 -18.11 6.13 15.71
N THR A 13 -18.90 7.16 15.43
CA THR A 13 -20.31 6.96 15.09
C THR A 13 -20.50 6.79 13.58
N SER A 14 -20.31 7.87 12.85
CA SER A 14 -20.45 7.84 11.39
C SER A 14 -19.17 7.35 10.73
N GLU A 15 -19.32 6.49 9.74
CA GLU A 15 -18.17 5.94 9.01
C GLU A 15 -17.67 6.92 7.96
N GLN A 16 -16.39 7.28 8.06
CA GLN A 16 -15.79 8.21 7.11
C GLN A 16 -14.60 7.58 6.40
N ALA A 17 -13.94 8.35 5.55
CA ALA A 17 -12.77 7.87 4.82
C ALA A 17 -11.63 7.54 5.76
N PRO A 18 -10.68 6.71 5.28
CA PRO A 18 -9.52 6.31 6.07
C PRO A 18 -8.54 7.45 6.30
N SER A 19 -8.28 7.77 7.56
CA SER A 19 -7.36 8.85 7.91
C SER A 19 -6.09 8.29 8.56
N SER A 20 -5.62 7.18 8.03
CA SER A 20 -4.41 6.53 8.56
C SER A 20 -3.72 5.70 7.49
N ALA A 21 -2.42 5.88 7.34
CA ALA A 21 -1.64 5.13 6.36
C ALA A 21 -1.53 3.67 6.74
N PRO A 22 -1.32 2.81 5.74
CA PRO A 22 -1.19 1.36 5.94
C PRO A 22 0.10 0.98 6.66
N ARG A 23 0.12 -0.20 7.26
CA ARG A 23 1.30 -0.67 7.99
C ARG A 23 1.77 -2.01 7.42
N ASP A 24 2.89 -2.50 7.96
CA ASP A 24 3.46 -3.76 7.52
C ASP A 24 3.77 -3.73 6.02
N VAL A 25 3.97 -2.53 5.49
CA VAL A 25 4.27 -2.36 4.07
C VAL A 25 5.74 -2.67 3.79
N GLN A 26 5.97 -3.77 3.08
CA GLN A 26 7.33 -4.18 2.74
C GLN A 26 7.35 -4.97 1.43
N ALA A 27 8.37 -4.72 0.61
CA ALA A 27 8.50 -5.40 -0.66
C ALA A 27 9.69 -6.36 -0.66
N ARG A 28 9.43 -7.62 -0.96
CA ARG A 28 10.48 -8.63 -0.99
C ARG A 28 10.61 -9.25 -2.38
N MET A 29 11.81 -9.18 -2.94
CA MET A 29 12.07 -9.72 -4.26
C MET A 29 12.27 -11.24 -4.20
N LEU A 30 11.74 -11.94 -5.20
CA LEU A 30 11.86 -13.39 -5.26
C LEU A 30 12.51 -13.84 -6.56
N SER A 31 12.23 -13.11 -7.64
CA SER A 31 12.79 -13.43 -8.94
C SER A 31 13.55 -12.23 -9.52
N SER A 32 13.88 -12.31 -10.80
CA SER A 32 14.61 -11.24 -11.47
C SER A 32 13.65 -10.28 -12.17
N THR A 33 12.36 -10.62 -12.14
CA THR A 33 11.33 -9.78 -12.76
C THR A 33 9.98 -10.00 -12.11
N THR A 34 9.99 -10.37 -10.83
CA THR A 34 8.75 -10.60 -10.10
C THR A 34 8.90 -10.22 -8.63
N ILE A 35 8.09 -9.26 -8.20
CA ILE A 35 8.13 -8.79 -6.81
C ILE A 35 6.86 -9.17 -6.06
N LEU A 36 6.83 -8.89 -4.77
CA LEU A 36 5.67 -9.20 -3.94
C LEU A 36 5.47 -8.15 -2.85
N VAL A 37 4.30 -7.52 -2.86
CA VAL A 37 3.99 -6.49 -1.88
C VAL A 37 2.94 -6.98 -0.88
N GLN A 38 3.26 -6.88 0.40
CA GLN A 38 2.34 -7.31 1.45
C GLN A 38 2.23 -6.27 2.55
N TRP A 39 1.01 -5.95 2.96
CA TRP A 39 0.78 -4.97 4.00
C TRP A 39 -0.43 -5.35 4.85
N LYS A 40 -0.68 -4.57 5.89
CA LYS A 40 -1.81 -4.82 6.79
C LYS A 40 -2.83 -3.69 6.70
N GLU A 41 -3.98 -3.90 7.35
CA GLU A 41 -5.04 -2.90 7.35
C GLU A 41 -4.63 -1.66 8.15
N PRO A 42 -5.30 -0.53 7.89
CA PRO A 42 -5.03 0.73 8.56
C PRO A 42 -5.44 0.70 10.03
N GLU A 43 -5.08 1.76 10.76
CA GLU A 43 -5.42 1.85 12.17
C GLU A 43 -6.72 2.64 12.38
N GLU A 44 -7.02 3.51 11.42
CA GLU A 44 -8.23 4.32 11.48
C GLU A 44 -9.06 4.19 10.21
N PRO A 45 -9.64 2.99 10.02
CA PRO A 45 -10.47 2.70 8.85
C PRO A 45 -11.71 3.59 8.78
N ASN A 46 -12.48 3.60 9.86
CA ASN A 46 -13.69 4.40 9.92
C ASN A 46 -14.71 3.93 8.90
N GLY A 47 -14.61 2.65 8.52
CA GLY A 47 -15.53 2.10 7.53
C GLY A 47 -15.02 0.80 6.94
N GLN A 48 -15.86 0.15 6.15
CA GLN A 48 -15.49 -1.11 5.50
C GLN A 48 -14.52 -0.87 4.36
N ILE A 49 -13.30 -1.39 4.50
CA ILE A 49 -12.28 -1.24 3.48
C ILE A 49 -12.59 -2.09 2.24
N GLN A 50 -12.94 -1.43 1.15
CA GLN A 50 -13.27 -2.12 -0.09
C GLN A 50 -12.01 -2.64 -0.77
N GLY A 51 -10.88 -1.98 -0.50
CA GLY A 51 -9.63 -2.40 -1.09
C GLY A 51 -8.50 -1.42 -0.80
N TYR A 52 -7.48 -1.43 -1.66
CA TYR A 52 -6.34 -0.54 -1.49
C TYR A 52 -5.77 -0.12 -2.84
N ARG A 53 -4.91 0.89 -2.83
CA ARG A 53 -4.30 1.38 -4.06
C ARG A 53 -2.78 1.36 -3.94
N VAL A 54 -2.12 0.84 -4.98
CA VAL A 54 -0.66 0.77 -5.00
C VAL A 54 -0.08 1.62 -6.11
N TYR A 55 1.06 2.25 -5.85
CA TYR A 55 1.72 3.10 -6.83
C TYR A 55 3.17 2.66 -7.04
N TYR A 56 3.47 2.23 -8.27
CA TYR A 56 4.81 1.78 -8.60
C TYR A 56 5.16 2.17 -10.03
N THR A 57 6.36 2.75 -10.20
CA THR A 57 6.81 3.17 -11.52
C THR A 57 8.34 3.34 -11.53
N MET A 58 8.92 3.23 -12.72
CA MET A 58 10.37 3.37 -12.87
C MET A 58 10.77 4.84 -12.88
N ASP A 59 9.82 5.71 -13.24
CA ASP A 59 10.08 7.15 -13.29
C ASP A 59 9.28 7.87 -12.22
N PRO A 60 9.75 7.79 -10.97
CA PRO A 60 9.09 8.44 -9.83
C PRO A 60 9.21 9.96 -9.88
N THR A 61 10.02 10.45 -10.81
CA THR A 61 10.22 11.89 -10.97
C THR A 61 8.90 12.60 -11.28
N GLN A 62 7.92 11.83 -11.74
CA GLN A 62 6.61 12.39 -12.08
C GLN A 62 5.67 12.33 -10.88
N HIS A 63 4.42 12.70 -11.11
CA HIS A 63 3.42 12.69 -10.05
C HIS A 63 2.78 11.31 -9.91
N VAL A 64 2.41 10.95 -8.69
CA VAL A 64 1.79 9.66 -8.42
C VAL A 64 0.54 9.47 -9.26
N ASN A 65 -0.07 10.58 -9.67
CA ASN A 65 -1.28 10.55 -10.48
C ASN A 65 -0.97 10.10 -11.90
N ASN A 66 0.32 9.99 -12.22
CA ASN A 66 0.74 9.59 -13.55
C ASN A 66 1.43 8.22 -13.50
N TRP A 67 1.88 7.84 -12.31
CA TRP A 67 2.56 6.56 -12.13
C TRP A 67 1.74 5.42 -12.71
N MET A 68 2.36 4.24 -12.81
CA MET A 68 1.69 3.07 -13.36
C MET A 68 0.47 2.70 -12.51
N LYS A 69 0.64 2.74 -11.19
CA LYS A 69 -0.44 2.40 -10.27
C LYS A 69 -0.87 0.95 -10.45
N HIS A 70 -1.57 0.42 -9.45
CA HIS A 70 -2.06 -0.95 -9.49
C HIS A 70 -3.47 -1.04 -8.93
N ASN A 71 -3.97 -2.28 -8.81
CA ASN A 71 -5.31 -2.51 -8.29
C ASN A 71 -5.29 -3.56 -7.19
N VAL A 72 -6.27 -3.48 -6.29
CA VAL A 72 -6.36 -4.43 -5.18
C VAL A 72 -7.81 -4.65 -4.78
N ALA A 73 -8.13 -5.89 -4.40
CA ALA A 73 -9.49 -6.23 -3.97
C ALA A 73 -9.49 -6.83 -2.57
N ASP A 74 -9.06 -6.04 -1.59
CA ASP A 74 -9.02 -6.49 -0.21
C ASP A 74 -8.27 -7.82 -0.09
N SER A 75 -7.00 -7.81 -0.51
CA SER A 75 -6.18 -9.02 -0.46
C SER A 75 -5.01 -8.83 0.51
N GLN A 76 -4.61 -7.58 0.70
CA GLN A 76 -3.49 -7.26 1.58
C GLN A 76 -2.20 -7.87 1.07
N ILE A 77 -2.19 -8.26 -0.20
CA ILE A 77 -1.02 -8.86 -0.82
C ILE A 77 -1.15 -8.90 -2.33
N THR A 78 -0.08 -8.52 -3.02
CA THR A 78 -0.08 -8.52 -4.48
C THR A 78 1.31 -8.84 -5.04
N THR A 79 1.36 -9.24 -6.30
CA THR A 79 2.63 -9.58 -6.94
C THR A 79 2.73 -8.92 -8.32
N ILE A 80 3.73 -8.05 -8.47
CA ILE A 80 3.93 -7.35 -9.74
C ILE A 80 5.11 -7.96 -10.50
N GLY A 81 5.00 -7.99 -11.82
CA GLY A 81 6.06 -8.53 -12.65
C GLY A 81 6.30 -7.72 -13.90
N ASN A 82 7.07 -8.27 -14.83
CA ASN A 82 7.38 -7.59 -16.08
C ASN A 82 8.17 -6.31 -15.81
N LEU A 83 9.10 -6.38 -14.87
CA LEU A 83 9.93 -5.22 -14.52
C LEU A 83 11.36 -5.42 -14.99
N VAL A 84 12.16 -4.35 -14.89
CA VAL A 84 13.55 -4.41 -15.31
C VAL A 84 14.44 -4.93 -14.19
N PRO A 85 15.31 -5.91 -14.53
CA PRO A 85 16.23 -6.51 -13.56
C PRO A 85 17.34 -5.55 -13.13
N GLN A 86 17.53 -5.43 -11.82
CA GLN A 86 18.55 -4.54 -11.28
C GLN A 86 18.23 -3.08 -11.60
N LYS A 87 16.97 -2.71 -11.40
CA LYS A 87 16.53 -1.34 -11.66
C LYS A 87 15.66 -0.82 -10.51
N THR A 88 16.05 0.31 -9.95
CA THR A 88 15.31 0.91 -8.85
C THR A 88 13.83 1.06 -9.20
N TYR A 89 12.97 0.88 -8.19
CA TYR A 89 11.54 0.97 -8.39
C TYR A 89 10.86 1.54 -7.15
N SER A 90 9.81 2.33 -7.37
CA SER A 90 9.06 2.94 -6.27
C SER A 90 7.84 2.11 -5.91
N VAL A 91 7.43 2.19 -4.64
CA VAL A 91 6.27 1.44 -4.17
C VAL A 91 5.54 2.21 -3.08
N LYS A 92 4.21 2.22 -3.15
CA LYS A 92 3.39 2.92 -2.17
C LYS A 92 2.07 2.18 -1.95
N VAL A 93 1.45 2.43 -0.80
CA VAL A 93 0.18 1.79 -0.47
C VAL A 93 -0.71 2.74 0.32
N LEU A 94 -2.02 2.64 0.10
CA LEU A 94 -2.98 3.48 0.79
C LEU A 94 -4.30 2.75 1.01
N ALA A 95 -5.17 3.32 1.83
CA ALA A 95 -6.47 2.72 2.12
C ALA A 95 -7.61 3.62 1.66
N PHE A 96 -8.71 3.02 1.24
CA PHE A 96 -9.87 3.77 0.78
C PHE A 96 -11.16 2.98 1.02
N THR A 97 -12.23 3.72 1.32
CA THR A 97 -13.53 3.10 1.58
C THR A 97 -14.63 3.75 0.75
N SER A 98 -15.85 3.26 0.92
CA SER A 98 -16.99 3.80 0.18
C SER A 98 -17.10 5.31 0.38
N ILE A 99 -16.62 5.79 1.51
CA ILE A 99 -16.65 7.21 1.83
C ILE A 99 -15.66 7.99 0.98
N GLY A 100 -14.39 7.63 1.09
CA GLY A 100 -13.35 8.30 0.32
C GLY A 100 -12.02 7.61 0.41
N ASP A 101 -10.96 8.30 0.02
CA ASP A 101 -9.61 7.74 0.06
C ASP A 101 -8.86 8.21 1.30
N GLY A 102 -7.67 7.65 1.52
CA GLY A 102 -6.88 8.02 2.68
C GLY A 102 -5.47 8.44 2.30
N PRO A 103 -4.69 8.86 3.30
CA PRO A 103 -3.31 9.31 3.09
C PRO A 103 -2.38 8.16 2.72
N LEU A 104 -1.61 8.35 1.66
CA LEU A 104 -0.67 7.33 1.20
C LEU A 104 0.37 7.03 2.26
N SER A 105 1.09 5.92 2.09
CA SER A 105 2.12 5.52 3.04
C SER A 105 3.47 6.10 2.64
N SER A 106 4.47 5.90 3.49
CA SER A 106 5.82 6.40 3.24
C SER A 106 6.41 5.76 1.99
N ASP A 107 6.60 6.56 0.95
CA ASP A 107 7.15 6.07 -0.30
C ASP A 107 8.47 5.32 -0.06
N ILE A 108 8.50 4.05 -0.49
CA ILE A 108 9.69 3.23 -0.31
C ILE A 108 10.31 2.88 -1.66
N GLN A 109 11.57 2.44 -1.63
CA GLN A 109 12.29 2.07 -2.84
C GLN A 109 12.92 0.68 -2.70
N VAL A 110 12.64 -0.19 -3.67
CA VAL A 110 13.18 -1.54 -3.65
C VAL A 110 13.86 -1.87 -4.97
N ILE A 111 15.07 -2.41 -4.89
CA ILE A 111 15.82 -2.79 -6.09
C ILE A 111 15.50 -4.20 -6.53
N THR A 112 15.27 -4.38 -7.83
CA THR A 112 14.94 -5.69 -8.38
C THR A 112 16.17 -6.58 -8.42
N GLN A 113 16.40 -7.32 -7.35
CA GLN A 113 17.55 -8.22 -7.27
C GLN A 113 17.27 -9.38 -6.32
N THR A 114 17.84 -10.54 -6.62
CA THR A 114 17.65 -11.73 -5.81
C THR A 114 18.83 -11.94 -4.86
N GLY A 115 19.50 -10.85 -4.52
CA GLY A 115 20.64 -10.92 -3.62
C GLY A 115 21.97 -10.83 -4.35
N SER A 116 23.05 -11.10 -3.64
CA SER A 116 24.38 -11.04 -4.22
C SER A 116 25.25 -12.21 -3.76
N GLY A 117 24.88 -13.41 -4.17
CA GLY A 117 25.64 -14.59 -3.79
C GLY A 117 24.74 -15.76 -3.43
N PRO A 118 25.34 -16.86 -2.98
CA PRO A 118 24.61 -18.07 -2.59
C PRO A 118 23.80 -17.87 -1.32
N SER A 119 22.54 -18.32 -1.35
CA SER A 119 21.66 -18.19 -0.19
C SER A 119 20.43 -19.08 -0.33
N SER A 120 20.20 -19.94 0.66
CA SER A 120 19.07 -20.85 0.63
C SER A 120 19.17 -21.81 -0.56
N GLY A 121 18.16 -22.68 -0.69
CA GLY A 121 18.16 -23.65 -1.77
C GLY A 121 16.82 -24.33 -1.94
N GLY A 1 -44.44 21.00 19.36
CA GLY A 1 -43.83 21.26 18.06
C GLY A 1 -43.16 20.02 17.48
N SER A 2 -41.93 20.19 17.01
CA SER A 2 -41.18 19.09 16.42
C SER A 2 -41.90 18.55 15.18
N SER A 3 -41.22 17.68 14.44
CA SER A 3 -41.78 17.10 13.23
C SER A 3 -41.32 15.66 13.05
N GLY A 4 -40.01 15.44 13.17
CA GLY A 4 -39.46 14.12 13.02
C GLY A 4 -37.95 14.08 13.24
N SER A 5 -37.40 12.87 13.26
CA SER A 5 -35.96 12.71 13.48
C SER A 5 -35.53 11.27 13.22
N SER A 6 -34.24 11.07 12.97
CA SER A 6 -33.71 9.75 12.70
C SER A 6 -33.59 8.93 13.99
N GLY A 7 -32.61 9.28 14.80
CA GLY A 7 -32.41 8.57 16.06
C GLY A 7 -31.38 7.47 15.95
N PRO A 8 -30.97 6.91 17.10
CA PRO A 8 -29.97 5.84 17.15
C PRO A 8 -30.51 4.52 16.57
N VAL A 9 -29.59 3.63 16.22
CA VAL A 9 -29.96 2.33 15.65
C VAL A 9 -28.88 1.29 15.91
N LEU A 10 -28.07 1.53 16.92
CA LEU A 10 -26.98 0.62 17.27
C LEU A 10 -26.03 0.42 16.10
N THR A 11 -24.94 1.19 16.10
CA THR A 11 -23.94 1.11 15.03
C THR A 11 -22.74 1.99 15.34
N GLN A 12 -21.74 1.94 14.45
CA GLN A 12 -20.53 2.74 14.64
C GLN A 12 -20.87 4.23 14.76
N THR A 13 -19.85 5.02 15.07
CA THR A 13 -20.04 6.46 15.22
C THR A 13 -19.71 7.19 13.93
N SER A 14 -20.57 7.03 12.92
CA SER A 14 -20.37 7.68 11.63
C SER A 14 -19.11 7.15 10.94
N GLU A 15 -19.31 6.44 9.83
CA GLU A 15 -18.18 5.89 9.08
C GLU A 15 -17.66 6.88 8.04
N GLN A 16 -16.38 7.18 8.11
CA GLN A 16 -15.77 8.11 7.18
C GLN A 16 -14.57 7.47 6.47
N ALA A 17 -13.91 8.25 5.62
CA ALA A 17 -12.75 7.76 4.87
C ALA A 17 -11.62 7.37 5.82
N PRO A 18 -10.69 6.53 5.33
CA PRO A 18 -9.55 6.08 6.11
C PRO A 18 -8.54 7.19 6.38
N SER A 19 -8.28 7.45 7.65
CA SER A 19 -7.34 8.50 8.03
C SER A 19 -6.10 7.89 8.69
N SER A 20 -5.64 6.77 8.14
CA SER A 20 -4.46 6.10 8.68
C SER A 20 -3.72 5.35 7.57
N ALA A 21 -2.42 5.58 7.48
CA ALA A 21 -1.60 4.94 6.46
C ALA A 21 -1.44 3.44 6.75
N PRO A 22 -1.17 2.67 5.69
CA PRO A 22 -0.99 1.21 5.81
C PRO A 22 0.29 0.84 6.54
N ARG A 23 0.25 -0.24 7.30
CA ARG A 23 1.41 -0.71 8.05
C ARG A 23 1.96 -2.00 7.45
N ASP A 24 3.13 -2.42 7.93
CA ASP A 24 3.77 -3.63 7.44
C ASP A 24 3.97 -3.57 5.93
N VAL A 25 4.05 -2.35 5.40
CA VAL A 25 4.25 -2.16 3.97
C VAL A 25 5.71 -2.39 3.57
N GLN A 26 5.98 -3.56 3.00
CA GLN A 26 7.33 -3.90 2.59
C GLN A 26 7.31 -4.74 1.32
N ALA A 27 8.30 -4.55 0.46
CA ALA A 27 8.40 -5.29 -0.79
C ALA A 27 9.57 -6.27 -0.76
N ARG A 28 9.26 -7.56 -0.95
CA ARG A 28 10.29 -8.58 -0.94
C ARG A 28 10.45 -9.21 -2.31
N MET A 29 11.67 -9.20 -2.84
CA MET A 29 11.95 -9.77 -4.15
C MET A 29 12.13 -11.27 -4.06
N LEU A 30 11.59 -11.99 -5.04
CA LEU A 30 11.70 -13.44 -5.08
C LEU A 30 12.36 -13.91 -6.37
N SER A 31 12.09 -13.19 -7.46
CA SER A 31 12.67 -13.54 -8.75
C SER A 31 13.44 -12.36 -9.33
N SER A 32 13.78 -12.46 -10.62
CA SER A 32 14.53 -11.40 -11.29
C SER A 32 13.59 -10.44 -12.01
N THR A 33 12.30 -10.75 -11.98
CA THR A 33 11.29 -9.92 -12.64
C THR A 33 9.93 -10.10 -11.98
N THR A 34 9.92 -10.44 -10.70
CA THR A 34 8.68 -10.64 -9.97
C THR A 34 8.83 -10.23 -8.51
N ILE A 35 8.03 -9.24 -8.10
CA ILE A 35 8.08 -8.76 -6.72
C ILE A 35 6.79 -9.11 -5.97
N LEU A 36 6.77 -8.82 -4.68
CA LEU A 36 5.59 -9.09 -3.85
C LEU A 36 5.42 -8.01 -2.79
N VAL A 37 4.25 -7.37 -2.80
CA VAL A 37 3.95 -6.32 -1.84
C VAL A 37 2.88 -6.77 -0.85
N GLN A 38 3.25 -6.80 0.43
CA GLN A 38 2.34 -7.22 1.48
C GLN A 38 2.25 -6.17 2.58
N TRP A 39 1.03 -5.87 3.02
CA TRP A 39 0.81 -4.89 4.07
C TRP A 39 -0.39 -5.27 4.93
N LYS A 40 -0.64 -4.47 5.97
CA LYS A 40 -1.75 -4.72 6.88
C LYS A 40 -2.75 -3.57 6.83
N GLU A 41 -3.97 -3.84 7.28
CA GLU A 41 -5.02 -2.83 7.30
C GLU A 41 -4.63 -1.66 8.19
N PRO A 42 -5.28 -0.50 7.97
CA PRO A 42 -5.01 0.71 8.75
C PRO A 42 -5.49 0.60 10.19
N GLU A 43 -5.15 1.60 11.01
CA GLU A 43 -5.55 1.61 12.41
C GLU A 43 -6.88 2.34 12.60
N GLU A 44 -7.17 3.25 11.68
CA GLU A 44 -8.40 4.03 11.74
C GLU A 44 -9.21 3.89 10.45
N PRO A 45 -9.82 2.72 10.26
CA PRO A 45 -10.62 2.43 9.06
C PRO A 45 -11.83 3.34 8.94
N ASN A 46 -12.64 3.39 10.01
CA ASN A 46 -13.83 4.24 10.02
C ASN A 46 -14.83 3.77 8.96
N GLY A 47 -14.75 2.50 8.60
CA GLY A 47 -15.66 1.96 7.60
C GLY A 47 -15.10 0.71 6.93
N GLN A 48 -15.94 0.03 6.17
CA GLN A 48 -15.53 -1.18 5.46
C GLN A 48 -14.57 -0.85 4.33
N ILE A 49 -13.43 -1.53 4.30
CA ILE A 49 -12.43 -1.30 3.27
C ILE A 49 -12.79 -2.04 1.99
N GLN A 50 -12.78 -1.33 0.86
CA GLN A 50 -13.10 -1.92 -0.43
C GLN A 50 -11.85 -2.43 -1.13
N GLY A 51 -10.70 -1.84 -0.79
CA GLY A 51 -9.46 -2.24 -1.40
C GLY A 51 -8.32 -1.30 -1.06
N TYR A 52 -7.25 -1.34 -1.87
CA TYR A 52 -6.09 -0.48 -1.64
C TYR A 52 -5.45 -0.08 -2.97
N ARG A 53 -5.02 1.17 -3.06
CA ARG A 53 -4.39 1.68 -4.26
C ARG A 53 -2.87 1.58 -4.17
N VAL A 54 -2.25 1.04 -5.21
CA VAL A 54 -0.80 0.89 -5.25
C VAL A 54 -0.19 1.73 -6.36
N TYR A 55 1.02 2.26 -6.10
CA TYR A 55 1.70 3.08 -7.09
C TYR A 55 3.16 2.64 -7.25
N TYR A 56 3.52 2.27 -8.46
CA TYR A 56 4.88 1.83 -8.76
C TYR A 56 5.28 2.17 -10.19
N THR A 57 6.45 2.79 -10.34
CA THR A 57 6.94 3.17 -11.66
C THR A 57 8.45 3.41 -11.63
N MET A 58 9.06 3.41 -12.81
CA MET A 58 10.50 3.63 -12.91
C MET A 58 10.81 5.11 -13.05
N ASP A 59 9.84 5.89 -13.50
CA ASP A 59 10.01 7.33 -13.68
C ASP A 59 9.14 8.10 -12.69
N PRO A 60 9.58 8.15 -11.42
CA PRO A 60 8.85 8.86 -10.36
C PRO A 60 8.89 10.37 -10.54
N THR A 61 9.70 10.83 -11.50
CA THR A 61 9.82 12.25 -11.76
C THR A 61 8.49 12.85 -12.19
N GLN A 62 7.56 11.99 -12.61
CA GLN A 62 6.25 12.43 -13.05
C GLN A 62 5.27 12.47 -11.88
N HIS A 63 4.00 12.74 -12.18
CA HIS A 63 2.97 12.80 -11.16
C HIS A 63 2.50 11.40 -10.79
N VAL A 64 2.12 11.22 -9.52
CA VAL A 64 1.65 9.93 -9.03
C VAL A 64 0.52 9.40 -9.91
N ASN A 65 -0.31 10.30 -10.41
CA ASN A 65 -1.43 9.92 -11.26
C ASN A 65 -0.94 9.40 -12.60
N ASN A 66 0.21 9.89 -13.04
CA ASN A 66 0.79 9.47 -14.32
C ASN A 66 1.45 8.10 -14.18
N TRP A 67 1.88 7.77 -12.97
CA TRP A 67 2.53 6.49 -12.71
C TRP A 67 1.69 5.34 -13.23
N MET A 68 2.26 4.14 -13.21
CA MET A 68 1.56 2.94 -13.68
C MET A 68 0.36 2.64 -12.78
N LYS A 69 0.59 2.66 -11.48
CA LYS A 69 -0.46 2.38 -10.51
C LYS A 69 -0.96 0.95 -10.65
N HIS A 70 -1.60 0.44 -9.60
CA HIS A 70 -2.13 -0.92 -9.60
C HIS A 70 -3.51 -0.97 -8.97
N ASN A 71 -4.05 -2.18 -8.83
CA ASN A 71 -5.37 -2.36 -8.23
C ASN A 71 -5.36 -3.47 -7.20
N VAL A 72 -6.30 -3.42 -6.26
CA VAL A 72 -6.40 -4.43 -5.21
C VAL A 72 -7.85 -4.61 -4.76
N ALA A 73 -8.20 -5.85 -4.44
CA ALA A 73 -9.55 -6.16 -3.99
C ALA A 73 -9.54 -6.69 -2.55
N ASP A 74 -9.08 -5.85 -1.63
CA ASP A 74 -9.02 -6.23 -0.21
C ASP A 74 -8.30 -7.57 -0.04
N SER A 75 -7.04 -7.62 -0.47
CA SER A 75 -6.24 -8.83 -0.37
C SER A 75 -5.05 -8.62 0.56
N GLN A 76 -4.64 -7.36 0.70
CA GLN A 76 -3.50 -7.03 1.56
C GLN A 76 -2.22 -7.67 1.04
N ILE A 77 -2.24 -8.07 -0.22
CA ILE A 77 -1.06 -8.69 -0.83
C ILE A 77 -1.20 -8.75 -2.35
N THR A 78 -0.14 -8.37 -3.06
CA THR A 78 -0.14 -8.36 -4.51
C THR A 78 1.25 -8.68 -5.06
N THR A 79 1.29 -9.24 -6.27
CA THR A 79 2.56 -9.59 -6.90
C THR A 79 2.69 -8.93 -8.27
N ILE A 80 3.68 -8.06 -8.43
CA ILE A 80 3.90 -7.38 -9.68
C ILE A 80 5.08 -7.98 -10.45
N GLY A 81 4.98 -8.01 -11.76
CA GLY A 81 6.03 -8.57 -12.58
C GLY A 81 6.29 -7.74 -13.83
N ASN A 82 7.05 -8.31 -14.76
CA ASN A 82 7.37 -7.63 -16.01
C ASN A 82 8.19 -6.36 -15.74
N LEU A 83 9.11 -6.46 -14.79
CA LEU A 83 9.96 -5.32 -14.43
C LEU A 83 11.39 -5.54 -14.90
N VAL A 84 12.20 -4.49 -14.81
CA VAL A 84 13.60 -4.58 -15.21
C VAL A 84 14.48 -5.09 -14.09
N PRO A 85 15.33 -6.09 -14.39
CA PRO A 85 16.24 -6.68 -13.42
C PRO A 85 17.36 -5.72 -13.00
N GLN A 86 17.56 -5.59 -11.69
CA GLN A 86 18.59 -4.71 -11.17
C GLN A 86 18.28 -3.25 -11.49
N LYS A 87 17.02 -2.87 -11.33
CA LYS A 87 16.60 -1.50 -11.61
C LYS A 87 15.73 -0.96 -10.47
N THR A 88 16.14 0.19 -9.93
CA THR A 88 15.40 0.80 -8.83
C THR A 88 13.92 0.95 -9.17
N TYR A 89 13.07 0.79 -8.17
CA TYR A 89 11.63 0.90 -8.36
C TYR A 89 10.94 1.40 -7.09
N SER A 90 10.05 2.38 -7.26
CA SER A 90 9.32 2.96 -6.13
C SER A 90 8.01 2.22 -5.90
N VAL A 91 7.51 2.27 -4.67
CA VAL A 91 6.26 1.62 -4.32
C VAL A 91 5.50 2.42 -3.28
N LYS A 92 4.17 2.34 -3.33
CA LYS A 92 3.32 3.05 -2.39
C LYS A 92 1.99 2.33 -2.19
N VAL A 93 1.39 2.52 -1.02
CA VAL A 93 0.11 1.88 -0.71
C VAL A 93 -0.76 2.79 0.15
N LEU A 94 -2.07 2.69 -0.02
CA LEU A 94 -3.01 3.50 0.74
C LEU A 94 -4.34 2.77 0.93
N ALA A 95 -5.18 3.30 1.81
CA ALA A 95 -6.48 2.69 2.07
C ALA A 95 -7.61 3.62 1.63
N PHE A 96 -8.72 3.02 1.21
CA PHE A 96 -9.88 3.79 0.76
C PHE A 96 -11.17 3.02 1.00
N THR A 97 -12.22 3.74 1.41
CA THR A 97 -13.51 3.12 1.67
C THR A 97 -14.61 3.78 0.84
N SER A 98 -15.84 3.28 1.00
CA SER A 98 -16.98 3.81 0.26
C SER A 98 -17.12 5.31 0.49
N ILE A 99 -16.63 5.77 1.63
CA ILE A 99 -16.70 7.19 1.98
C ILE A 99 -15.73 8.01 1.13
N GLY A 100 -14.46 7.63 1.17
CA GLY A 100 -13.45 8.34 0.40
C GLY A 100 -12.12 7.61 0.38
N ASP A 101 -11.03 8.36 0.26
CA ASP A 101 -9.70 7.79 0.22
C ASP A 101 -8.91 8.15 1.48
N GLY A 102 -7.72 7.58 1.60
CA GLY A 102 -6.88 7.85 2.76
C GLY A 102 -5.50 8.32 2.38
N PRO A 103 -4.71 8.73 3.39
CA PRO A 103 -3.34 9.21 3.17
C PRO A 103 -2.39 8.10 2.75
N LEU A 104 -1.41 8.45 1.93
CA LEU A 104 -0.43 7.48 1.45
C LEU A 104 0.64 7.21 2.51
N SER A 105 1.38 6.12 2.33
CA SER A 105 2.44 5.75 3.27
C SER A 105 3.76 6.40 2.89
N SER A 106 4.83 5.98 3.54
CA SER A 106 6.16 6.52 3.27
C SER A 106 6.74 5.95 1.99
N ASP A 107 7.07 6.82 1.04
CA ASP A 107 7.63 6.41 -0.23
C ASP A 107 8.82 5.48 -0.02
N ILE A 108 8.65 4.21 -0.37
CA ILE A 108 9.72 3.23 -0.22
C ILE A 108 10.27 2.81 -1.58
N GLN A 109 11.54 2.42 -1.60
CA GLN A 109 12.19 2.00 -2.83
C GLN A 109 12.84 0.62 -2.66
N VAL A 110 12.66 -0.25 -3.65
CA VAL A 110 13.22 -1.58 -3.62
C VAL A 110 13.91 -1.93 -4.94
N ILE A 111 15.12 -2.45 -4.85
CA ILE A 111 15.88 -2.83 -6.03
C ILE A 111 15.56 -4.26 -6.46
N THR A 112 15.25 -4.45 -7.74
CA THR A 112 14.94 -5.77 -8.26
C THR A 112 16.16 -6.67 -8.28
N GLN A 113 16.36 -7.42 -7.21
CA GLN A 113 17.51 -8.31 -7.10
C GLN A 113 17.18 -9.49 -6.18
N THR A 114 17.72 -10.67 -6.53
CA THR A 114 17.48 -11.87 -5.75
C THR A 114 18.67 -12.17 -4.83
N GLY A 115 19.20 -11.13 -4.19
CA GLY A 115 20.33 -11.31 -3.30
C GLY A 115 20.14 -10.61 -1.97
N SER A 116 20.48 -11.29 -0.89
CA SER A 116 20.34 -10.73 0.46
C SER A 116 18.88 -10.38 0.75
N GLY A 117 18.61 -9.97 1.97
CA GLY A 117 17.26 -9.61 2.36
C GLY A 117 17.10 -8.13 2.63
N PRO A 118 15.91 -7.74 3.11
CA PRO A 118 15.61 -6.33 3.42
C PRO A 118 16.39 -5.83 4.64
N SER A 119 16.12 -4.59 5.04
CA SER A 119 16.80 -3.99 6.18
C SER A 119 18.31 -3.94 5.95
N SER A 120 19.04 -3.47 6.96
CA SER A 120 20.49 -3.37 6.87
C SER A 120 21.14 -3.83 8.17
N GLY A 121 22.47 -3.89 8.16
CA GLY A 121 23.21 -4.32 9.35
C GLY A 121 23.60 -3.15 10.22
N GLY A 1 -10.90 -2.74 32.82
CA GLY A 1 -11.13 -4.16 33.03
C GLY A 1 -11.07 -4.55 34.50
N SER A 2 -12.14 -4.25 35.23
CA SER A 2 -12.19 -4.56 36.65
C SER A 2 -13.63 -4.75 37.10
N SER A 3 -14.39 -3.65 37.15
CA SER A 3 -15.78 -3.70 37.57
C SER A 3 -16.65 -4.34 36.50
N GLY A 4 -17.96 -4.41 36.75
CA GLY A 4 -18.87 -5.00 35.80
C GLY A 4 -18.91 -4.24 34.49
N SER A 5 -19.24 -4.94 33.41
CA SER A 5 -19.32 -4.32 32.09
C SER A 5 -20.67 -3.63 31.88
N SER A 6 -20.77 -2.39 32.35
CA SER A 6 -22.00 -1.63 32.22
C SER A 6 -21.71 -0.12 32.22
N GLY A 7 -21.76 0.49 31.03
CA GLY A 7 -21.51 1.91 30.92
C GLY A 7 -21.82 2.44 29.55
N PRO A 8 -21.59 3.76 29.35
CA PRO A 8 -21.84 4.42 28.07
C PRO A 8 -20.84 3.99 26.99
N VAL A 9 -21.35 3.29 25.98
CA VAL A 9 -20.50 2.82 24.89
C VAL A 9 -19.95 3.99 24.08
N LEU A 10 -18.66 3.92 23.76
CA LEU A 10 -18.01 4.99 22.99
C LEU A 10 -18.16 4.73 21.50
N THR A 11 -19.11 5.42 20.88
CA THR A 11 -19.35 5.26 19.45
C THR A 11 -18.74 6.42 18.67
N GLN A 12 -18.39 6.16 17.40
CA GLN A 12 -17.80 7.18 16.55
C GLN A 12 -18.88 7.99 15.84
N THR A 13 -18.45 9.00 15.08
CA THR A 13 -19.38 9.84 14.34
C THR A 13 -19.58 9.33 12.92
N SER A 14 -20.36 8.27 12.78
CA SER A 14 -20.63 7.69 11.47
C SER A 14 -19.35 7.17 10.83
N GLU A 15 -19.50 6.41 9.74
CA GLU A 15 -18.35 5.86 9.04
C GLU A 15 -17.81 6.85 8.01
N GLN A 16 -16.53 7.19 8.12
CA GLN A 16 -15.90 8.12 7.20
C GLN A 16 -14.73 7.47 6.49
N ALA A 17 -14.05 8.25 5.65
CA ALA A 17 -12.89 7.75 4.91
C ALA A 17 -11.74 7.39 5.84
N PRO A 18 -10.82 6.56 5.35
CA PRO A 18 -9.66 6.12 6.13
C PRO A 18 -8.66 7.25 6.36
N SER A 19 -8.37 7.54 7.62
CA SER A 19 -7.44 8.60 7.97
C SER A 19 -6.16 8.02 8.58
N SER A 20 -5.76 6.86 8.08
CA SER A 20 -4.55 6.20 8.57
C SER A 20 -3.87 5.40 7.46
N ALA A 21 -2.59 5.65 7.26
CA ALA A 21 -1.82 4.96 6.24
C ALA A 21 -1.62 3.48 6.59
N PRO A 22 -1.41 2.65 5.57
CA PRO A 22 -1.20 1.21 5.75
C PRO A 22 0.14 0.90 6.41
N ARG A 23 0.16 -0.14 7.23
CA ARG A 23 1.38 -0.54 7.92
C ARG A 23 1.88 -1.89 7.41
N ASP A 24 3.01 -2.34 7.94
CA ASP A 24 3.59 -3.61 7.54
C ASP A 24 3.83 -3.65 6.04
N VAL A 25 4.00 -2.48 5.44
CA VAL A 25 4.22 -2.38 4.00
C VAL A 25 5.69 -2.64 3.66
N GLN A 26 5.99 -3.87 3.29
CA GLN A 26 7.36 -4.25 2.93
C GLN A 26 7.39 -4.97 1.58
N ALA A 27 8.44 -4.70 0.80
CA ALA A 27 8.60 -5.32 -0.51
C ALA A 27 9.76 -6.30 -0.51
N ARG A 28 9.46 -7.56 -0.84
CA ARG A 28 10.48 -8.60 -0.88
C ARG A 28 10.58 -9.20 -2.28
N MET A 29 11.80 -9.30 -2.78
CA MET A 29 12.04 -9.86 -4.11
C MET A 29 12.04 -11.39 -4.07
N LEU A 30 11.50 -12.01 -5.11
CA LEU A 30 11.44 -13.46 -5.19
C LEU A 30 12.12 -13.97 -6.46
N SER A 31 12.01 -13.20 -7.54
CA SER A 31 12.60 -13.58 -8.81
C SER A 31 13.41 -12.41 -9.39
N SER A 32 13.81 -12.56 -10.64
CA SER A 32 14.59 -11.53 -11.32
C SER A 32 13.68 -10.40 -11.80
N THR A 33 12.41 -10.71 -11.98
CA THR A 33 11.44 -9.72 -12.44
C THR A 33 10.08 -9.94 -11.79
N THR A 34 10.09 -10.37 -10.53
CA THR A 34 8.86 -10.63 -9.79
C THR A 34 9.00 -10.20 -8.33
N ILE A 35 8.17 -9.25 -7.91
CA ILE A 35 8.19 -8.77 -6.55
C ILE A 35 6.90 -9.11 -5.82
N LEU A 36 6.84 -8.77 -4.53
CA LEU A 36 5.67 -9.03 -3.71
C LEU A 36 5.46 -7.94 -2.66
N VAL A 37 4.31 -7.30 -2.70
CA VAL A 37 3.99 -6.24 -1.76
C VAL A 37 2.91 -6.68 -0.77
N GLN A 38 3.26 -6.69 0.51
CA GLN A 38 2.32 -7.10 1.54
C GLN A 38 2.22 -6.03 2.63
N TRP A 39 1.01 -5.82 3.13
CA TRP A 39 0.77 -4.84 4.18
C TRP A 39 -0.44 -5.21 5.02
N LYS A 40 -0.68 -4.43 6.08
CA LYS A 40 -1.81 -4.67 6.96
C LYS A 40 -2.83 -3.54 6.88
N GLU A 41 -4.00 -3.77 7.45
CA GLU A 41 -5.06 -2.76 7.44
C GLU A 41 -4.65 -1.53 8.27
N PRO A 42 -5.31 -0.40 8.01
CA PRO A 42 -5.04 0.85 8.71
C PRO A 42 -5.49 0.81 10.17
N GLU A 43 -5.14 1.85 10.92
CA GLU A 43 -5.51 1.93 12.33
C GLU A 43 -6.84 2.65 12.51
N GLU A 44 -7.16 3.52 11.55
CA GLU A 44 -8.41 4.27 11.60
C GLU A 44 -9.23 4.07 10.33
N PRO A 45 -9.84 2.88 10.20
CA PRO A 45 -10.65 2.53 9.04
C PRO A 45 -11.87 3.43 8.89
N ASN A 46 -12.65 3.53 9.97
CA ASN A 46 -13.85 4.36 9.96
C ASN A 46 -14.87 3.84 8.96
N GLY A 47 -14.80 2.55 8.67
CA GLY A 47 -15.71 1.95 7.72
C GLY A 47 -15.13 0.71 7.05
N GLN A 48 -15.99 -0.03 6.34
CA GLN A 48 -15.55 -1.24 5.65
C GLN A 48 -14.61 -0.90 4.49
N ILE A 49 -13.43 -1.52 4.50
CA ILE A 49 -12.45 -1.29 3.46
C ILE A 49 -12.81 -2.02 2.17
N GLN A 50 -13.02 -1.27 1.09
CA GLN A 50 -13.38 -1.86 -0.19
C GLN A 50 -12.15 -2.38 -0.91
N GLY A 51 -10.99 -1.80 -0.60
CA GLY A 51 -9.76 -2.22 -1.22
C GLY A 51 -8.60 -1.28 -0.93
N TYR A 52 -7.62 -1.28 -1.83
CA TYR A 52 -6.45 -0.41 -1.65
C TYR A 52 -5.89 0.01 -3.01
N ARG A 53 -4.95 0.96 -2.98
CA ARG A 53 -4.34 1.46 -4.20
C ARG A 53 -2.82 1.35 -4.13
N VAL A 54 -2.22 0.88 -5.22
CA VAL A 54 -0.77 0.72 -5.28
C VAL A 54 -0.16 1.63 -6.34
N TYR A 55 1.05 2.12 -6.07
CA TYR A 55 1.74 3.01 -7.00
C TYR A 55 3.20 2.59 -7.17
N TYR A 56 3.57 2.25 -8.40
CA TYR A 56 4.94 1.84 -8.68
C TYR A 56 5.31 2.19 -10.12
N THR A 57 6.47 2.83 -10.28
CA THR A 57 6.95 3.22 -11.60
C THR A 57 8.45 3.49 -11.59
N MET A 58 9.09 3.31 -12.73
CA MET A 58 10.53 3.53 -12.86
C MET A 58 10.84 5.02 -12.99
N ASP A 59 9.85 5.79 -13.44
CA ASP A 59 10.02 7.23 -13.61
C ASP A 59 9.15 8.00 -12.62
N PRO A 60 9.59 8.03 -11.35
CA PRO A 60 8.86 8.74 -10.29
C PRO A 60 8.91 10.25 -10.45
N THR A 61 9.73 10.71 -11.39
CA THR A 61 9.87 12.14 -11.65
C THR A 61 8.54 12.75 -12.07
N GLN A 62 7.62 11.91 -12.51
CA GLN A 62 6.30 12.38 -12.94
C GLN A 62 5.32 12.39 -11.77
N HIS A 63 4.10 12.85 -12.04
CA HIS A 63 3.07 12.92 -11.02
C HIS A 63 2.56 11.52 -10.68
N VAL A 64 2.16 11.33 -9.43
CA VAL A 64 1.64 10.04 -8.97
C VAL A 64 0.47 9.59 -9.83
N ASN A 65 -0.22 10.54 -10.44
CA ASN A 65 -1.36 10.25 -11.29
C ASN A 65 -0.91 9.70 -12.64
N ASN A 66 0.31 10.04 -13.04
CA ASN A 66 0.86 9.59 -14.31
C ASN A 66 1.50 8.22 -14.16
N TRP A 67 1.89 7.88 -12.94
CA TRP A 67 2.52 6.60 -12.66
C TRP A 67 1.68 5.45 -13.19
N MET A 68 2.23 4.24 -13.17
CA MET A 68 1.52 3.06 -13.65
C MET A 68 0.36 2.72 -12.72
N LYS A 69 0.64 2.65 -11.43
CA LYS A 69 -0.39 2.33 -10.44
C LYS A 69 -0.94 0.92 -10.66
N HIS A 70 -1.59 0.38 -9.64
CA HIS A 70 -2.17 -0.96 -9.72
C HIS A 70 -3.55 -0.99 -9.09
N ASN A 71 -4.13 -2.18 -9.01
CA ASN A 71 -5.46 -2.36 -8.43
C ASN A 71 -5.43 -3.40 -7.31
N VAL A 72 -6.38 -3.29 -6.38
CA VAL A 72 -6.46 -4.21 -5.27
C VAL A 72 -7.90 -4.38 -4.80
N ALA A 73 -8.24 -5.60 -4.39
CA ALA A 73 -9.59 -5.90 -3.92
C ALA A 73 -9.57 -6.45 -2.49
N ASP A 74 -9.09 -5.64 -1.56
CA ASP A 74 -9.01 -6.04 -0.17
C ASP A 74 -8.30 -7.38 -0.02
N SER A 75 -7.04 -7.42 -0.44
CA SER A 75 -6.25 -8.65 -0.36
C SER A 75 -5.07 -8.47 0.59
N GLN A 76 -4.64 -7.22 0.77
CA GLN A 76 -3.52 -6.92 1.64
C GLN A 76 -2.23 -7.55 1.13
N ILE A 77 -2.23 -7.93 -0.15
CA ILE A 77 -1.07 -8.53 -0.77
C ILE A 77 -1.19 -8.54 -2.29
N THR A 78 -0.10 -8.17 -2.96
CA THR A 78 -0.08 -8.12 -4.42
C THR A 78 1.29 -8.52 -4.96
N THR A 79 1.30 -9.07 -6.17
CA THR A 79 2.54 -9.49 -6.81
C THR A 79 2.71 -8.84 -8.17
N ILE A 80 3.77 -8.04 -8.32
CA ILE A 80 4.04 -7.36 -9.58
C ILE A 80 5.22 -8.00 -10.30
N GLY A 81 5.14 -8.06 -11.63
CA GLY A 81 6.21 -8.64 -12.41
C GLY A 81 6.38 -7.96 -13.76
N ASN A 82 7.09 -8.62 -14.67
CA ASN A 82 7.32 -8.07 -16.00
C ASN A 82 8.15 -6.79 -15.92
N LEU A 83 8.98 -6.69 -14.89
CA LEU A 83 9.81 -5.51 -14.70
C LEU A 83 11.21 -5.73 -15.28
N VAL A 84 12.13 -4.82 -14.99
CA VAL A 84 13.49 -4.92 -15.47
C VAL A 84 14.49 -5.00 -14.32
N PRO A 85 15.43 -5.95 -14.42
CA PRO A 85 16.45 -6.17 -13.39
C PRO A 85 17.47 -5.03 -13.34
N GLN A 86 18.13 -4.87 -12.20
CA GLN A 86 19.12 -3.82 -12.04
C GLN A 86 18.52 -2.45 -12.29
N LYS A 87 17.37 -2.19 -11.67
CA LYS A 87 16.69 -0.91 -11.83
C LYS A 87 15.83 -0.60 -10.61
N THR A 88 16.07 0.58 -10.02
CA THR A 88 15.32 1.00 -8.85
C THR A 88 13.84 1.16 -9.15
N TYR A 89 12.99 0.77 -8.21
CA TYR A 89 11.55 0.87 -8.38
C TYR A 89 10.87 1.30 -7.09
N SER A 90 10.04 2.32 -7.17
CA SER A 90 9.32 2.84 -6.01
C SER A 90 8.00 2.10 -5.81
N VAL A 91 7.51 2.10 -4.58
CA VAL A 91 6.25 1.43 -4.25
C VAL A 91 5.52 2.16 -3.14
N LYS A 92 4.19 2.24 -3.28
CA LYS A 92 3.36 2.91 -2.28
C LYS A 92 2.01 2.21 -2.14
N VAL A 93 1.40 2.37 -0.97
CA VAL A 93 0.09 1.76 -0.71
C VAL A 93 -0.76 2.65 0.17
N LEU A 94 -2.07 2.64 -0.07
CA LEU A 94 -3.00 3.45 0.70
C LEU A 94 -4.33 2.72 0.90
N ALA A 95 -5.16 3.25 1.78
CA ALA A 95 -6.47 2.65 2.05
C ALA A 95 -7.60 3.59 1.68
N PHE A 96 -8.69 3.03 1.17
CA PHE A 96 -9.84 3.83 0.76
C PHE A 96 -11.14 3.08 1.05
N THR A 97 -12.18 3.82 1.42
CA THR A 97 -13.48 3.23 1.72
C THR A 97 -14.57 3.85 0.86
N SER A 98 -15.79 3.34 1.01
CA SER A 98 -16.93 3.84 0.25
C SER A 98 -17.10 5.34 0.45
N ILE A 99 -16.63 5.84 1.59
CA ILE A 99 -16.72 7.27 1.89
C ILE A 99 -15.73 8.07 1.06
N GLY A 100 -14.46 7.71 1.14
CA GLY A 100 -13.44 8.42 0.38
C GLY A 100 -12.11 7.69 0.38
N ASP A 101 -11.04 8.42 0.12
CA ASP A 101 -9.70 7.83 0.09
C ASP A 101 -8.91 8.21 1.34
N GLY A 102 -7.79 7.53 1.56
CA GLY A 102 -6.96 7.80 2.72
C GLY A 102 -5.55 8.19 2.35
N PRO A 103 -4.77 8.62 3.35
CA PRO A 103 -3.37 9.03 3.15
C PRO A 103 -2.47 7.86 2.79
N LEU A 104 -1.48 8.11 1.93
CA LEU A 104 -0.55 7.08 1.52
C LEU A 104 0.45 6.76 2.63
N SER A 105 1.29 5.76 2.40
CA SER A 105 2.28 5.36 3.39
C SER A 105 3.67 5.89 3.01
N SER A 106 4.68 5.47 3.76
CA SER A 106 6.04 5.91 3.51
C SER A 106 6.54 5.39 2.16
N ASP A 107 7.14 6.27 1.38
CA ASP A 107 7.67 5.91 0.06
C ASP A 107 8.81 4.91 0.20
N ILE A 108 8.51 3.65 -0.11
CA ILE A 108 9.53 2.59 -0.03
C ILE A 108 10.13 2.30 -1.40
N GLN A 109 11.38 1.84 -1.40
CA GLN A 109 12.06 1.52 -2.64
C GLN A 109 12.71 0.14 -2.57
N VAL A 110 12.88 -0.49 -3.73
CA VAL A 110 13.49 -1.82 -3.79
C VAL A 110 14.11 -2.08 -5.16
N ILE A 111 15.35 -2.56 -5.15
CA ILE A 111 16.07 -2.85 -6.39
C ILE A 111 15.77 -4.27 -6.88
N THR A 112 15.68 -4.43 -8.20
CA THR A 112 15.41 -5.73 -8.79
C THR A 112 16.70 -6.52 -9.01
N GLN A 113 17.11 -7.25 -7.98
CA GLN A 113 18.34 -8.05 -8.06
C GLN A 113 18.18 -9.36 -7.31
N THR A 114 16.94 -9.70 -6.97
CA THR A 114 16.64 -10.93 -6.24
C THR A 114 17.73 -11.22 -5.21
N GLY A 115 18.14 -10.19 -4.49
CA GLY A 115 19.16 -10.35 -3.47
C GLY A 115 18.60 -10.31 -2.06
N SER A 116 17.58 -9.48 -1.87
CA SER A 116 16.95 -9.33 -0.56
C SER A 116 17.98 -8.91 0.49
N GLY A 117 18.06 -7.60 0.72
CA GLY A 117 19.00 -7.08 1.69
C GLY A 117 19.16 -5.57 1.59
N PRO A 118 18.12 -4.83 2.00
CA PRO A 118 18.13 -3.36 1.96
C PRO A 118 19.09 -2.76 2.99
N SER A 119 19.61 -1.59 2.68
CA SER A 119 20.55 -0.91 3.56
C SER A 119 19.87 0.25 4.29
N SER A 120 19.11 -0.07 5.33
CA SER A 120 18.40 0.95 6.11
C SER A 120 17.49 1.77 5.21
N GLY A 121 16.88 2.80 5.78
CA GLY A 121 15.99 3.65 5.02
C GLY A 121 16.69 4.88 4.46
N GLY A 1 -43.57 -1.92 2.23
CA GLY A 1 -44.92 -1.91 1.71
C GLY A 1 -45.49 -0.50 1.62
N SER A 2 -46.75 -0.42 1.19
CA SER A 2 -47.42 0.87 1.05
C SER A 2 -48.12 1.26 2.35
N SER A 3 -48.70 0.27 3.02
CA SER A 3 -49.40 0.52 4.28
C SER A 3 -48.77 -0.27 5.42
N GLY A 4 -47.62 0.21 5.89
CA GLY A 4 -46.92 -0.46 6.97
C GLY A 4 -45.50 0.03 7.13
N SER A 5 -45.34 1.25 7.63
CA SER A 5 -44.02 1.84 7.83
C SER A 5 -43.21 1.79 6.54
N SER A 6 -41.92 2.12 6.65
CA SER A 6 -41.04 2.13 5.50
C SER A 6 -39.66 1.57 5.87
N GLY A 7 -38.98 2.27 6.76
CA GLY A 7 -37.65 1.83 7.20
C GLY A 7 -37.08 2.71 8.30
N PRO A 8 -37.71 2.64 9.48
CA PRO A 8 -37.27 3.43 10.65
C PRO A 8 -35.93 2.95 11.20
N VAL A 9 -34.96 3.86 11.25
CA VAL A 9 -33.63 3.52 11.76
C VAL A 9 -33.16 4.58 12.76
N LEU A 10 -31.96 4.37 13.31
CA LEU A 10 -31.39 5.29 14.27
C LEU A 10 -30.07 5.87 13.77
N THR A 11 -29.78 7.10 14.15
CA THR A 11 -28.55 7.76 13.75
C THR A 11 -27.49 7.68 14.83
N GLN A 12 -26.42 6.94 14.56
CA GLN A 12 -25.34 6.77 15.52
C GLN A 12 -23.99 6.72 14.81
N THR A 13 -23.08 7.60 15.21
CA THR A 13 -21.74 7.64 14.61
C THR A 13 -21.83 7.94 13.12
N SER A 14 -20.67 8.04 12.48
CA SER A 14 -20.61 8.33 11.05
C SER A 14 -19.30 7.81 10.45
N GLU A 15 -19.42 6.86 9.53
CA GLU A 15 -18.24 6.27 8.88
C GLU A 15 -17.69 7.22 7.81
N GLN A 16 -16.41 7.57 7.95
CA GLN A 16 -15.76 8.47 7.00
C GLN A 16 -14.62 7.77 6.29
N ALA A 17 -13.92 8.51 5.44
CA ALA A 17 -12.79 7.95 4.70
C ALA A 17 -11.62 7.67 5.62
N PRO A 18 -10.71 6.79 5.16
CA PRO A 18 -9.52 6.40 5.94
C PRO A 18 -8.50 7.55 6.05
N SER A 19 -8.21 7.95 7.28
CA SER A 19 -7.26 9.02 7.53
C SER A 19 -5.99 8.49 8.18
N SER A 20 -5.57 7.30 7.77
CA SER A 20 -4.37 6.67 8.32
C SER A 20 -3.68 5.81 7.29
N ALA A 21 -2.37 5.97 7.15
CA ALA A 21 -1.59 5.21 6.20
C ALA A 21 -1.49 3.74 6.61
N PRO A 22 -1.27 2.86 5.63
CA PRO A 22 -1.15 1.41 5.87
C PRO A 22 0.12 1.06 6.62
N ARG A 23 0.18 -0.17 7.12
CA ARG A 23 1.35 -0.64 7.87
C ARG A 23 1.85 -1.97 7.31
N ASP A 24 2.92 -2.48 7.90
CA ASP A 24 3.49 -3.76 7.46
C ASP A 24 3.74 -3.76 5.96
N VAL A 25 4.00 -2.57 5.41
CA VAL A 25 4.25 -2.44 3.98
C VAL A 25 5.73 -2.68 3.65
N GLN A 26 6.00 -3.78 2.95
CA GLN A 26 7.37 -4.12 2.57
C GLN A 26 7.40 -4.78 1.19
N ALA A 27 8.55 -4.70 0.53
CA ALA A 27 8.72 -5.29 -0.79
C ALA A 27 9.87 -6.27 -0.81
N ARG A 28 9.57 -7.52 -1.17
CA ARG A 28 10.58 -8.56 -1.21
C ARG A 28 10.69 -9.15 -2.62
N MET A 29 11.91 -9.24 -3.13
CA MET A 29 12.15 -9.78 -4.46
C MET A 29 12.21 -11.30 -4.42
N LEU A 30 11.55 -11.95 -5.38
CA LEU A 30 11.53 -13.40 -5.46
C LEU A 30 12.16 -13.87 -6.77
N SER A 31 12.09 -13.05 -7.80
CA SER A 31 12.65 -13.39 -9.09
C SER A 31 13.44 -12.22 -9.67
N SER A 32 13.81 -12.33 -10.95
CA SER A 32 14.57 -11.28 -11.62
C SER A 32 13.64 -10.20 -12.14
N THR A 33 12.36 -10.55 -12.30
CA THR A 33 11.37 -9.60 -12.80
C THR A 33 10.02 -9.79 -12.10
N THR A 34 10.07 -10.27 -10.86
CA THR A 34 8.86 -10.50 -10.09
C THR A 34 9.04 -10.05 -8.63
N ILE A 35 8.22 -9.10 -8.21
CA ILE A 35 8.29 -8.59 -6.84
C ILE A 35 7.04 -8.97 -6.06
N LEU A 36 7.09 -8.76 -4.74
CA LEU A 36 5.96 -9.08 -3.87
C LEU A 36 5.71 -7.94 -2.89
N VAL A 37 4.49 -7.39 -2.91
CA VAL A 37 4.13 -6.31 -2.02
C VAL A 37 3.08 -6.77 -1.00
N GLN A 38 3.44 -6.70 0.28
CA GLN A 38 2.54 -7.11 1.35
C GLN A 38 2.34 -5.99 2.34
N TRP A 39 1.09 -5.75 2.73
CA TRP A 39 0.76 -4.70 3.70
C TRP A 39 -0.35 -5.15 4.63
N LYS A 40 -0.67 -4.30 5.61
CA LYS A 40 -1.71 -4.60 6.57
C LYS A 40 -2.83 -3.55 6.52
N GLU A 41 -3.84 -3.73 7.36
CA GLU A 41 -4.96 -2.79 7.41
C GLU A 41 -4.57 -1.54 8.19
N PRO A 42 -5.28 -0.43 7.90
CA PRO A 42 -5.04 0.86 8.55
C PRO A 42 -5.47 0.85 10.02
N GLU A 43 -5.13 1.93 10.73
CA GLU A 43 -5.48 2.05 12.13
C GLU A 43 -6.77 2.86 12.32
N GLU A 44 -7.05 3.72 11.35
CA GLU A 44 -8.24 4.56 11.40
C GLU A 44 -9.06 4.43 10.11
N PRO A 45 -9.65 3.24 9.92
CA PRO A 45 -10.47 2.95 8.73
C PRO A 45 -11.69 3.85 8.64
N ASN A 46 -12.46 3.90 9.73
CA ASN A 46 -13.67 4.72 9.77
C ASN A 46 -14.70 4.23 8.75
N GLY A 47 -14.61 2.95 8.39
CA GLY A 47 -15.54 2.38 7.44
C GLY A 47 -15.06 1.06 6.88
N GLN A 48 -15.96 0.33 6.23
CA GLN A 48 -15.63 -0.97 5.66
C GLN A 48 -14.76 -0.80 4.41
N ILE A 49 -13.49 -1.18 4.53
CA ILE A 49 -12.56 -1.08 3.42
C ILE A 49 -13.06 -1.85 2.20
N GLN A 50 -13.03 -1.21 1.04
CA GLN A 50 -13.49 -1.84 -0.19
C GLN A 50 -12.31 -2.37 -1.00
N GLY A 51 -11.13 -1.78 -0.78
CA GLY A 51 -9.94 -2.20 -1.50
C GLY A 51 -8.75 -1.33 -1.19
N TYR A 52 -7.62 -1.63 -1.85
CA TYR A 52 -6.40 -0.86 -1.64
C TYR A 52 -5.71 -0.56 -2.96
N ARG A 53 -4.98 0.55 -3.01
CA ARG A 53 -4.28 0.95 -4.22
C ARG A 53 -2.77 0.93 -4.00
N VAL A 54 -2.06 0.29 -4.92
CA VAL A 54 -0.61 0.19 -4.84
C VAL A 54 0.06 0.91 -6.00
N TYR A 55 0.93 1.87 -5.67
CA TYR A 55 1.63 2.64 -6.69
C TYR A 55 3.05 2.10 -6.90
N TYR A 56 3.46 2.01 -8.16
CA TYR A 56 4.79 1.50 -8.49
C TYR A 56 5.19 1.94 -9.90
N THR A 57 6.38 2.54 -10.00
CA THR A 57 6.88 3.00 -11.30
C THR A 57 8.41 3.07 -11.29
N MET A 58 9.00 2.96 -12.48
CA MET A 58 10.45 3.00 -12.62
C MET A 58 10.94 4.44 -12.71
N ASP A 59 10.01 5.36 -12.98
CA ASP A 59 10.36 6.77 -13.09
C ASP A 59 9.76 7.57 -11.95
N PRO A 60 10.39 7.49 -10.76
CA PRO A 60 9.93 8.21 -9.57
C PRO A 60 10.12 9.72 -9.68
N THR A 61 10.81 10.14 -10.74
CA THR A 61 11.06 11.56 -10.97
C THR A 61 9.76 12.35 -11.03
N GLN A 62 8.67 11.66 -11.36
CA GLN A 62 7.37 12.28 -11.46
C GLN A 62 6.60 12.15 -10.15
N HIS A 63 5.46 12.84 -10.07
CA HIS A 63 4.62 12.79 -8.88
C HIS A 63 3.90 11.46 -8.77
N VAL A 64 3.65 11.03 -7.54
CA VAL A 64 2.96 9.76 -7.30
C VAL A 64 1.65 9.69 -8.09
N ASN A 65 0.92 10.80 -8.11
CA ASN A 65 -0.35 10.85 -8.83
C ASN A 65 -0.16 10.46 -10.30
N ASN A 66 1.05 10.65 -10.80
CA ASN A 66 1.37 10.31 -12.18
C ASN A 66 1.81 8.86 -12.31
N TRP A 67 2.30 8.30 -11.21
CA TRP A 67 2.76 6.92 -11.19
C TRP A 67 1.63 5.97 -11.59
N MET A 68 1.91 4.67 -11.49
CA MET A 68 0.91 3.65 -11.84
C MET A 68 0.09 3.25 -10.62
N LYS A 69 -0.96 2.47 -10.85
CA LYS A 69 -1.82 2.01 -9.76
C LYS A 69 -2.35 0.61 -10.04
N HIS A 70 -2.62 -0.14 -8.97
CA HIS A 70 -3.12 -1.50 -9.11
C HIS A 70 -4.56 -1.59 -8.60
N ASN A 71 -5.10 -2.81 -8.57
CA ASN A 71 -6.47 -3.03 -8.10
C ASN A 71 -6.58 -4.37 -7.38
N VAL A 72 -6.88 -4.32 -6.09
CA VAL A 72 -7.01 -5.52 -5.28
C VAL A 72 -8.42 -5.63 -4.70
N ALA A 73 -8.67 -6.72 -3.97
CA ALA A 73 -9.97 -6.95 -3.36
C ALA A 73 -9.83 -7.62 -2.00
N ASP A 74 -9.31 -6.87 -1.03
CA ASP A 74 -9.13 -7.39 0.32
C ASP A 74 -8.12 -8.54 0.32
N SER A 75 -7.00 -8.33 -0.37
CA SER A 75 -5.95 -9.35 -0.46
C SER A 75 -4.80 -9.02 0.47
N GLN A 76 -4.52 -7.73 0.63
CA GLN A 76 -3.44 -7.28 1.49
C GLN A 76 -2.09 -7.76 0.97
N ILE A 77 -2.07 -8.20 -0.28
CA ILE A 77 -0.84 -8.68 -0.90
C ILE A 77 -0.99 -8.79 -2.42
N THR A 78 0.01 -8.33 -3.14
CA THR A 78 0.00 -8.37 -4.60
C THR A 78 1.41 -8.55 -5.16
N THR A 79 1.52 -9.37 -6.20
CA THR A 79 2.81 -9.63 -6.83
C THR A 79 2.87 -9.01 -8.22
N ILE A 80 3.80 -8.06 -8.40
CA ILE A 80 3.96 -7.40 -9.69
C ILE A 80 5.13 -7.97 -10.46
N GLY A 81 4.99 -8.06 -11.78
CA GLY A 81 6.05 -8.59 -12.62
C GLY A 81 6.22 -7.81 -13.90
N ASN A 82 6.95 -8.40 -14.85
CA ASN A 82 7.19 -7.75 -16.13
C ASN A 82 7.99 -6.47 -15.96
N LEU A 83 8.84 -6.44 -14.94
CA LEU A 83 9.66 -5.27 -14.65
C LEU A 83 11.07 -5.46 -15.20
N VAL A 84 11.93 -4.48 -14.95
CA VAL A 84 13.31 -4.53 -15.43
C VAL A 84 14.29 -4.69 -14.26
N PRO A 85 15.24 -5.62 -14.40
CA PRO A 85 16.24 -5.88 -13.37
C PRO A 85 17.25 -4.74 -13.24
N GLN A 86 17.92 -4.69 -12.09
CA GLN A 86 18.91 -3.64 -11.84
C GLN A 86 18.32 -2.26 -12.08
N LYS A 87 17.19 -1.99 -11.44
CA LYS A 87 16.52 -0.70 -11.59
C LYS A 87 15.69 -0.37 -10.35
N THR A 88 15.90 0.83 -9.80
CA THR A 88 15.18 1.26 -8.62
C THR A 88 13.67 1.34 -8.89
N TYR A 89 12.88 0.83 -7.95
CA TYR A 89 11.43 0.83 -8.10
C TYR A 89 10.76 1.31 -6.81
N SER A 90 9.87 2.29 -6.94
CA SER A 90 9.16 2.84 -5.80
C SER A 90 7.89 2.03 -5.50
N VAL A 91 7.47 2.05 -4.24
CA VAL A 91 6.28 1.33 -3.83
C VAL A 91 5.53 2.08 -2.72
N LYS A 92 4.26 2.36 -2.96
CA LYS A 92 3.44 3.07 -1.99
C LYS A 92 2.02 2.52 -1.96
N VAL A 93 1.55 2.15 -0.77
CA VAL A 93 0.21 1.61 -0.60
C VAL A 93 -0.68 2.55 0.20
N LEU A 94 -1.97 2.51 -0.07
CA LEU A 94 -2.93 3.37 0.63
C LEU A 94 -4.25 2.64 0.86
N ALA A 95 -5.11 3.22 1.68
CA ALA A 95 -6.41 2.63 1.98
C ALA A 95 -7.55 3.56 1.58
N PHE A 96 -8.63 2.99 1.09
CA PHE A 96 -9.79 3.77 0.67
C PHE A 96 -11.08 2.99 0.91
N THR A 97 -12.14 3.72 1.28
CA THR A 97 -13.42 3.11 1.55
C THR A 97 -14.52 3.72 0.68
N SER A 98 -15.75 3.28 0.89
CA SER A 98 -16.88 3.78 0.12
C SER A 98 -17.00 5.30 0.25
N ILE A 99 -16.54 5.83 1.37
CA ILE A 99 -16.59 7.26 1.62
C ILE A 99 -15.62 8.02 0.71
N GLY A 100 -14.33 7.75 0.88
CA GLY A 100 -13.32 8.41 0.05
C GLY A 100 -12.01 7.67 0.04
N ASP A 101 -10.92 8.40 -0.15
CA ASP A 101 -9.59 7.80 -0.19
C ASP A 101 -8.76 8.24 1.01
N GLY A 102 -7.68 7.51 1.28
CA GLY A 102 -6.82 7.84 2.40
C GLY A 102 -5.43 8.23 1.97
N PRO A 103 -4.62 8.71 2.93
CA PRO A 103 -3.25 9.14 2.66
C PRO A 103 -2.33 7.97 2.34
N LEU A 104 -1.28 8.24 1.57
CA LEU A 104 -0.33 7.21 1.19
C LEU A 104 0.54 6.80 2.37
N SER A 105 1.39 5.81 2.16
CA SER A 105 2.28 5.32 3.21
C SER A 105 3.71 5.81 2.99
N SER A 106 4.61 5.42 3.89
CA SER A 106 6.01 5.82 3.79
C SER A 106 6.58 5.47 2.43
N ASP A 107 7.36 6.39 1.87
CA ASP A 107 7.97 6.17 0.56
C ASP A 107 9.10 5.14 0.66
N ILE A 108 8.92 4.01 -0.03
CA ILE A 108 9.93 2.95 -0.02
C ILE A 108 10.35 2.59 -1.43
N GLN A 109 11.61 2.21 -1.59
CA GLN A 109 12.14 1.83 -2.90
C GLN A 109 12.88 0.50 -2.82
N VAL A 110 12.59 -0.39 -3.77
CA VAL A 110 13.22 -1.69 -3.81
C VAL A 110 13.90 -1.93 -5.16
N ILE A 111 15.15 -2.40 -5.11
CA ILE A 111 15.92 -2.66 -6.32
C ILE A 111 15.63 -4.06 -6.85
N THR A 112 15.39 -4.15 -8.15
CA THR A 112 15.11 -5.44 -8.78
C THR A 112 16.36 -6.31 -8.87
N GLN A 113 16.60 -7.10 -7.82
CA GLN A 113 17.75 -7.98 -7.78
C GLN A 113 17.40 -9.32 -7.14
N THR A 114 17.90 -10.40 -7.73
CA THR A 114 17.64 -11.74 -7.23
C THR A 114 18.57 -12.08 -6.07
N GLY A 115 18.08 -11.93 -4.85
CA GLY A 115 18.87 -12.23 -3.68
C GLY A 115 18.16 -11.90 -2.38
N SER A 116 17.82 -10.63 -2.19
CA SER A 116 17.13 -10.18 -0.99
C SER A 116 17.97 -10.48 0.26
N GLY A 117 17.39 -10.23 1.43
CA GLY A 117 18.10 -10.47 2.67
C GLY A 117 18.82 -9.25 3.17
N PRO A 118 18.08 -8.29 3.72
CA PRO A 118 18.65 -7.04 4.25
C PRO A 118 19.46 -7.27 5.52
N SER A 119 20.46 -6.42 5.73
CA SER A 119 21.33 -6.53 6.90
C SER A 119 22.26 -5.33 6.99
N SER A 120 22.36 -4.75 8.19
CA SER A 120 23.22 -3.59 8.41
C SER A 120 24.57 -4.03 8.97
N GLY A 121 25.59 -3.21 8.72
CA GLY A 121 26.92 -3.53 9.21
C GLY A 121 27.23 -2.87 10.54
N GLY A 1 0.83 19.32 29.85
CA GLY A 1 -0.11 20.30 29.34
C GLY A 1 -0.71 21.15 30.45
N SER A 2 -1.07 22.39 30.11
CA SER A 2 -1.64 23.31 31.09
C SER A 2 -3.17 23.27 31.03
N SER A 3 -3.72 23.56 29.87
CA SER A 3 -5.17 23.56 29.68
C SER A 3 -5.55 22.88 28.38
N GLY A 4 -6.76 22.31 28.33
CA GLY A 4 -7.22 21.64 27.14
C GLY A 4 -8.33 20.64 27.43
N SER A 5 -8.40 19.58 26.63
CA SER A 5 -9.42 18.56 26.81
C SER A 5 -10.81 19.17 26.74
N SER A 6 -11.39 19.21 25.54
CA SER A 6 -12.72 19.76 25.35
C SER A 6 -13.25 19.45 23.96
N GLY A 7 -14.56 19.26 23.84
CA GLY A 7 -15.17 18.96 22.56
C GLY A 7 -16.62 18.56 22.69
N PRO A 8 -17.31 18.48 21.55
CA PRO A 8 -18.73 18.10 21.50
C PRO A 8 -18.95 16.63 21.86
N VAL A 9 -20.21 16.24 22.03
CA VAL A 9 -20.56 14.87 22.37
C VAL A 9 -21.01 14.10 21.13
N LEU A 10 -20.21 13.13 20.72
CA LEU A 10 -20.52 12.31 19.56
C LEU A 10 -20.41 10.83 19.88
N THR A 11 -20.97 9.99 19.01
CA THR A 11 -20.93 8.55 19.21
C THR A 11 -20.76 7.82 17.87
N GLN A 12 -21.75 7.95 17.00
CA GLN A 12 -21.72 7.30 15.70
C GLN A 12 -22.81 7.86 14.78
N THR A 13 -22.40 8.62 13.77
CA THR A 13 -23.34 9.21 12.84
C THR A 13 -23.32 8.48 11.50
N SER A 14 -22.12 8.32 10.93
CA SER A 14 -21.97 7.63 9.65
C SER A 14 -20.51 7.28 9.40
N GLU A 15 -20.29 6.28 8.55
CA GLU A 15 -18.94 5.84 8.23
C GLU A 15 -18.20 6.91 7.42
N GLN A 16 -16.89 7.00 7.62
CA GLN A 16 -16.08 7.97 6.92
C GLN A 16 -14.89 7.29 6.22
N ALA A 17 -14.04 8.09 5.59
CA ALA A 17 -12.88 7.57 4.88
C ALA A 17 -11.70 7.40 5.84
N PRO A 18 -10.74 6.56 5.43
CA PRO A 18 -9.54 6.29 6.24
C PRO A 18 -8.61 7.49 6.31
N SER A 19 -8.13 7.81 7.52
CA SER A 19 -7.24 8.93 7.72
C SER A 19 -5.91 8.47 8.32
N SER A 20 -5.49 7.26 7.96
CA SER A 20 -4.25 6.70 8.47
C SER A 20 -3.60 5.79 7.44
N ALA A 21 -2.29 5.93 7.27
CA ALA A 21 -1.55 5.12 6.31
C ALA A 21 -1.46 3.67 6.77
N PRO A 22 -1.29 2.75 5.81
CA PRO A 22 -1.19 1.32 6.09
C PRO A 22 0.10 0.96 6.81
N ARG A 23 0.13 -0.23 7.41
CA ARG A 23 1.31 -0.70 8.13
C ARG A 23 1.79 -2.04 7.57
N ASP A 24 2.91 -2.51 8.10
CA ASP A 24 3.48 -3.78 7.66
C ASP A 24 3.75 -3.76 6.16
N VAL A 25 3.96 -2.56 5.61
CA VAL A 25 4.22 -2.41 4.19
C VAL A 25 5.68 -2.68 3.88
N GLN A 26 5.93 -3.77 3.14
CA GLN A 26 7.30 -4.14 2.77
C GLN A 26 7.30 -4.91 1.45
N ALA A 27 8.31 -4.67 0.63
CA ALA A 27 8.44 -5.35 -0.66
C ALA A 27 9.65 -6.28 -0.67
N ARG A 28 9.40 -7.56 -0.95
CA ARG A 28 10.46 -8.55 -0.99
C ARG A 28 10.57 -9.18 -2.38
N MET A 29 11.76 -9.17 -2.95
CA MET A 29 11.99 -9.74 -4.27
C MET A 29 12.00 -11.26 -4.21
N LEU A 30 11.37 -11.89 -5.20
CA LEU A 30 11.31 -13.35 -5.26
C LEU A 30 12.01 -13.88 -6.50
N SER A 31 12.00 -13.08 -7.56
CA SER A 31 12.64 -13.47 -8.82
C SER A 31 13.42 -12.30 -9.42
N SER A 32 13.86 -12.47 -10.67
CA SER A 32 14.62 -11.43 -11.35
C SER A 32 13.70 -10.32 -11.85
N THR A 33 12.43 -10.67 -12.06
CA THR A 33 11.45 -9.70 -12.52
C THR A 33 10.09 -9.94 -11.88
N THR A 34 10.11 -10.37 -10.63
CA THR A 34 8.88 -10.64 -9.89
C THR A 34 8.99 -10.19 -8.44
N ILE A 35 8.14 -9.25 -8.04
CA ILE A 35 8.15 -8.73 -6.68
C ILE A 35 6.88 -9.13 -5.93
N LEU A 36 6.76 -8.66 -4.70
CA LEU A 36 5.59 -8.96 -3.88
C LEU A 36 5.42 -7.92 -2.77
N VAL A 37 4.26 -7.26 -2.75
CA VAL A 37 3.97 -6.25 -1.75
C VAL A 37 2.88 -6.72 -0.79
N GLN A 38 3.22 -6.82 0.49
CA GLN A 38 2.28 -7.27 1.50
C GLN A 38 2.17 -6.24 2.63
N TRP A 39 0.95 -5.86 2.96
CA TRP A 39 0.71 -4.89 4.02
C TRP A 39 -0.47 -5.31 4.89
N LYS A 40 -0.63 -4.63 6.03
CA LYS A 40 -1.72 -4.94 6.95
C LYS A 40 -2.73 -3.81 6.98
N GLU A 41 -3.92 -4.09 7.50
CA GLU A 41 -4.98 -3.09 7.59
C GLU A 41 -4.52 -1.88 8.40
N PRO A 42 -5.23 -0.75 8.21
CA PRO A 42 -4.90 0.49 8.92
C PRO A 42 -5.23 0.42 10.40
N GLU A 43 -4.82 1.44 11.15
CA GLU A 43 -5.07 1.50 12.58
C GLU A 43 -6.33 2.32 12.90
N GLU A 44 -6.64 3.25 12.00
CA GLU A 44 -7.81 4.10 12.18
C GLU A 44 -8.62 4.21 10.89
N PRO A 45 -9.31 3.11 10.53
CA PRO A 45 -10.13 3.05 9.32
C PRO A 45 -11.28 4.05 9.35
N ASN A 46 -12.08 3.99 10.40
CA ASN A 46 -13.23 4.89 10.55
C ASN A 46 -14.24 4.67 9.43
N GLY A 47 -14.25 3.46 8.88
CA GLY A 47 -15.18 3.14 7.81
C GLY A 47 -15.06 1.70 7.35
N GLN A 48 -15.73 1.38 6.25
CA GLN A 48 -15.70 0.02 5.71
C GLN A 48 -14.72 -0.07 4.54
N ILE A 49 -13.62 -0.78 4.77
CA ILE A 49 -12.60 -0.95 3.74
C ILE A 49 -13.14 -1.76 2.56
N GLN A 50 -12.82 -1.31 1.35
CA GLN A 50 -13.28 -1.99 0.14
C GLN A 50 -12.09 -2.52 -0.66
N GLY A 51 -10.94 -1.86 -0.51
CA GLY A 51 -9.75 -2.28 -1.23
C GLY A 51 -8.57 -1.37 -0.97
N TYR A 52 -7.57 -1.45 -1.84
CA TYR A 52 -6.37 -0.63 -1.70
C TYR A 52 -5.79 -0.26 -3.06
N ARG A 53 -4.72 0.51 -3.05
CA ARG A 53 -4.06 0.93 -4.28
C ARG A 53 -2.55 0.89 -4.14
N VAL A 54 -1.87 0.38 -5.17
CA VAL A 54 -0.42 0.28 -5.16
C VAL A 54 0.20 1.16 -6.25
N TYR A 55 1.07 2.07 -5.84
CA TYR A 55 1.72 2.98 -6.78
C TYR A 55 3.16 2.54 -7.04
N TYR A 56 3.45 2.17 -8.28
CA TYR A 56 4.78 1.72 -8.66
C TYR A 56 5.10 2.10 -10.11
N THR A 57 6.25 2.74 -10.30
CA THR A 57 6.67 3.15 -11.64
C THR A 57 8.16 3.43 -11.69
N MET A 58 8.81 3.03 -12.78
CA MET A 58 10.23 3.24 -12.95
C MET A 58 10.56 4.72 -13.04
N ASP A 59 9.56 5.54 -13.36
CA ASP A 59 9.75 6.98 -13.47
C ASP A 59 9.00 7.71 -12.36
N PRO A 60 9.61 7.74 -11.16
CA PRO A 60 9.01 8.40 -9.99
C PRO A 60 9.00 9.92 -10.13
N THR A 61 9.65 10.42 -11.19
CA THR A 61 9.71 11.85 -11.43
C THR A 61 8.32 12.47 -11.40
N GLN A 62 7.31 11.69 -11.76
CA GLN A 62 5.94 12.17 -11.78
C GLN A 62 5.42 12.37 -10.36
N HIS A 63 4.26 13.03 -10.24
CA HIS A 63 3.66 13.29 -8.94
C HIS A 63 3.36 12.00 -8.20
N VAL A 64 2.21 11.40 -8.51
CA VAL A 64 1.81 10.15 -7.87
C VAL A 64 0.85 9.36 -8.76
N ASN A 65 -0.38 9.87 -8.88
CA ASN A 65 -1.40 9.22 -9.71
C ASN A 65 -0.88 8.99 -11.12
N ASN A 66 0.02 9.87 -11.57
CA ASN A 66 0.58 9.76 -12.92
C ASN A 66 1.33 8.44 -13.08
N TRP A 67 1.68 7.81 -11.96
CA TRP A 67 2.39 6.55 -11.98
C TRP A 67 1.57 5.47 -12.68
N MET A 68 2.09 4.24 -12.67
CA MET A 68 1.40 3.12 -13.31
C MET A 68 0.20 2.69 -12.48
N LYS A 69 0.37 2.67 -11.16
CA LYS A 69 -0.71 2.28 -10.25
C LYS A 69 -1.10 0.82 -10.47
N HIS A 70 -1.76 0.23 -9.48
CA HIS A 70 -2.19 -1.15 -9.56
C HIS A 70 -3.66 -1.31 -9.16
N ASN A 71 -4.13 -2.54 -9.11
CA ASN A 71 -5.51 -2.82 -8.73
C ASN A 71 -5.57 -3.83 -7.59
N VAL A 72 -6.38 -3.53 -6.58
CA VAL A 72 -6.54 -4.41 -5.43
C VAL A 72 -8.00 -4.51 -5.01
N ALA A 73 -8.40 -5.69 -4.56
CA ALA A 73 -9.77 -5.91 -4.11
C ALA A 73 -9.81 -6.45 -2.68
N ASP A 74 -9.19 -5.72 -1.76
CA ASP A 74 -9.15 -6.12 -0.36
C ASP A 74 -8.41 -7.44 -0.19
N SER A 75 -7.16 -7.47 -0.63
CA SER A 75 -6.34 -8.67 -0.53
C SER A 75 -5.15 -8.45 0.39
N GLN A 76 -4.73 -7.20 0.52
CA GLN A 76 -3.61 -6.85 1.37
C GLN A 76 -2.32 -7.50 0.86
N ILE A 77 -2.32 -7.89 -0.40
CA ILE A 77 -1.16 -8.53 -1.01
C ILE A 77 -1.29 -8.57 -2.53
N THR A 78 -0.21 -8.20 -3.22
CA THR A 78 -0.20 -8.19 -4.68
C THR A 78 1.17 -8.57 -5.22
N THR A 79 1.19 -9.21 -6.39
CA THR A 79 2.44 -9.61 -7.01
C THR A 79 2.62 -8.95 -8.36
N ILE A 80 3.67 -8.15 -8.49
CA ILE A 80 3.96 -7.45 -9.74
C ILE A 80 5.18 -8.04 -10.43
N GLY A 81 5.10 -8.17 -11.76
CA GLY A 81 6.20 -8.72 -12.51
C GLY A 81 6.38 -8.04 -13.86
N ASN A 82 7.13 -8.68 -14.74
CA ASN A 82 7.38 -8.13 -16.07
C ASN A 82 8.15 -6.81 -15.98
N LEU A 83 9.03 -6.71 -15.00
CA LEU A 83 9.83 -5.51 -14.79
C LEU A 83 11.25 -5.71 -15.30
N VAL A 84 12.12 -4.74 -15.02
CA VAL A 84 13.51 -4.81 -15.44
C VAL A 84 14.44 -4.89 -14.25
N PRO A 85 15.41 -5.82 -14.31
CA PRO A 85 16.39 -6.03 -13.24
C PRO A 85 17.38 -4.87 -13.14
N GLN A 86 18.04 -4.76 -11.99
CA GLN A 86 19.02 -3.70 -11.77
C GLN A 86 18.42 -2.33 -12.08
N LYS A 87 17.27 -2.05 -11.49
CA LYS A 87 16.59 -0.78 -11.71
C LYS A 87 15.74 -0.40 -10.50
N THR A 88 15.99 0.80 -9.97
CA THR A 88 15.25 1.28 -8.81
C THR A 88 13.76 1.45 -9.12
N TYR A 89 12.92 0.89 -8.27
CA TYR A 89 11.47 0.98 -8.47
C TYR A 89 10.79 1.49 -7.20
N SER A 90 9.85 2.42 -7.38
CA SER A 90 9.12 3.00 -6.26
C SER A 90 7.89 2.17 -5.92
N VAL A 91 7.48 2.21 -4.66
CA VAL A 91 6.32 1.45 -4.20
C VAL A 91 5.60 2.18 -3.08
N LYS A 92 4.29 2.31 -3.20
CA LYS A 92 3.49 2.98 -2.19
C LYS A 92 2.10 2.35 -2.08
N VAL A 93 1.67 2.08 -0.86
CA VAL A 93 0.37 1.47 -0.61
C VAL A 93 -0.49 2.34 0.31
N LEU A 94 -1.78 2.41 0.02
CA LEU A 94 -2.70 3.20 0.83
C LEU A 94 -4.02 2.46 1.04
N ALA A 95 -4.85 2.97 1.94
CA ALA A 95 -6.13 2.37 2.23
C ALA A 95 -7.28 3.33 1.93
N PHE A 96 -8.33 2.83 1.30
CA PHE A 96 -9.49 3.65 0.97
C PHE A 96 -10.79 2.90 1.24
N THR A 97 -11.88 3.65 1.38
CA THR A 97 -13.18 3.06 1.64
C THR A 97 -14.24 3.60 0.70
N SER A 98 -15.46 3.09 0.80
CA SER A 98 -16.56 3.52 -0.05
C SER A 98 -16.76 5.03 0.06
N ILE A 99 -16.38 5.60 1.20
CA ILE A 99 -16.52 7.03 1.43
C ILE A 99 -15.52 7.82 0.60
N GLY A 100 -14.23 7.67 0.92
CA GLY A 100 -13.20 8.37 0.19
C GLY A 100 -11.90 7.58 0.13
N ASP A 101 -10.78 8.30 0.18
CA ASP A 101 -9.47 7.66 0.13
C ASP A 101 -8.62 8.07 1.33
N GLY A 102 -7.59 7.27 1.62
CA GLY A 102 -6.72 7.57 2.75
C GLY A 102 -5.33 7.97 2.32
N PRO A 103 -4.53 8.47 3.27
CA PRO A 103 -3.15 8.90 3.00
C PRO A 103 -2.22 7.72 2.72
N LEU A 104 -1.34 7.90 1.74
CA LEU A 104 -0.40 6.85 1.38
C LEU A 104 0.61 6.60 2.51
N SER A 105 1.37 5.51 2.39
CA SER A 105 2.36 5.15 3.39
C SER A 105 3.71 5.77 3.06
N SER A 106 4.70 5.47 3.89
CA SER A 106 6.05 6.00 3.70
C SER A 106 6.63 5.53 2.37
N ASP A 107 6.90 6.48 1.49
CA ASP A 107 7.46 6.17 0.18
C ASP A 107 8.70 5.29 0.31
N ILE A 108 8.63 4.07 -0.20
CA ILE A 108 9.74 3.14 -0.14
C ILE A 108 10.29 2.85 -1.53
N GLN A 109 11.51 2.30 -1.57
CA GLN A 109 12.15 1.98 -2.84
C GLN A 109 12.83 0.61 -2.77
N VAL A 110 12.58 -0.22 -3.77
CA VAL A 110 13.16 -1.56 -3.82
C VAL A 110 13.84 -1.80 -5.16
N ILE A 111 15.07 -2.31 -5.11
CA ILE A 111 15.83 -2.61 -6.32
C ILE A 111 15.55 -4.02 -6.82
N THR A 112 15.38 -4.16 -8.12
CA THR A 112 15.11 -5.46 -8.73
C THR A 112 16.38 -6.31 -8.78
N GLN A 113 16.61 -7.08 -7.73
CA GLN A 113 17.78 -7.95 -7.66
C GLN A 113 17.43 -9.29 -7.02
N THR A 114 17.92 -10.37 -7.63
CA THR A 114 17.65 -11.71 -7.13
C THR A 114 18.48 -12.00 -5.88
N GLY A 115 19.66 -11.39 -5.80
CA GLY A 115 20.53 -11.59 -4.65
C GLY A 115 21.61 -12.63 -4.91
N SER A 116 22.49 -12.81 -3.94
CA SER A 116 23.58 -13.77 -4.07
C SER A 116 23.33 -15.00 -3.20
N GLY A 117 24.19 -16.01 -3.34
CA GLY A 117 24.04 -17.22 -2.57
C GLY A 117 25.37 -17.81 -2.15
N PRO A 118 25.34 -18.79 -1.23
CA PRO A 118 26.54 -19.45 -0.74
C PRO A 118 27.19 -20.34 -1.79
N SER A 119 26.35 -21.03 -2.56
CA SER A 119 26.84 -21.93 -3.61
C SER A 119 27.12 -21.15 -4.90
N SER A 120 28.35 -21.26 -5.39
CA SER A 120 28.74 -20.57 -6.62
C SER A 120 29.32 -21.55 -7.62
N GLY A 121 30.15 -22.47 -7.14
CA GLY A 121 30.77 -23.46 -8.01
C GLY A 121 32.22 -23.70 -7.65
N GLY A 1 -0.90 1.08 35.27
CA GLY A 1 -2.13 0.29 35.24
C GLY A 1 -3.23 0.98 34.44
N SER A 2 -3.19 0.80 33.12
CA SER A 2 -4.18 1.40 32.24
C SER A 2 -5.15 0.34 31.72
N SER A 3 -6.43 0.53 32.00
CA SER A 3 -7.46 -0.40 31.56
C SER A 3 -8.85 0.14 31.88
N GLY A 4 -9.72 0.12 30.88
CA GLY A 4 -11.08 0.60 31.06
C GLY A 4 -11.11 2.09 31.40
N SER A 5 -10.83 2.94 30.42
CA SER A 5 -10.83 4.37 30.62
C SER A 5 -11.73 5.07 29.60
N SER A 6 -13.03 5.06 29.87
CA SER A 6 -13.99 5.68 28.97
C SER A 6 -15.39 5.66 29.57
N GLY A 7 -16.31 6.41 28.97
CA GLY A 7 -17.67 6.46 29.46
C GLY A 7 -18.69 6.57 28.33
N PRO A 8 -19.98 6.47 28.69
CA PRO A 8 -21.07 6.56 27.71
C PRO A 8 -21.23 7.96 27.15
N VAL A 9 -21.41 8.04 25.83
CA VAL A 9 -21.57 9.33 25.16
C VAL A 9 -22.93 9.41 24.48
N LEU A 10 -23.27 10.62 24.01
CA LEU A 10 -24.55 10.84 23.33
C LEU A 10 -24.33 11.45 21.96
N THR A 11 -23.32 10.96 21.25
CA THR A 11 -23.00 11.45 19.91
C THR A 11 -23.25 10.39 18.86
N GLN A 12 -23.59 10.82 17.64
CA GLN A 12 -23.85 9.91 16.55
C GLN A 12 -22.68 9.89 15.56
N THR A 13 -21.78 8.93 15.73
CA THR A 13 -20.63 8.80 14.86
C THR A 13 -21.03 8.32 13.48
N SER A 14 -20.17 8.58 12.49
CA SER A 14 -20.44 8.17 11.11
C SER A 14 -19.17 7.64 10.45
N GLU A 15 -19.35 6.68 9.55
CA GLU A 15 -18.22 6.08 8.84
C GLU A 15 -17.68 7.05 7.79
N GLN A 16 -16.39 7.36 7.88
CA GLN A 16 -15.75 8.26 6.94
C GLN A 16 -14.56 7.59 6.26
N ALA A 17 -13.87 8.33 5.40
CA ALA A 17 -12.71 7.81 4.69
C ALA A 17 -11.59 7.44 5.66
N PRO A 18 -10.67 6.58 5.20
CA PRO A 18 -9.55 6.12 6.01
C PRO A 18 -8.53 7.22 6.27
N SER A 19 -8.28 7.52 7.54
CA SER A 19 -7.34 8.57 7.91
C SER A 19 -6.09 7.96 8.56
N SER A 20 -5.67 6.81 8.06
CA SER A 20 -4.49 6.12 8.59
C SER A 20 -3.78 5.33 7.49
N ALA A 21 -2.47 5.55 7.39
CA ALA A 21 -1.67 4.86 6.38
C ALA A 21 -1.53 3.39 6.71
N PRO A 22 -1.28 2.56 5.68
CA PRO A 22 -1.13 1.12 5.84
C PRO A 22 0.16 0.75 6.57
N ARG A 23 0.12 -0.33 7.34
CA ARG A 23 1.29 -0.78 8.09
C ARG A 23 1.84 -2.08 7.50
N ASP A 24 2.96 -2.53 8.04
CA ASP A 24 3.59 -3.77 7.58
C ASP A 24 3.84 -3.71 6.07
N VAL A 25 4.00 -2.51 5.55
CA VAL A 25 4.24 -2.32 4.12
C VAL A 25 5.70 -2.58 3.77
N GLN A 26 5.97 -3.73 3.16
CA GLN A 26 7.32 -4.10 2.77
C GLN A 26 7.31 -4.89 1.47
N ALA A 27 8.34 -4.67 0.65
CA ALA A 27 8.45 -5.38 -0.62
C ALA A 27 9.67 -6.29 -0.64
N ARG A 28 9.45 -7.56 -0.96
CA ARG A 28 10.53 -8.54 -1.01
C ARG A 28 10.63 -9.16 -2.40
N MET A 29 11.84 -9.19 -2.94
CA MET A 29 12.07 -9.76 -4.26
C MET A 29 12.12 -11.28 -4.20
N LEU A 30 11.49 -11.93 -5.17
CA LEU A 30 11.46 -13.39 -5.22
C LEU A 30 12.13 -13.91 -6.49
N SER A 31 12.07 -13.11 -7.54
CA SER A 31 12.68 -13.48 -8.82
C SER A 31 13.44 -12.32 -9.43
N SER A 32 13.86 -12.46 -10.68
CA SER A 32 14.60 -11.42 -11.38
C SER A 32 13.65 -10.32 -11.86
N THR A 33 12.39 -10.66 -12.04
CA THR A 33 11.39 -9.72 -12.51
C THR A 33 10.04 -9.95 -11.83
N THR A 34 10.08 -10.38 -10.57
CA THR A 34 8.87 -10.65 -9.82
C THR A 34 9.02 -10.21 -8.36
N ILE A 35 8.17 -9.27 -7.95
CA ILE A 35 8.21 -8.77 -6.58
C ILE A 35 6.96 -9.17 -5.81
N LEU A 36 6.92 -8.80 -4.54
CA LEU A 36 5.77 -9.12 -3.68
C LEU A 36 5.52 -8.01 -2.67
N VAL A 37 4.32 -7.44 -2.70
CA VAL A 37 3.95 -6.38 -1.78
C VAL A 37 2.89 -6.84 -0.79
N GLN A 38 3.22 -6.82 0.49
CA GLN A 38 2.29 -7.23 1.53
C GLN A 38 2.21 -6.19 2.64
N TRP A 39 1.00 -5.95 3.13
CA TRP A 39 0.79 -4.98 4.19
C TRP A 39 -0.42 -5.35 5.04
N LYS A 40 -0.67 -4.58 6.08
CA LYS A 40 -1.79 -4.83 6.98
C LYS A 40 -2.82 -3.70 6.90
N GLU A 41 -4.00 -3.94 7.44
CA GLU A 41 -5.07 -2.95 7.42
C GLU A 41 -4.67 -1.71 8.24
N PRO A 42 -5.35 -0.58 7.97
CA PRO A 42 -5.09 0.69 8.66
C PRO A 42 -5.54 0.65 10.11
N GLU A 43 -5.19 1.70 10.86
CA GLU A 43 -5.55 1.79 12.27
C GLU A 43 -6.86 2.55 12.44
N GLU A 44 -7.18 3.41 11.49
CA GLU A 44 -8.41 4.21 11.53
C GLU A 44 -9.20 4.04 10.24
N PRO A 45 -9.84 2.86 10.09
CA PRO A 45 -10.65 2.55 8.90
C PRO A 45 -11.85 3.48 8.77
N ASN A 46 -12.64 3.58 9.82
CA ASN A 46 -13.83 4.43 9.82
C ASN A 46 -14.84 3.96 8.78
N GLY A 47 -14.79 2.67 8.47
CA GLY A 47 -15.70 2.11 7.48
C GLY A 47 -15.18 0.83 6.86
N GLN A 48 -16.04 0.14 6.11
CA GLN A 48 -15.65 -1.10 5.47
C GLN A 48 -14.69 -0.84 4.32
N ILE A 49 -13.46 -1.35 4.45
CA ILE A 49 -12.45 -1.17 3.43
C ILE A 49 -12.83 -1.90 2.15
N GLN A 50 -12.93 -1.14 1.04
CA GLN A 50 -13.29 -1.73 -0.24
C GLN A 50 -12.06 -2.31 -0.93
N GLY A 51 -10.88 -1.78 -0.60
CA GLY A 51 -9.65 -2.27 -1.19
C GLY A 51 -8.49 -1.35 -0.93
N TYR A 52 -7.49 -1.38 -1.81
CA TYR A 52 -6.30 -0.54 -1.65
C TYR A 52 -5.74 -0.16 -3.02
N ARG A 53 -4.71 0.69 -3.00
CA ARG A 53 -4.07 1.13 -4.24
C ARG A 53 -2.55 1.11 -4.11
N VAL A 54 -1.88 0.57 -5.12
CA VAL A 54 -0.43 0.48 -5.11
C VAL A 54 0.17 1.33 -6.23
N TYR A 55 1.05 2.26 -5.87
CA TYR A 55 1.69 3.13 -6.84
C TYR A 55 3.13 2.71 -7.08
N TYR A 56 3.43 2.29 -8.30
CA TYR A 56 4.77 1.87 -8.66
C TYR A 56 5.08 2.20 -10.11
N THR A 57 6.25 2.82 -10.33
CA THR A 57 6.66 3.19 -11.68
C THR A 57 8.16 3.45 -11.74
N MET A 58 8.80 3.01 -12.82
CA MET A 58 10.23 3.18 -12.99
C MET A 58 10.59 4.67 -13.10
N ASP A 59 9.60 5.48 -13.45
CA ASP A 59 9.81 6.92 -13.59
C ASP A 59 9.06 7.68 -12.49
N PRO A 60 9.64 7.72 -11.28
CA PRO A 60 9.05 8.41 -10.14
C PRO A 60 9.06 9.92 -10.31
N THR A 61 9.73 10.40 -11.35
CA THR A 61 9.82 11.83 -11.62
C THR A 61 8.44 12.47 -11.62
N GLN A 62 7.43 11.70 -11.99
CA GLN A 62 6.06 12.20 -12.03
C GLN A 62 5.53 12.44 -10.62
N HIS A 63 4.38 13.12 -10.53
CA HIS A 63 3.77 13.42 -9.25
C HIS A 63 3.43 12.14 -8.50
N VAL A 64 2.28 11.56 -8.80
CA VAL A 64 1.85 10.33 -8.15
C VAL A 64 0.88 9.54 -9.05
N ASN A 65 -0.33 10.07 -9.20
CA ASN A 65 -1.34 9.41 -10.03
C ASN A 65 -0.79 9.14 -11.43
N ASN A 66 0.11 10.00 -11.89
CA ASN A 66 0.71 9.84 -13.21
C ASN A 66 1.43 8.50 -13.33
N TRP A 67 1.76 7.91 -12.19
CA TRP A 67 2.45 6.63 -12.16
C TRP A 67 1.62 5.54 -12.85
N MET A 68 2.11 4.31 -12.80
CA MET A 68 1.41 3.19 -13.42
C MET A 68 0.22 2.77 -12.58
N LYS A 69 0.40 2.76 -11.26
CA LYS A 69 -0.68 2.38 -10.35
C LYS A 69 -1.07 0.92 -10.55
N HIS A 70 -1.69 0.32 -9.54
CA HIS A 70 -2.12 -1.06 -9.60
C HIS A 70 -3.56 -1.21 -9.11
N ASN A 71 -4.04 -2.45 -9.03
CA ASN A 71 -5.39 -2.73 -8.58
C ASN A 71 -5.39 -3.71 -7.40
N VAL A 72 -6.32 -3.52 -6.49
CA VAL A 72 -6.43 -4.39 -5.32
C VAL A 72 -7.88 -4.50 -4.85
N ALA A 73 -8.24 -5.69 -4.37
CA ALA A 73 -9.60 -5.93 -3.88
C ALA A 73 -9.58 -6.47 -2.46
N ASP A 74 -9.08 -5.66 -1.53
CA ASP A 74 -9.01 -6.06 -0.13
C ASP A 74 -8.32 -7.41 0.02
N SER A 75 -7.07 -7.48 -0.41
CA SER A 75 -6.29 -8.71 -0.33
C SER A 75 -5.10 -8.55 0.61
N GLN A 76 -4.66 -7.31 0.79
CA GLN A 76 -3.53 -7.02 1.66
C GLN A 76 -2.25 -7.66 1.13
N ILE A 77 -2.27 -8.02 -0.14
CA ILE A 77 -1.11 -8.65 -0.78
C ILE A 77 -1.24 -8.65 -2.30
N THR A 78 -0.17 -8.29 -2.98
CA THR A 78 -0.17 -8.23 -4.44
C THR A 78 1.22 -8.57 -4.99
N THR A 79 1.24 -9.25 -6.14
CA THR A 79 2.50 -9.63 -6.78
C THR A 79 2.65 -8.95 -8.13
N ILE A 80 3.69 -8.13 -8.26
CA ILE A 80 3.95 -7.43 -9.51
C ILE A 80 5.15 -8.03 -10.24
N GLY A 81 5.03 -8.14 -11.56
CA GLY A 81 6.11 -8.70 -12.35
C GLY A 81 6.27 -8.00 -13.69
N ASN A 82 7.01 -8.63 -14.60
CA ASN A 82 7.23 -8.06 -15.92
C ASN A 82 8.00 -6.74 -15.82
N LEU A 83 8.94 -6.68 -14.90
CA LEU A 83 9.74 -5.47 -14.69
C LEU A 83 11.16 -5.67 -15.22
N VAL A 84 12.02 -4.69 -14.97
CA VAL A 84 13.41 -4.76 -15.42
C VAL A 84 14.36 -4.87 -14.23
N PRO A 85 15.32 -5.79 -14.32
CA PRO A 85 16.31 -6.02 -13.27
C PRO A 85 17.31 -4.87 -13.16
N GLN A 86 17.97 -4.77 -12.01
CA GLN A 86 18.96 -3.71 -11.78
C GLN A 86 18.35 -2.34 -12.08
N LYS A 87 17.21 -2.06 -11.47
CA LYS A 87 16.52 -0.78 -11.66
C LYS A 87 15.69 -0.42 -10.45
N THR A 88 15.93 0.77 -9.90
CA THR A 88 15.20 1.24 -8.74
C THR A 88 13.72 1.44 -9.05
N TYR A 89 12.86 0.90 -8.20
CA TYR A 89 11.42 1.02 -8.40
C TYR A 89 10.73 1.52 -7.12
N SER A 90 9.85 2.51 -7.29
CA SER A 90 9.13 3.08 -6.16
C SER A 90 7.86 2.30 -5.87
N VAL A 91 7.43 2.31 -4.61
CA VAL A 91 6.22 1.61 -4.21
C VAL A 91 5.50 2.34 -3.09
N LYS A 92 4.19 2.52 -3.25
CA LYS A 92 3.38 3.22 -2.26
C LYS A 92 2.01 2.56 -2.13
N VAL A 93 1.62 2.24 -0.89
CA VAL A 93 0.33 1.61 -0.64
C VAL A 93 -0.55 2.52 0.21
N LEU A 94 -1.85 2.49 -0.06
CA LEU A 94 -2.81 3.30 0.69
C LEU A 94 -4.14 2.57 0.86
N ALA A 95 -5.00 3.11 1.71
CA ALA A 95 -6.30 2.51 1.97
C ALA A 95 -7.43 3.46 1.59
N PHE A 96 -8.51 2.92 1.05
CA PHE A 96 -9.66 3.71 0.65
C PHE A 96 -10.97 2.98 0.94
N THR A 97 -11.99 3.74 1.32
CA THR A 97 -13.29 3.17 1.63
C THR A 97 -14.38 3.78 0.76
N SER A 98 -15.60 3.26 0.91
CA SER A 98 -16.73 3.75 0.12
C SER A 98 -16.91 5.26 0.30
N ILE A 99 -16.45 5.77 1.43
CA ILE A 99 -16.54 7.20 1.72
C ILE A 99 -15.56 8.00 0.88
N GLY A 100 -14.29 7.63 0.95
CA GLY A 100 -13.26 8.32 0.19
C GLY A 100 -11.94 7.59 0.20
N ASP A 101 -10.85 8.34 0.06
CA ASP A 101 -9.51 7.74 0.05
C ASP A 101 -8.75 8.12 1.32
N GLY A 102 -7.59 7.49 1.51
CA GLY A 102 -6.79 7.76 2.69
C GLY A 102 -5.36 8.14 2.34
N PRO A 103 -4.58 8.54 3.35
CA PRO A 103 -3.19 8.94 3.17
C PRO A 103 -2.28 7.76 2.83
N LEU A 104 -1.33 7.98 1.93
CA LEU A 104 -0.40 6.94 1.52
C LEU A 104 0.58 6.60 2.64
N SER A 105 1.45 5.63 2.39
CA SER A 105 2.44 5.21 3.38
C SER A 105 3.81 5.79 3.05
N SER A 106 4.79 5.46 3.88
CA SER A 106 6.15 5.95 3.69
C SER A 106 6.71 5.46 2.35
N ASP A 107 6.95 6.39 1.44
CA ASP A 107 7.49 6.06 0.13
C ASP A 107 8.74 5.21 0.25
N ILE A 108 8.66 3.97 -0.20
CA ILE A 108 9.80 3.06 -0.14
C ILE A 108 10.36 2.78 -1.53
N GLN A 109 11.58 2.27 -1.57
CA GLN A 109 12.24 1.96 -2.84
C GLN A 109 12.92 0.61 -2.78
N VAL A 110 12.58 -0.27 -3.73
CA VAL A 110 13.15 -1.61 -3.79
C VAL A 110 13.83 -1.84 -5.13
N ILE A 111 15.05 -2.36 -5.09
CA ILE A 111 15.81 -2.65 -6.30
C ILE A 111 15.53 -4.07 -6.80
N THR A 112 15.36 -4.20 -8.12
CA THR A 112 15.10 -5.49 -8.72
C THR A 112 16.36 -6.34 -8.80
N GLN A 113 16.61 -7.12 -7.74
CA GLN A 113 17.78 -7.98 -7.68
C GLN A 113 17.45 -9.32 -7.04
N THR A 114 17.91 -10.40 -7.65
CA THR A 114 17.67 -11.75 -7.14
C THR A 114 18.96 -12.42 -6.71
N GLY A 115 20.06 -12.03 -7.34
CA GLY A 115 21.35 -12.61 -7.01
C GLY A 115 22.12 -13.05 -8.24
N SER A 116 23.37 -12.60 -8.35
CA SER A 116 24.21 -12.94 -9.49
C SER A 116 25.55 -13.51 -9.02
N GLY A 117 26.25 -14.20 -9.93
CA GLY A 117 27.52 -14.78 -9.59
C GLY A 117 27.38 -16.02 -8.74
N PRO A 118 26.96 -17.14 -9.36
CA PRO A 118 26.78 -18.41 -8.65
C PRO A 118 28.11 -19.04 -8.22
N SER A 119 28.02 -20.01 -7.32
CA SER A 119 29.22 -20.68 -6.82
C SER A 119 29.71 -21.73 -7.82
N SER A 120 28.76 -22.43 -8.45
CA SER A 120 29.09 -23.46 -9.42
C SER A 120 28.64 -23.06 -10.82
N GLY A 121 27.47 -22.43 -10.90
CA GLY A 121 26.94 -22.00 -12.18
C GLY A 121 26.56 -23.17 -13.07
N GLY A 1 -8.40 -17.19 37.90
CA GLY A 1 -9.84 -17.09 37.93
C GLY A 1 -10.41 -16.55 36.64
N SER A 2 -11.73 -16.44 36.58
CA SER A 2 -12.40 -15.93 35.38
C SER A 2 -13.55 -15.01 35.75
N SER A 3 -13.44 -13.75 35.35
CA SER A 3 -14.47 -12.76 35.66
C SER A 3 -14.16 -11.42 34.99
N GLY A 4 -15.20 -10.78 34.44
CA GLY A 4 -15.01 -9.50 33.77
C GLY A 4 -15.87 -9.37 32.53
N SER A 5 -17.05 -8.79 32.70
CA SER A 5 -17.97 -8.60 31.59
C SER A 5 -17.30 -7.88 30.44
N SER A 6 -17.45 -8.41 29.23
CA SER A 6 -16.85 -7.83 28.03
C SER A 6 -17.80 -6.82 27.39
N GLY A 7 -17.23 -5.85 26.69
CA GLY A 7 -18.04 -4.84 26.03
C GLY A 7 -17.53 -3.44 26.27
N PRO A 8 -16.41 -3.09 25.62
CA PRO A 8 -15.79 -1.77 25.75
C PRO A 8 -16.63 -0.67 25.10
N VAL A 9 -16.15 0.57 25.20
CA VAL A 9 -16.86 1.71 24.62
C VAL A 9 -16.01 2.39 23.56
N LEU A 10 -16.64 2.74 22.44
CA LEU A 10 -15.94 3.40 21.34
C LEU A 10 -16.69 4.65 20.89
N THR A 11 -15.95 5.68 20.49
CA THR A 11 -16.55 6.92 20.02
C THR A 11 -16.73 6.91 18.51
N GLN A 12 -17.83 6.32 18.05
CA GLN A 12 -18.12 6.25 16.62
C GLN A 12 -19.56 6.64 16.34
N THR A 13 -19.80 7.20 15.16
CA THR A 13 -21.14 7.62 14.76
C THR A 13 -21.37 7.42 13.27
N SER A 14 -20.54 8.07 12.45
CA SER A 14 -20.66 7.96 11.00
C SER A 14 -19.34 7.48 10.39
N GLU A 15 -19.43 6.49 9.52
CA GLU A 15 -18.24 5.95 8.87
C GLU A 15 -17.67 6.95 7.86
N GLN A 16 -16.41 7.30 8.03
CA GLN A 16 -15.74 8.24 7.14
C GLN A 16 -14.57 7.59 6.42
N ALA A 17 -13.86 8.37 5.62
CA ALA A 17 -12.71 7.86 4.87
C ALA A 17 -11.58 7.47 5.81
N PRO A 18 -10.67 6.62 5.32
CA PRO A 18 -9.51 6.16 6.10
C PRO A 18 -8.50 7.27 6.35
N SER A 19 -8.23 7.55 7.62
CA SER A 19 -7.29 8.59 7.99
C SER A 19 -6.03 7.99 8.63
N SER A 20 -5.59 6.85 8.08
CA SER A 20 -4.41 6.17 8.60
C SER A 20 -3.72 5.38 7.50
N ALA A 21 -2.42 5.60 7.35
CA ALA A 21 -1.63 4.91 6.33
C ALA A 21 -1.47 3.44 6.67
N PRO A 22 -1.23 2.62 5.65
CA PRO A 22 -1.05 1.18 5.81
C PRO A 22 0.26 0.83 6.50
N ARG A 23 0.25 -0.23 7.29
CA ARG A 23 1.44 -0.67 8.01
C ARG A 23 1.95 -2.00 7.46
N ASP A 24 3.08 -2.45 8.00
CA ASP A 24 3.69 -3.71 7.56
C ASP A 24 3.91 -3.70 6.05
N VAL A 25 4.09 -2.51 5.50
CA VAL A 25 4.32 -2.35 4.07
C VAL A 25 5.78 -2.62 3.71
N GLN A 26 6.05 -3.79 3.14
CA GLN A 26 7.41 -4.16 2.76
C GLN A 26 7.40 -4.96 1.46
N ALA A 27 8.40 -4.70 0.61
CA ALA A 27 8.51 -5.41 -0.67
C ALA A 27 9.73 -6.31 -0.69
N ARG A 28 9.51 -7.60 -0.94
CA ARG A 28 10.59 -8.58 -0.98
C ARG A 28 10.69 -9.21 -2.36
N MET A 29 11.89 -9.22 -2.92
CA MET A 29 12.12 -9.80 -4.24
C MET A 29 12.16 -11.33 -4.16
N LEU A 30 11.48 -11.98 -5.09
CA LEU A 30 11.43 -13.44 -5.13
C LEU A 30 12.07 -13.97 -6.40
N SER A 31 12.04 -13.16 -7.46
CA SER A 31 12.61 -13.55 -8.74
C SER A 31 13.39 -12.40 -9.36
N SER A 32 13.78 -12.56 -10.62
CA SER A 32 14.54 -11.54 -11.33
C SER A 32 13.61 -10.43 -11.84
N THR A 33 12.33 -10.77 -11.99
CA THR A 33 11.35 -9.80 -12.48
C THR A 33 10.00 -10.02 -11.80
N THR A 34 10.03 -10.40 -10.53
CA THR A 34 8.80 -10.64 -9.77
C THR A 34 8.96 -10.16 -8.32
N ILE A 35 8.08 -9.26 -7.92
CA ILE A 35 8.12 -8.72 -6.56
C ILE A 35 6.82 -9.02 -5.82
N LEU A 36 6.87 -8.95 -4.49
CA LEU A 36 5.70 -9.22 -3.66
C LEU A 36 5.50 -8.11 -2.64
N VAL A 37 4.33 -7.49 -2.68
CA VAL A 37 4.00 -6.41 -1.75
C VAL A 37 2.93 -6.84 -0.76
N GLN A 38 3.27 -6.83 0.52
CA GLN A 38 2.34 -7.23 1.57
C GLN A 38 2.26 -6.17 2.66
N TRP A 39 1.06 -5.93 3.16
CA TRP A 39 0.84 -4.93 4.19
C TRP A 39 -0.34 -5.30 5.07
N LYS A 40 -0.59 -4.50 6.11
CA LYS A 40 -1.70 -4.74 7.02
C LYS A 40 -2.72 -3.63 6.93
N GLU A 41 -3.91 -3.86 7.50
CA GLU A 41 -4.98 -2.88 7.48
C GLU A 41 -4.61 -1.65 8.31
N PRO A 42 -5.28 -0.52 8.04
CA PRO A 42 -5.04 0.73 8.75
C PRO A 42 -5.53 0.68 10.20
N GLU A 43 -5.12 1.66 10.98
CA GLU A 43 -5.51 1.73 12.39
C GLU A 43 -6.83 2.48 12.55
N GLU A 44 -7.13 3.35 11.60
CA GLU A 44 -8.37 4.13 11.64
C GLU A 44 -9.13 4.00 10.32
N PRO A 45 -9.74 2.82 10.11
CA PRO A 45 -10.51 2.55 8.89
C PRO A 45 -11.71 3.47 8.75
N ASN A 46 -12.54 3.54 9.79
CA ASN A 46 -13.72 4.39 9.78
C ASN A 46 -14.72 3.92 8.71
N GLY A 47 -14.63 2.65 8.37
CA GLY A 47 -15.53 2.10 7.36
C GLY A 47 -15.02 0.80 6.78
N GLN A 48 -15.88 0.11 6.02
CA GLN A 48 -15.51 -1.16 5.40
C GLN A 48 -14.55 -0.93 4.24
N ILE A 49 -13.33 -1.43 4.37
CA ILE A 49 -12.33 -1.29 3.33
C ILE A 49 -12.70 -2.08 2.08
N GLN A 50 -12.94 -1.38 0.99
CA GLN A 50 -13.31 -2.02 -0.27
C GLN A 50 -12.09 -2.54 -1.01
N GLY A 51 -10.93 -1.91 -0.74
CA GLY A 51 -9.71 -2.32 -1.39
C GLY A 51 -8.56 -1.36 -1.13
N TYR A 52 -7.53 -1.44 -1.94
CA TYR A 52 -6.36 -0.57 -1.78
C TYR A 52 -5.76 -0.20 -3.14
N ARG A 53 -4.75 0.66 -3.13
CA ARG A 53 -4.10 1.09 -4.35
C ARG A 53 -2.59 1.09 -4.19
N VAL A 54 -1.89 0.56 -5.19
CA VAL A 54 -0.43 0.50 -5.15
C VAL A 54 0.18 1.35 -6.26
N TYR A 55 1.02 2.30 -5.88
CA TYR A 55 1.67 3.17 -6.85
C TYR A 55 3.12 2.75 -7.08
N TYR A 56 3.43 2.34 -8.30
CA TYR A 56 4.78 1.91 -8.65
C TYR A 56 5.12 2.26 -10.10
N THR A 57 6.27 2.88 -10.30
CA THR A 57 6.70 3.27 -11.63
C THR A 57 8.20 3.54 -11.67
N MET A 58 8.84 3.11 -12.75
CA MET A 58 10.28 3.30 -12.91
C MET A 58 10.62 4.78 -13.01
N ASP A 59 9.64 5.59 -13.38
CA ASP A 59 9.83 7.02 -13.51
C ASP A 59 9.07 7.79 -12.43
N PRO A 60 9.65 7.84 -11.22
CA PRO A 60 9.05 8.52 -10.08
C PRO A 60 9.04 10.04 -10.25
N THR A 61 9.70 10.52 -11.30
CA THR A 61 9.78 11.94 -11.58
C THR A 61 8.39 12.57 -11.58
N GLN A 62 7.39 11.79 -11.95
CA GLN A 62 6.02 12.27 -11.99
C GLN A 62 5.48 12.51 -10.60
N HIS A 63 4.33 13.17 -10.51
CA HIS A 63 3.70 13.47 -9.23
C HIS A 63 3.37 12.18 -8.47
N VAL A 64 2.22 11.59 -8.79
CA VAL A 64 1.78 10.36 -8.16
C VAL A 64 0.84 9.57 -9.06
N ASN A 65 -0.38 10.09 -9.22
CA ASN A 65 -1.37 9.44 -10.06
C ASN A 65 -0.82 9.16 -11.46
N ASN A 66 0.08 10.03 -11.90
CA ASN A 66 0.69 9.88 -13.22
C ASN A 66 1.43 8.55 -13.33
N TRP A 67 1.76 7.96 -12.19
CA TRP A 67 2.47 6.68 -12.17
C TRP A 67 1.65 5.60 -12.86
N MET A 68 2.15 4.37 -12.81
CA MET A 68 1.47 3.24 -13.44
C MET A 68 0.26 2.81 -12.61
N LYS A 69 0.43 2.80 -11.29
CA LYS A 69 -0.65 2.41 -10.39
C LYS A 69 -1.03 0.95 -10.59
N HIS A 70 -1.65 0.35 -9.58
CA HIS A 70 -2.07 -1.05 -9.65
C HIS A 70 -3.51 -1.21 -9.19
N ASN A 71 -3.96 -2.45 -9.10
CA ASN A 71 -5.32 -2.74 -8.67
C ASN A 71 -5.33 -3.73 -7.52
N VAL A 72 -6.29 -3.58 -6.62
CA VAL A 72 -6.41 -4.46 -5.46
C VAL A 72 -7.86 -4.60 -5.02
N ALA A 73 -8.22 -5.80 -4.57
CA ALA A 73 -9.59 -6.07 -4.12
C ALA A 73 -9.59 -6.54 -2.66
N ASP A 74 -9.11 -5.69 -1.76
CA ASP A 74 -9.07 -6.01 -0.35
C ASP A 74 -8.36 -7.35 -0.12
N SER A 75 -7.09 -7.42 -0.52
CA SER A 75 -6.32 -8.63 -0.36
C SER A 75 -5.14 -8.40 0.59
N GLN A 76 -4.73 -7.14 0.72
CA GLN A 76 -3.62 -6.80 1.60
C GLN A 76 -2.32 -7.42 1.11
N ILE A 77 -2.31 -7.88 -0.15
CA ILE A 77 -1.14 -8.50 -0.73
C ILE A 77 -1.26 -8.59 -2.25
N THR A 78 -0.19 -8.24 -2.95
CA THR A 78 -0.18 -8.29 -4.40
C THR A 78 1.21 -8.62 -4.93
N THR A 79 1.26 -9.16 -6.14
CA THR A 79 2.53 -9.54 -6.76
C THR A 79 2.69 -8.88 -8.13
N ILE A 80 3.70 -8.03 -8.26
CA ILE A 80 3.96 -7.33 -9.52
C ILE A 80 5.13 -7.97 -10.26
N GLY A 81 4.97 -8.16 -11.56
CA GLY A 81 6.02 -8.75 -12.37
C GLY A 81 6.20 -8.04 -13.70
N ASN A 82 6.95 -8.67 -14.60
CA ASN A 82 7.19 -8.10 -15.93
C ASN A 82 7.96 -6.79 -15.82
N LEU A 83 8.91 -6.75 -14.90
CA LEU A 83 9.73 -5.56 -14.69
C LEU A 83 11.14 -5.77 -15.21
N VAL A 84 12.03 -4.82 -14.93
CA VAL A 84 13.42 -4.90 -15.37
C VAL A 84 14.37 -4.98 -14.18
N PRO A 85 15.32 -5.92 -14.25
CA PRO A 85 16.32 -6.13 -13.19
C PRO A 85 17.32 -4.99 -13.11
N GLN A 86 17.96 -4.86 -11.95
CA GLN A 86 18.95 -3.80 -11.74
C GLN A 86 18.35 -2.44 -12.06
N LYS A 87 17.21 -2.14 -11.46
CA LYS A 87 16.54 -0.86 -11.67
C LYS A 87 15.68 -0.48 -10.47
N THR A 88 15.92 0.71 -9.93
CA THR A 88 15.17 1.19 -8.78
C THR A 88 13.70 1.38 -9.12
N TYR A 89 12.83 0.91 -8.24
CA TYR A 89 11.38 1.03 -8.45
C TYR A 89 10.70 1.57 -7.19
N SER A 90 9.77 2.50 -7.40
CA SER A 90 9.04 3.11 -6.29
C SER A 90 7.80 2.28 -5.95
N VAL A 91 7.37 2.37 -4.70
CA VAL A 91 6.19 1.64 -4.23
C VAL A 91 5.48 2.39 -3.12
N LYS A 92 4.16 2.53 -3.26
CA LYS A 92 3.35 3.22 -2.27
C LYS A 92 1.97 2.58 -2.14
N VAL A 93 1.59 2.25 -0.92
CA VAL A 93 0.29 1.63 -0.66
C VAL A 93 -0.59 2.54 0.20
N LEU A 94 -1.89 2.52 -0.07
CA LEU A 94 -2.84 3.33 0.68
C LEU A 94 -4.16 2.60 0.87
N ALA A 95 -5.01 3.14 1.73
CA ALA A 95 -6.31 2.55 2.00
C ALA A 95 -7.45 3.49 1.62
N PHE A 96 -8.52 2.94 1.06
CA PHE A 96 -9.66 3.74 0.66
C PHE A 96 -10.97 2.97 0.88
N THR A 97 -12.02 3.70 1.22
CA THR A 97 -13.32 3.09 1.47
C THR A 97 -14.41 3.77 0.65
N SER A 98 -15.65 3.31 0.82
CA SER A 98 -16.78 3.87 0.09
C SER A 98 -16.88 5.38 0.31
N ILE A 99 -16.36 5.84 1.46
CA ILE A 99 -16.39 7.26 1.78
C ILE A 99 -15.38 8.04 0.94
N GLY A 100 -14.11 7.73 1.11
CA GLY A 100 -13.08 8.41 0.34
C GLY A 100 -11.75 7.67 0.37
N ASP A 101 -10.67 8.39 0.10
CA ASP A 101 -9.34 7.79 0.09
C ASP A 101 -8.56 8.18 1.34
N GLY A 102 -7.50 7.44 1.62
CA GLY A 102 -6.68 7.72 2.79
C GLY A 102 -5.27 8.14 2.43
N PRO A 103 -4.51 8.61 3.43
CA PRO A 103 -3.12 9.06 3.23
C PRO A 103 -2.18 7.91 2.93
N LEU A 104 -1.46 8.01 1.82
CA LEU A 104 -0.52 6.98 1.42
C LEU A 104 0.50 6.70 2.53
N SER A 105 1.29 5.65 2.34
CA SER A 105 2.30 5.27 3.32
C SER A 105 3.66 5.88 2.97
N SER A 106 4.64 5.67 3.85
CA SER A 106 5.98 6.21 3.64
C SER A 106 6.55 5.71 2.31
N ASP A 107 6.97 6.64 1.47
CA ASP A 107 7.54 6.31 0.16
C ASP A 107 8.67 5.29 0.32
N ILE A 108 8.44 4.08 -0.18
CA ILE A 108 9.44 3.02 -0.11
C ILE A 108 9.98 2.67 -1.50
N GLN A 109 11.25 2.25 -1.55
CA GLN A 109 11.88 1.88 -2.80
C GLN A 109 12.56 0.52 -2.69
N VAL A 110 12.48 -0.27 -3.75
CA VAL A 110 13.09 -1.59 -3.77
C VAL A 110 13.76 -1.86 -5.12
N ILE A 111 15.00 -2.35 -5.07
CA ILE A 111 15.75 -2.65 -6.27
C ILE A 111 15.46 -4.08 -6.76
N THR A 112 15.39 -4.24 -8.07
CA THR A 112 15.11 -5.54 -8.66
C THR A 112 16.38 -6.38 -8.73
N GLN A 113 16.60 -7.20 -7.70
CA GLN A 113 17.77 -8.06 -7.64
C GLN A 113 17.44 -9.40 -6.99
N THR A 114 17.94 -10.48 -7.60
CA THR A 114 17.68 -11.82 -7.08
C THR A 114 18.37 -12.03 -5.74
N GLY A 115 17.59 -12.39 -4.73
CA GLY A 115 18.15 -12.62 -3.41
C GLY A 115 17.35 -13.64 -2.61
N SER A 116 17.07 -14.79 -3.23
CA SER A 116 16.30 -15.83 -2.58
C SER A 116 17.06 -17.16 -2.62
N GLY A 117 16.84 -17.99 -1.60
CA GLY A 117 17.51 -19.28 -1.55
C GLY A 117 18.09 -19.57 -0.17
N PRO A 118 18.57 -20.80 0.02
CA PRO A 118 19.17 -21.23 1.29
C PRO A 118 20.51 -20.56 1.56
N SER A 119 21.33 -20.45 0.52
CA SER A 119 22.64 -19.83 0.64
C SER A 119 22.52 -18.32 0.80
N SER A 120 22.83 -17.83 1.99
CA SER A 120 22.75 -16.40 2.29
C SER A 120 24.13 -15.76 2.23
N GLY A 121 24.16 -14.47 1.87
CA GLY A 121 25.42 -13.77 1.78
C GLY A 121 25.24 -12.27 1.75
N GLY A 1 -26.15 13.06 20.00
CA GLY A 1 -25.03 12.96 19.10
C GLY A 1 -24.02 14.10 19.28
N SER A 2 -22.75 13.80 19.08
CA SER A 2 -21.71 14.81 19.22
C SER A 2 -21.60 15.67 17.97
N SER A 3 -21.76 15.04 16.81
CA SER A 3 -21.68 15.75 15.55
C SER A 3 -20.29 16.35 15.34
N GLY A 4 -20.15 17.14 14.28
CA GLY A 4 -18.86 17.76 13.99
C GLY A 4 -18.90 18.61 12.73
N SER A 5 -18.37 19.83 12.82
CA SER A 5 -18.36 20.73 11.68
C SER A 5 -19.77 21.08 11.24
N SER A 6 -20.22 22.28 11.62
CA SER A 6 -21.56 22.74 11.27
C SER A 6 -21.69 22.91 9.76
N GLY A 7 -22.89 22.66 9.24
CA GLY A 7 -23.13 22.80 7.82
C GLY A 7 -24.36 22.03 7.37
N PRO A 8 -24.75 22.23 6.10
CA PRO A 8 -25.92 21.56 5.52
C PRO A 8 -25.70 20.07 5.32
N VAL A 9 -26.19 19.27 6.26
CA VAL A 9 -26.05 17.83 6.19
C VAL A 9 -27.38 17.13 6.45
N LEU A 10 -27.50 15.91 5.94
CA LEU A 10 -28.73 15.13 6.12
C LEU A 10 -28.44 13.80 6.81
N THR A 11 -27.44 13.80 7.68
CA THR A 11 -27.06 12.59 8.40
C THR A 11 -26.71 12.91 9.86
N GLN A 12 -26.53 11.86 10.66
CA GLN A 12 -26.19 12.03 12.06
C GLN A 12 -24.98 11.18 12.44
N THR A 13 -25.08 9.87 12.24
CA THR A 13 -24.00 8.96 12.56
C THR A 13 -23.76 7.97 11.41
N SER A 14 -22.63 8.13 10.73
CA SER A 14 -22.28 7.25 9.62
C SER A 14 -20.77 7.06 9.53
N GLU A 15 -20.35 6.08 8.73
CA GLU A 15 -18.93 5.79 8.55
C GLU A 15 -18.26 6.90 7.74
N GLN A 16 -16.93 6.97 7.83
CA GLN A 16 -16.16 7.97 7.11
C GLN A 16 -14.97 7.34 6.41
N ALA A 17 -14.16 8.17 5.76
CA ALA A 17 -12.98 7.70 5.05
C ALA A 17 -11.81 7.49 6.01
N PRO A 18 -10.83 6.67 5.58
CA PRO A 18 -9.65 6.37 6.39
C PRO A 18 -8.72 7.57 6.54
N SER A 19 -8.11 7.71 7.70
CA SER A 19 -7.20 8.82 7.97
C SER A 19 -5.90 8.31 8.58
N SER A 20 -5.49 7.11 8.19
CA SER A 20 -4.26 6.51 8.69
C SER A 20 -3.60 5.65 7.62
N ALA A 21 -2.29 5.82 7.46
CA ALA A 21 -1.53 5.06 6.47
C ALA A 21 -1.43 3.59 6.87
N PRO A 22 -1.24 2.72 5.86
CA PRO A 22 -1.12 1.28 6.08
C PRO A 22 0.18 0.90 6.79
N ARG A 23 0.22 -0.33 7.31
CA ARG A 23 1.40 -0.81 8.02
C ARG A 23 1.96 -2.06 7.35
N ASP A 24 3.10 -2.52 7.83
CA ASP A 24 3.75 -3.72 7.28
C ASP A 24 3.89 -3.61 5.77
N VAL A 25 4.04 -2.38 5.27
CA VAL A 25 4.18 -2.14 3.84
C VAL A 25 5.63 -2.32 3.40
N GLN A 26 5.91 -3.43 2.73
CA GLN A 26 7.25 -3.72 2.26
C GLN A 26 7.20 -4.57 0.99
N ALA A 27 8.20 -4.38 0.13
CA ALA A 27 8.27 -5.14 -1.13
C ALA A 27 9.40 -6.16 -1.08
N ARG A 28 9.05 -7.43 -1.27
CA ARG A 28 10.04 -8.50 -1.25
C ARG A 28 10.24 -9.07 -2.65
N MET A 29 11.50 -9.15 -3.08
CA MET A 29 11.82 -9.69 -4.40
C MET A 29 11.57 -11.19 -4.45
N LEU A 30 10.98 -11.64 -5.56
CA LEU A 30 10.67 -13.06 -5.73
C LEU A 30 11.42 -13.63 -6.94
N SER A 31 11.70 -12.76 -7.91
CA SER A 31 12.41 -13.17 -9.12
C SER A 31 13.09 -11.99 -9.78
N SER A 32 13.97 -12.27 -10.73
CA SER A 32 14.69 -11.22 -11.44
C SER A 32 13.73 -10.23 -12.07
N THR A 33 12.50 -10.69 -12.34
CA THR A 33 11.49 -9.83 -12.94
C THR A 33 10.14 -10.00 -12.23
N THR A 34 10.19 -10.39 -10.96
CA THR A 34 8.98 -10.59 -10.18
C THR A 34 9.19 -10.19 -8.73
N ILE A 35 8.18 -9.57 -8.13
CA ILE A 35 8.26 -9.13 -6.74
C ILE A 35 6.97 -9.45 -6.00
N LEU A 36 6.90 -9.02 -4.74
CA LEU A 36 5.71 -9.24 -3.92
C LEU A 36 5.54 -8.12 -2.89
N VAL A 37 4.39 -7.46 -2.94
CA VAL A 37 4.10 -6.37 -2.01
C VAL A 37 2.99 -6.78 -1.03
N GLN A 38 3.32 -6.79 0.25
CA GLN A 38 2.36 -7.15 1.28
C GLN A 38 2.23 -6.03 2.32
N TRP A 39 1.01 -5.83 2.82
CA TRP A 39 0.76 -4.80 3.81
C TRP A 39 -0.40 -5.20 4.73
N LYS A 40 -0.60 -4.43 5.79
CA LYS A 40 -1.66 -4.70 6.74
C LYS A 40 -2.66 -3.55 6.80
N GLU A 41 -3.89 -3.84 7.22
CA GLU A 41 -4.92 -2.82 7.32
C GLU A 41 -4.45 -1.65 8.18
N PRO A 42 -5.12 -0.49 8.01
CA PRO A 42 -4.79 0.73 8.75
C PRO A 42 -5.15 0.61 10.23
N GLU A 43 -4.75 1.61 11.01
CA GLU A 43 -5.03 1.63 12.44
C GLU A 43 -6.32 2.39 12.73
N GLU A 44 -6.67 3.32 11.84
CA GLU A 44 -7.88 4.11 12.01
C GLU A 44 -8.70 4.13 10.72
N PRO A 45 -9.36 3.00 10.42
CA PRO A 45 -10.18 2.85 9.22
C PRO A 45 -11.37 3.81 9.22
N ASN A 46 -12.15 3.79 10.28
CA ASN A 46 -13.32 4.65 10.40
C ASN A 46 -14.35 4.33 9.32
N GLY A 47 -14.32 3.10 8.84
CA GLY A 47 -15.25 2.69 7.81
C GLY A 47 -14.89 1.35 7.20
N GLN A 48 -15.83 0.77 6.45
CA GLN A 48 -15.60 -0.52 5.81
C GLN A 48 -14.66 -0.38 4.61
N ILE A 49 -13.55 -1.10 4.65
CA ILE A 49 -12.58 -1.05 3.56
C ILE A 49 -13.08 -1.81 2.33
N GLN A 50 -12.84 -1.23 1.16
CA GLN A 50 -13.27 -1.84 -0.08
C GLN A 50 -12.08 -2.34 -0.88
N GLY A 51 -10.91 -1.72 -0.66
CA GLY A 51 -9.71 -2.12 -1.37
C GLY A 51 -8.54 -1.22 -1.06
N TYR A 52 -7.42 -1.43 -1.76
CA TYR A 52 -6.22 -0.64 -1.56
C TYR A 52 -5.57 -0.29 -2.88
N ARG A 53 -4.82 0.81 -2.90
CA ARG A 53 -4.14 1.24 -4.11
C ARG A 53 -2.62 1.19 -3.93
N VAL A 54 -1.93 0.59 -4.89
CA VAL A 54 -0.48 0.48 -4.84
C VAL A 54 0.17 1.25 -5.99
N TYR A 55 1.05 2.18 -5.64
CA TYR A 55 1.74 2.98 -6.64
C TYR A 55 3.15 2.45 -6.89
N TYR A 56 3.40 2.00 -8.10
CA TYR A 56 4.70 1.46 -8.47
C TYR A 56 5.01 1.75 -9.94
N THR A 57 6.21 2.29 -10.19
CA THR A 57 6.64 2.62 -11.54
C THR A 57 8.15 2.76 -11.61
N MET A 58 8.72 2.35 -12.75
CA MET A 58 10.16 2.44 -12.94
C MET A 58 10.60 3.89 -13.07
N ASP A 59 9.68 4.75 -13.49
CA ASP A 59 9.98 6.17 -13.66
C ASP A 59 9.20 7.01 -12.65
N PRO A 60 9.66 7.00 -11.39
CA PRO A 60 9.01 7.75 -10.31
C PRO A 60 9.20 9.26 -10.47
N THR A 61 10.03 9.66 -11.42
CA THR A 61 10.29 11.06 -11.67
C THR A 61 9.01 11.81 -12.04
N GLN A 62 8.01 11.05 -12.47
CA GLN A 62 6.72 11.63 -12.85
C GLN A 62 5.76 11.67 -11.66
N HIS A 63 4.63 12.35 -11.85
CA HIS A 63 3.64 12.45 -10.78
C HIS A 63 3.02 11.10 -10.47
N VAL A 64 2.78 10.84 -9.19
CA VAL A 64 2.19 9.58 -8.76
C VAL A 64 0.85 9.34 -9.44
N ASN A 65 0.21 10.42 -9.89
CA ASN A 65 -1.07 10.31 -10.57
C ASN A 65 -0.91 9.79 -11.99
N ASN A 66 0.34 9.65 -12.42
CA ASN A 66 0.64 9.14 -13.75
C ASN A 66 1.28 7.77 -13.69
N TRP A 67 1.76 7.40 -12.50
CA TRP A 67 2.41 6.11 -12.31
C TRP A 67 1.51 4.97 -12.78
N MET A 68 2.02 3.75 -12.75
CA MET A 68 1.27 2.58 -13.16
C MET A 68 0.02 2.39 -12.31
N LYS A 69 0.22 2.32 -10.99
CA LYS A 69 -0.88 2.16 -10.05
C LYS A 69 -1.53 0.78 -10.23
N HIS A 70 -1.85 0.15 -9.11
CA HIS A 70 -2.47 -1.17 -9.13
C HIS A 70 -3.89 -1.11 -8.59
N ASN A 71 -4.56 -2.26 -8.53
CA ASN A 71 -5.92 -2.33 -8.03
C ASN A 71 -6.20 -3.70 -7.40
N VAL A 72 -6.41 -3.72 -6.09
CA VAL A 72 -6.69 -4.97 -5.38
C VAL A 72 -8.12 -4.98 -4.84
N ALA A 73 -8.61 -6.17 -4.51
CA ALA A 73 -9.95 -6.32 -3.99
C ALA A 73 -9.93 -6.92 -2.58
N ASP A 74 -9.42 -6.15 -1.63
CA ASP A 74 -9.33 -6.60 -0.25
C ASP A 74 -8.42 -7.82 -0.12
N SER A 75 -7.24 -7.73 -0.72
CA SER A 75 -6.28 -8.84 -0.69
C SER A 75 -5.12 -8.51 0.25
N GLN A 76 -4.81 -7.22 0.38
CA GLN A 76 -3.72 -6.78 1.25
C GLN A 76 -2.38 -7.33 0.76
N ILE A 77 -2.35 -7.80 -0.48
CA ILE A 77 -1.14 -8.34 -1.07
C ILE A 77 -1.26 -8.48 -2.58
N THR A 78 -0.22 -8.07 -3.30
CA THR A 78 -0.21 -8.14 -4.75
C THR A 78 1.19 -8.44 -5.28
N THR A 79 1.25 -9.15 -6.40
CA THR A 79 2.53 -9.50 -7.01
C THR A 79 2.74 -8.75 -8.31
N ILE A 80 3.86 -8.05 -8.41
CA ILE A 80 4.18 -7.27 -9.60
C ILE A 80 5.35 -7.90 -10.35
N GLY A 81 5.28 -7.87 -11.68
CA GLY A 81 6.33 -8.43 -12.50
C GLY A 81 6.58 -7.64 -13.78
N ASN A 82 7.29 -8.25 -14.72
CA ASN A 82 7.58 -7.59 -15.99
C ASN A 82 8.43 -6.34 -15.78
N LEU A 83 9.19 -6.33 -14.69
CA LEU A 83 10.05 -5.19 -14.36
C LEU A 83 11.46 -5.41 -14.91
N VAL A 84 12.31 -4.40 -14.72
CA VAL A 84 13.69 -4.48 -15.20
C VAL A 84 14.64 -4.79 -14.05
N PRO A 85 15.55 -5.75 -14.28
CA PRO A 85 16.54 -6.17 -13.27
C PRO A 85 17.59 -5.09 -13.02
N GLN A 86 17.96 -4.92 -11.76
CA GLN A 86 18.96 -3.93 -11.37
C GLN A 86 18.46 -2.51 -11.68
N LYS A 87 17.19 -2.28 -11.40
CA LYS A 87 16.58 -0.97 -11.65
C LYS A 87 15.70 -0.56 -10.47
N THR A 88 15.98 0.61 -9.91
CA THR A 88 15.21 1.13 -8.78
C THR A 88 13.71 1.14 -9.09
N TYR A 89 12.89 0.89 -8.07
CA TYR A 89 11.45 0.87 -8.23
C TYR A 89 10.75 1.45 -7.01
N SER A 90 9.79 2.34 -7.24
CA SER A 90 9.05 2.98 -6.17
C SER A 90 7.85 2.13 -5.76
N VAL A 91 7.45 2.26 -4.51
CA VAL A 91 6.30 1.51 -3.99
C VAL A 91 5.58 2.29 -2.89
N LYS A 92 4.26 2.41 -3.02
CA LYS A 92 3.46 3.12 -2.04
C LYS A 92 2.07 2.49 -1.91
N VAL A 93 1.69 2.18 -0.68
CA VAL A 93 0.39 1.57 -0.41
C VAL A 93 -0.46 2.48 0.46
N LEU A 94 -1.77 2.45 0.23
CA LEU A 94 -2.71 3.27 1.00
C LEU A 94 -4.04 2.55 1.19
N ALA A 95 -4.88 3.07 2.07
CA ALA A 95 -6.18 2.48 2.34
C ALA A 95 -7.31 3.48 2.03
N PHE A 96 -8.35 2.99 1.38
CA PHE A 96 -9.50 3.82 1.03
C PHE A 96 -10.81 3.08 1.25
N THR A 97 -11.89 3.84 1.43
CA THR A 97 -13.20 3.25 1.65
C THR A 97 -14.24 3.86 0.71
N SER A 98 -15.47 3.34 0.77
CA SER A 98 -16.55 3.84 -0.07
C SER A 98 -16.71 5.34 0.08
N ILE A 99 -16.33 5.86 1.24
CA ILE A 99 -16.44 7.29 1.52
C ILE A 99 -15.41 8.08 0.73
N GLY A 100 -14.14 7.89 1.06
CA GLY A 100 -13.08 8.59 0.37
C GLY A 100 -11.80 7.78 0.30
N ASP A 101 -10.66 8.46 0.39
CA ASP A 101 -9.36 7.80 0.33
C ASP A 101 -8.47 8.26 1.48
N GLY A 102 -7.50 7.43 1.84
CA GLY A 102 -6.59 7.76 2.93
C GLY A 102 -5.23 8.22 2.42
N PRO A 103 -4.41 8.77 3.34
CA PRO A 103 -3.07 9.25 3.01
C PRO A 103 -2.11 8.12 2.66
N LEU A 104 -1.24 8.36 1.69
CA LEU A 104 -0.27 7.36 1.26
C LEU A 104 0.73 7.06 2.38
N SER A 105 1.36 5.89 2.31
CA SER A 105 2.34 5.50 3.31
C SER A 105 3.71 6.10 3.01
N SER A 106 4.70 5.72 3.81
CA SER A 106 6.06 6.23 3.64
C SER A 106 6.65 5.76 2.31
N ASP A 107 7.02 6.70 1.46
CA ASP A 107 7.60 6.39 0.16
C ASP A 107 8.77 5.42 0.31
N ILE A 108 8.60 4.20 -0.19
CA ILE A 108 9.64 3.19 -0.12
C ILE A 108 10.11 2.78 -1.51
N GLN A 109 11.36 2.35 -1.60
CA GLN A 109 11.94 1.93 -2.87
C GLN A 109 12.70 0.63 -2.72
N VAL A 110 12.56 -0.26 -3.70
CA VAL A 110 13.24 -1.55 -3.67
C VAL A 110 13.97 -1.83 -4.98
N ILE A 111 15.22 -2.23 -4.88
CA ILE A 111 16.03 -2.53 -6.06
C ILE A 111 15.81 -3.96 -6.54
N THR A 112 15.56 -4.11 -7.83
CA THR A 112 15.34 -5.42 -8.42
C THR A 112 16.62 -6.25 -8.44
N GLN A 113 16.78 -7.10 -7.42
CA GLN A 113 17.96 -7.95 -7.32
C GLN A 113 17.67 -9.21 -6.52
N THR A 114 17.92 -10.36 -7.12
CA THR A 114 17.68 -11.64 -6.46
C THR A 114 18.73 -11.92 -5.40
N GLY A 115 20.00 -11.76 -5.78
CA GLY A 115 21.08 -12.01 -4.84
C GLY A 115 22.24 -12.76 -5.48
N SER A 116 23.03 -12.06 -6.29
CA SER A 116 24.16 -12.67 -6.96
C SER A 116 25.15 -11.62 -7.44
N GLY A 117 26.36 -12.05 -7.78
CA GLY A 117 27.38 -11.13 -8.24
C GLY A 117 28.27 -10.64 -7.12
N PRO A 118 29.14 -9.66 -7.43
CA PRO A 118 30.07 -9.08 -6.46
C PRO A 118 29.35 -8.24 -5.41
N SER A 119 28.18 -7.73 -5.77
CA SER A 119 27.39 -6.90 -4.86
C SER A 119 28.23 -5.73 -4.34
N SER A 120 28.33 -4.69 -5.16
CA SER A 120 29.10 -3.51 -4.78
C SER A 120 28.26 -2.24 -4.94
N GLY A 121 28.35 -1.36 -3.95
CA GLY A 121 27.60 -0.12 -4.00
C GLY A 121 28.31 1.03 -3.33
N GLY A 1 -27.05 7.63 26.53
CA GLY A 1 -25.63 7.50 26.80
C GLY A 1 -25.36 6.96 28.19
N SER A 2 -25.20 7.87 29.15
CA SER A 2 -24.92 7.48 30.52
C SER A 2 -26.18 7.53 31.38
N SER A 3 -26.11 6.98 32.58
CA SER A 3 -27.24 6.95 33.49
C SER A 3 -28.33 6.00 32.97
N GLY A 4 -29.06 6.45 31.96
CA GLY A 4 -30.12 5.63 31.39
C GLY A 4 -29.59 4.37 30.75
N SER A 5 -30.48 3.41 30.49
CA SER A 5 -30.10 2.15 29.88
C SER A 5 -29.08 1.42 30.76
N SER A 6 -28.55 0.32 30.23
CA SER A 6 -27.56 -0.48 30.95
C SER A 6 -27.02 -1.61 30.08
N GLY A 7 -25.70 -1.65 29.94
CA GLY A 7 -25.08 -2.68 29.13
C GLY A 7 -24.04 -2.12 28.19
N PRO A 8 -23.29 -3.03 27.53
CA PRO A 8 -22.24 -2.64 26.58
C PRO A 8 -22.81 -2.04 25.29
N VAL A 9 -22.90 -0.72 25.25
CA VAL A 9 -23.42 -0.03 24.08
C VAL A 9 -22.37 0.09 22.98
N LEU A 10 -22.73 -0.36 21.78
CA LEU A 10 -21.80 -0.31 20.65
C LEU A 10 -22.36 0.58 19.54
N THR A 11 -22.74 1.80 19.91
CA THR A 11 -23.28 2.75 18.94
C THR A 11 -22.18 3.37 18.09
N GLN A 12 -22.55 3.87 16.91
CA GLN A 12 -21.59 4.49 16.01
C GLN A 12 -22.18 5.71 15.34
N THR A 13 -21.43 6.80 15.33
CA THR A 13 -21.89 8.05 14.72
C THR A 13 -22.09 7.89 13.22
N SER A 14 -21.00 7.68 12.49
CA SER A 14 -21.06 7.50 11.05
C SER A 14 -19.71 7.05 10.50
N GLU A 15 -19.75 6.29 9.41
CA GLU A 15 -18.52 5.79 8.79
C GLU A 15 -17.97 6.81 7.79
N GLN A 16 -16.71 7.18 7.98
CA GLN A 16 -16.07 8.15 7.10
C GLN A 16 -14.87 7.52 6.39
N ALA A 17 -14.17 8.32 5.60
CA ALA A 17 -13.01 7.85 4.85
C ALA A 17 -11.86 7.54 5.80
N PRO A 18 -10.91 6.71 5.32
CA PRO A 18 -9.74 6.31 6.11
C PRO A 18 -8.76 7.47 6.32
N SER A 19 -8.34 7.65 7.57
CA SER A 19 -7.41 8.73 7.91
C SER A 19 -6.15 8.17 8.55
N SER A 20 -5.66 7.06 8.00
CA SER A 20 -4.46 6.41 8.52
C SER A 20 -3.79 5.57 7.44
N ALA A 21 -2.49 5.77 7.25
CA ALA A 21 -1.74 5.02 6.25
C ALA A 21 -1.58 3.56 6.66
N PRO A 22 -1.39 2.68 5.67
CA PRO A 22 -1.21 1.24 5.90
C PRO A 22 0.10 0.92 6.58
N ARG A 23 0.17 -0.24 7.24
CA ARG A 23 1.37 -0.66 7.93
C ARG A 23 1.87 -2.00 7.38
N ASP A 24 2.99 -2.47 7.92
CA ASP A 24 3.58 -3.73 7.48
C ASP A 24 3.86 -3.71 5.99
N VAL A 25 4.02 -2.52 5.44
CA VAL A 25 4.30 -2.36 4.01
C VAL A 25 5.76 -2.66 3.69
N GLN A 26 6.00 -3.81 3.07
CA GLN A 26 7.36 -4.21 2.71
C GLN A 26 7.37 -4.99 1.40
N ALA A 27 8.41 -4.79 0.61
CA ALA A 27 8.54 -5.47 -0.68
C ALA A 27 9.75 -6.41 -0.68
N ARG A 28 9.51 -7.68 -0.98
CA ARG A 28 10.57 -8.68 -1.02
C ARG A 28 10.67 -9.31 -2.41
N MET A 29 11.86 -9.27 -2.99
CA MET A 29 12.09 -9.84 -4.31
C MET A 29 12.11 -11.37 -4.25
N LEU A 30 11.44 -12.00 -5.20
CA LEU A 30 11.37 -13.46 -5.25
C LEU A 30 12.03 -13.99 -6.53
N SER A 31 12.02 -13.17 -7.57
CA SER A 31 12.61 -13.55 -8.85
C SER A 31 13.40 -12.39 -9.45
N SER A 32 13.80 -12.56 -10.71
CA SER A 32 14.56 -11.52 -11.40
C SER A 32 13.64 -10.43 -11.92
N THR A 33 12.37 -10.77 -12.09
CA THR A 33 11.38 -9.80 -12.58
C THR A 33 10.03 -10.00 -11.90
N THR A 34 10.06 -10.46 -10.66
CA THR A 34 8.85 -10.69 -9.90
C THR A 34 9.00 -10.25 -8.44
N ILE A 35 8.15 -9.31 -8.03
CA ILE A 35 8.19 -8.80 -6.66
C ILE A 35 6.92 -9.16 -5.89
N LEU A 36 6.93 -8.91 -4.60
CA LEU A 36 5.77 -9.21 -3.75
C LEU A 36 5.55 -8.10 -2.72
N VAL A 37 4.35 -7.51 -2.75
CA VAL A 37 4.01 -6.43 -1.83
C VAL A 37 2.94 -6.88 -0.84
N GLN A 38 3.28 -6.88 0.44
CA GLN A 38 2.34 -7.28 1.48
C GLN A 38 2.26 -6.23 2.58
N TRP A 39 1.04 -5.96 3.05
CA TRP A 39 0.83 -4.98 4.10
C TRP A 39 -0.38 -5.34 4.96
N LYS A 40 -0.61 -4.59 6.02
CA LYS A 40 -1.72 -4.84 6.92
C LYS A 40 -2.74 -3.70 6.84
N GLU A 41 -3.90 -3.91 7.46
CA GLU A 41 -4.97 -2.91 7.45
C GLU A 41 -4.52 -1.65 8.20
N PRO A 42 -5.20 -0.53 7.93
CA PRO A 42 -4.90 0.75 8.57
C PRO A 42 -5.27 0.77 10.04
N GLU A 43 -4.88 1.85 10.73
CA GLU A 43 -5.18 1.99 12.15
C GLU A 43 -6.48 2.75 12.36
N GLU A 44 -6.85 3.56 11.37
CA GLU A 44 -8.07 4.35 11.46
C GLU A 44 -8.91 4.19 10.19
N PRO A 45 -9.53 3.01 10.03
CA PRO A 45 -10.35 2.70 8.87
C PRO A 45 -11.57 3.62 8.76
N ASN A 46 -12.32 3.73 9.86
CA ASN A 46 -13.51 4.57 9.89
C ASN A 46 -14.57 4.06 8.91
N GLY A 47 -14.48 2.78 8.58
CA GLY A 47 -15.44 2.19 7.65
C GLY A 47 -14.89 0.95 6.97
N GLN A 48 -15.79 0.15 6.40
CA GLN A 48 -15.40 -1.07 5.72
C GLN A 48 -14.48 -0.77 4.54
N ILE A 49 -13.32 -1.43 4.52
CA ILE A 49 -12.36 -1.23 3.44
C ILE A 49 -12.74 -2.04 2.21
N GLN A 50 -13.03 -1.34 1.12
CA GLN A 50 -13.40 -1.99 -0.13
C GLN A 50 -12.17 -2.48 -0.89
N GLY A 51 -11.04 -1.81 -0.65
CA GLY A 51 -9.81 -2.18 -1.31
C GLY A 51 -8.69 -1.19 -1.07
N TYR A 52 -7.55 -1.41 -1.72
CA TYR A 52 -6.41 -0.51 -1.56
C TYR A 52 -5.85 -0.10 -2.92
N ARG A 53 -4.81 0.73 -2.89
CA ARG A 53 -4.19 1.21 -4.13
C ARG A 53 -2.67 1.22 -3.99
N VAL A 54 -1.99 0.71 -5.01
CA VAL A 54 -0.53 0.67 -5.01
C VAL A 54 0.05 1.54 -6.12
N TYR A 55 1.15 2.23 -5.81
CA TYR A 55 1.79 3.10 -6.78
C TYR A 55 3.23 2.67 -7.02
N TYR A 56 3.53 2.26 -8.25
CA TYR A 56 4.88 1.81 -8.60
C TYR A 56 5.20 2.19 -10.05
N THR A 57 6.36 2.80 -10.26
CA THR A 57 6.78 3.20 -11.59
C THR A 57 8.29 3.45 -11.63
N MET A 58 8.94 3.00 -12.70
CA MET A 58 10.37 3.18 -12.85
C MET A 58 10.73 4.66 -12.96
N ASP A 59 9.74 5.48 -13.32
CA ASP A 59 9.95 6.92 -13.45
C ASP A 59 9.20 7.68 -12.36
N PRO A 60 9.79 7.73 -11.16
CA PRO A 60 9.20 8.43 -10.01
C PRO A 60 9.19 9.94 -10.18
N THR A 61 9.85 10.41 -11.24
CA THR A 61 9.92 11.84 -11.52
C THR A 61 8.53 12.47 -11.52
N GLN A 62 7.53 11.68 -11.88
CA GLN A 62 6.15 12.17 -11.91
C GLN A 62 5.63 12.40 -10.50
N HIS A 63 4.48 13.08 -10.41
CA HIS A 63 3.86 13.37 -9.11
C HIS A 63 3.54 12.08 -8.36
N VAL A 64 2.38 11.51 -8.67
CA VAL A 64 1.94 10.27 -8.03
C VAL A 64 0.98 9.49 -8.92
N ASN A 65 -0.23 10.02 -9.08
CA ASN A 65 -1.23 9.36 -9.91
C ASN A 65 -0.69 9.10 -11.31
N ASN A 66 0.22 9.95 -11.76
CA ASN A 66 0.82 9.82 -13.08
C ASN A 66 1.55 8.49 -13.21
N TRP A 67 1.87 7.88 -12.07
CA TRP A 67 2.57 6.61 -12.06
C TRP A 67 1.74 5.52 -12.74
N MET A 68 2.25 4.29 -12.70
CA MET A 68 1.55 3.16 -13.33
C MET A 68 0.33 2.77 -12.51
N LYS A 69 0.47 2.79 -11.19
CA LYS A 69 -0.63 2.43 -10.30
C LYS A 69 -1.01 0.96 -10.47
N HIS A 70 -1.61 0.38 -9.43
CA HIS A 70 -2.03 -1.02 -9.47
C HIS A 70 -3.47 -1.17 -8.99
N ASN A 71 -3.93 -2.41 -8.91
CA ASN A 71 -5.29 -2.69 -8.47
C ASN A 71 -5.29 -3.65 -7.28
N VAL A 72 -6.25 -3.46 -6.38
CA VAL A 72 -6.37 -4.31 -5.20
C VAL A 72 -7.82 -4.44 -4.75
N ALA A 73 -8.17 -5.62 -4.25
CA ALA A 73 -9.53 -5.87 -3.79
C ALA A 73 -9.52 -6.52 -2.41
N ASP A 74 -9.07 -5.76 -1.41
CA ASP A 74 -9.02 -6.25 -0.04
C ASP A 74 -8.28 -7.59 0.03
N SER A 75 -7.03 -7.59 -0.40
CA SER A 75 -6.21 -8.80 -0.40
C SER A 75 -5.03 -8.65 0.54
N GLN A 76 -4.60 -7.41 0.76
CA GLN A 76 -3.47 -7.12 1.64
C GLN A 76 -2.19 -7.75 1.09
N ILE A 77 -2.22 -8.08 -0.19
CA ILE A 77 -1.05 -8.69 -0.83
C ILE A 77 -1.19 -8.67 -2.35
N THR A 78 -0.11 -8.29 -3.04
CA THR A 78 -0.12 -8.22 -4.49
C THR A 78 1.25 -8.57 -5.06
N THR A 79 1.26 -9.25 -6.20
CA THR A 79 2.52 -9.64 -6.85
C THR A 79 2.66 -8.95 -8.21
N ILE A 80 3.70 -8.14 -8.34
CA ILE A 80 3.96 -7.43 -9.59
C ILE A 80 5.15 -8.03 -10.33
N GLY A 81 5.02 -8.15 -11.64
CA GLY A 81 6.10 -8.70 -12.45
C GLY A 81 6.27 -7.99 -13.77
N ASN A 82 6.99 -8.61 -14.69
CA ASN A 82 7.24 -8.02 -15.99
C ASN A 82 8.03 -6.72 -15.87
N LEU A 83 8.97 -6.69 -14.94
CA LEU A 83 9.79 -5.51 -14.72
C LEU A 83 11.21 -5.73 -15.24
N VAL A 84 12.09 -4.76 -14.98
CA VAL A 84 13.47 -4.84 -15.43
C VAL A 84 14.42 -4.95 -14.23
N PRO A 85 15.37 -5.89 -14.31
CA PRO A 85 16.35 -6.11 -13.25
C PRO A 85 17.36 -4.96 -13.15
N GLN A 86 18.03 -4.87 -12.01
CA GLN A 86 19.02 -3.82 -11.79
C GLN A 86 18.44 -2.45 -12.10
N LYS A 87 17.29 -2.15 -11.50
CA LYS A 87 16.63 -0.86 -11.72
C LYS A 87 15.77 -0.48 -10.52
N THR A 88 16.02 0.70 -9.97
CA THR A 88 15.27 1.18 -8.81
C THR A 88 13.80 1.36 -9.15
N TYR A 89 12.92 0.89 -8.26
CA TYR A 89 11.49 1.00 -8.46
C TYR A 89 10.79 1.52 -7.21
N SER A 90 9.84 2.43 -7.41
CA SER A 90 9.10 3.02 -6.30
C SER A 90 7.89 2.16 -5.94
N VAL A 91 7.46 2.24 -4.68
CA VAL A 91 6.31 1.48 -4.21
C VAL A 91 5.59 2.22 -3.09
N LYS A 92 4.25 2.24 -3.16
CA LYS A 92 3.45 2.91 -2.16
C LYS A 92 2.13 2.17 -1.94
N VAL A 93 1.50 2.42 -0.80
CA VAL A 93 0.22 1.78 -0.47
C VAL A 93 -0.68 2.72 0.32
N LEU A 94 -1.98 2.59 0.12
CA LEU A 94 -2.95 3.42 0.82
C LEU A 94 -4.28 2.69 1.01
N ALA A 95 -5.15 3.25 1.82
CA ALA A 95 -6.45 2.65 2.08
C ALA A 95 -7.59 3.60 1.70
N PHE A 96 -8.64 3.05 1.11
CA PHE A 96 -9.79 3.85 0.70
C PHE A 96 -11.10 3.08 0.91
N THR A 97 -12.17 3.82 1.17
CA THR A 97 -13.48 3.21 1.39
C THR A 97 -14.55 3.88 0.53
N SER A 98 -15.78 3.40 0.66
CA SER A 98 -16.90 3.96 -0.10
C SER A 98 -17.01 5.46 0.10
N ILE A 99 -16.53 5.94 1.25
CA ILE A 99 -16.58 7.36 1.56
C ILE A 99 -15.59 8.14 0.70
N GLY A 100 -14.30 7.88 0.92
CA GLY A 100 -13.28 8.57 0.16
C GLY A 100 -11.96 7.82 0.15
N ASP A 101 -10.85 8.56 0.11
CA ASP A 101 -9.53 7.95 0.10
C ASP A 101 -8.74 8.33 1.34
N GLY A 102 -7.70 7.55 1.64
CA GLY A 102 -6.88 7.81 2.81
C GLY A 102 -5.47 8.23 2.44
N PRO A 103 -4.70 8.68 3.45
CA PRO A 103 -3.32 9.11 3.25
C PRO A 103 -2.38 7.95 2.94
N LEU A 104 -1.54 8.12 1.93
CA LEU A 104 -0.59 7.09 1.53
C LEU A 104 0.42 6.81 2.64
N SER A 105 1.21 5.76 2.47
CA SER A 105 2.21 5.39 3.46
C SER A 105 3.59 5.92 3.06
N SER A 106 4.58 5.68 3.92
CA SER A 106 5.94 6.15 3.66
C SER A 106 6.47 5.54 2.37
N ASP A 107 6.71 6.39 1.37
CA ASP A 107 7.23 5.95 0.08
C ASP A 107 8.50 5.13 0.27
N ILE A 108 8.55 3.95 -0.34
CA ILE A 108 9.71 3.08 -0.25
C ILE A 108 10.30 2.80 -1.63
N GLN A 109 11.52 2.25 -1.65
CA GLN A 109 12.19 1.93 -2.90
C GLN A 109 12.88 0.58 -2.81
N VAL A 110 12.60 -0.28 -3.78
CA VAL A 110 13.20 -1.62 -3.82
C VAL A 110 13.88 -1.88 -5.16
N ILE A 111 15.11 -2.38 -5.12
CA ILE A 111 15.86 -2.68 -6.32
C ILE A 111 15.57 -4.09 -6.81
N THR A 112 15.42 -4.25 -8.12
CA THR A 112 15.14 -5.55 -8.72
C THR A 112 16.40 -6.40 -8.79
N GLN A 113 16.62 -7.20 -7.75
CA GLN A 113 17.79 -8.08 -7.69
C GLN A 113 17.44 -9.41 -7.05
N THR A 114 17.92 -10.50 -7.66
CA THR A 114 17.66 -11.84 -7.16
C THR A 114 18.62 -12.21 -6.04
N GLY A 115 18.35 -11.70 -4.84
CA GLY A 115 19.20 -11.99 -3.70
C GLY A 115 20.61 -11.46 -3.89
N SER A 116 21.52 -12.35 -4.28
CA SER A 116 22.91 -11.98 -4.49
C SER A 116 23.53 -11.44 -3.21
N GLY A 117 24.25 -12.31 -2.50
CA GLY A 117 24.89 -11.90 -1.26
C GLY A 117 25.97 -12.87 -0.81
N PRO A 118 26.52 -12.64 0.38
CA PRO A 118 27.58 -13.49 0.95
C PRO A 118 27.06 -14.87 1.35
N SER A 119 25.87 -14.89 1.94
CA SER A 119 25.26 -16.14 2.38
C SER A 119 24.83 -16.98 1.18
N SER A 120 24.83 -18.30 1.37
CA SER A 120 24.44 -19.23 0.31
C SER A 120 23.07 -19.83 0.57
N GLY A 121 22.04 -19.23 -0.01
CA GLY A 121 20.68 -19.72 0.17
C GLY A 121 20.25 -19.67 1.63
N GLY A 1 10.82 -8.61 15.08
CA GLY A 1 10.75 -8.63 16.54
C GLY A 1 9.33 -8.82 17.03
N SER A 2 9.16 -8.85 18.35
CA SER A 2 7.84 -9.03 18.95
C SER A 2 7.57 -7.95 20.00
N SER A 3 7.43 -6.72 19.54
CA SER A 3 7.17 -5.59 20.44
C SER A 3 6.39 -4.50 19.72
N GLY A 4 5.77 -3.61 20.51
CA GLY A 4 5.00 -2.52 19.93
C GLY A 4 3.51 -2.72 20.09
N SER A 5 2.88 -1.86 20.90
CA SER A 5 1.45 -1.95 21.14
C SER A 5 0.84 -0.55 21.27
N SER A 6 0.33 -0.03 20.16
CA SER A 6 -0.28 1.29 20.14
C SER A 6 -1.28 1.42 18.99
N GLY A 7 -2.55 1.62 19.34
CA GLY A 7 -3.57 1.76 18.32
C GLY A 7 -4.97 1.65 18.90
N PRO A 8 -5.42 2.72 19.59
CA PRO A 8 -6.74 2.76 20.21
C PRO A 8 -7.86 2.83 19.18
N VAL A 9 -8.75 1.85 19.19
CA VAL A 9 -9.87 1.82 18.26
C VAL A 9 -11.02 2.70 18.74
N LEU A 10 -11.43 3.63 17.88
CA LEU A 10 -12.51 4.54 18.21
C LEU A 10 -13.82 4.09 17.56
N THR A 11 -14.86 4.93 17.68
CA THR A 11 -16.15 4.62 17.11
C THR A 11 -16.86 5.89 16.65
N GLN A 12 -17.73 5.74 15.64
CA GLN A 12 -18.47 6.88 15.11
C GLN A 12 -19.83 6.44 14.56
N THR A 13 -20.78 7.37 14.54
CA THR A 13 -22.12 7.08 14.04
C THR A 13 -22.09 6.78 12.55
N SER A 14 -21.70 7.78 11.75
CA SER A 14 -21.65 7.62 10.30
C SER A 14 -20.26 7.18 9.86
N GLU A 15 -20.21 6.28 8.87
CA GLU A 15 -18.95 5.77 8.36
C GLU A 15 -18.22 6.84 7.54
N GLN A 16 -16.90 6.88 7.67
CA GLN A 16 -16.09 7.85 6.95
C GLN A 16 -14.91 7.18 6.27
N ALA A 17 -14.19 7.94 5.45
CA ALA A 17 -13.03 7.41 4.74
C ALA A 17 -11.88 7.12 5.70
N PRO A 18 -10.95 6.26 5.26
CA PRO A 18 -9.78 5.88 6.07
C PRO A 18 -8.79 7.04 6.24
N SER A 19 -8.53 7.41 7.48
CA SER A 19 -7.60 8.49 7.76
C SER A 19 -6.30 7.96 8.36
N SER A 20 -5.98 6.70 8.04
CA SER A 20 -4.77 6.08 8.55
C SER A 20 -4.05 5.32 7.43
N ALA A 21 -2.81 5.72 7.16
CA ALA A 21 -2.01 5.07 6.13
C ALA A 21 -1.61 3.66 6.54
N PRO A 22 -1.32 2.81 5.54
CA PRO A 22 -0.92 1.42 5.77
C PRO A 22 0.46 1.31 6.40
N ARG A 23 0.64 0.33 7.28
CA ARG A 23 1.91 0.11 7.94
C ARG A 23 2.41 -1.31 7.73
N ASP A 24 3.63 -1.58 8.19
CA ASP A 24 4.22 -2.91 8.04
C ASP A 24 4.19 -3.36 6.59
N VAL A 25 4.36 -2.41 5.67
CA VAL A 25 4.35 -2.71 4.25
C VAL A 25 5.75 -2.69 3.67
N GLN A 26 6.00 -3.57 2.69
CA GLN A 26 7.31 -3.65 2.06
C GLN A 26 7.24 -4.45 0.77
N ALA A 27 8.38 -4.59 0.09
CA ALA A 27 8.45 -5.34 -1.16
C ALA A 27 9.56 -6.38 -1.12
N ARG A 28 9.19 -7.64 -1.30
CA ARG A 28 10.15 -8.74 -1.29
C ARG A 28 10.30 -9.36 -2.67
N MET A 29 11.54 -9.41 -3.17
CA MET A 29 11.81 -9.97 -4.48
C MET A 29 11.88 -11.48 -4.41
N LEU A 30 11.19 -12.15 -5.34
CA LEU A 30 11.17 -13.61 -5.38
C LEU A 30 11.78 -14.12 -6.69
N SER A 31 11.68 -13.30 -7.73
CA SER A 31 12.22 -13.67 -9.04
C SER A 31 13.12 -12.57 -9.59
N SER A 32 13.46 -12.69 -10.88
CA SER A 32 14.32 -11.70 -11.52
C SER A 32 13.49 -10.58 -12.13
N THR A 33 12.17 -10.77 -12.14
CA THR A 33 11.26 -9.77 -12.70
C THR A 33 9.88 -9.88 -12.07
N THR A 34 9.84 -10.26 -10.80
CA THR A 34 8.57 -10.40 -10.09
C THR A 34 8.73 -10.06 -8.61
N ILE A 35 8.00 -9.04 -8.16
CA ILE A 35 8.06 -8.62 -6.77
C ILE A 35 6.75 -8.91 -6.05
N LEU A 36 6.71 -8.62 -4.76
CA LEU A 36 5.51 -8.84 -3.96
C LEU A 36 5.38 -7.78 -2.86
N VAL A 37 4.28 -7.05 -2.87
CA VAL A 37 4.03 -6.00 -1.88
C VAL A 37 2.87 -6.38 -0.96
N GLN A 38 3.15 -6.45 0.34
CA GLN A 38 2.13 -6.79 1.31
C GLN A 38 2.13 -5.80 2.48
N TRP A 39 0.98 -5.20 2.74
CA TRP A 39 0.84 -4.23 3.82
C TRP A 39 -0.07 -4.77 4.93
N LYS A 40 -0.20 -4.00 6.01
CA LYS A 40 -1.05 -4.40 7.12
C LYS A 40 -2.18 -3.41 7.32
N GLU A 41 -3.31 -3.90 7.81
CA GLU A 41 -4.48 -3.06 8.04
C GLU A 41 -4.11 -1.83 8.86
N PRO A 42 -4.84 -0.72 8.63
CA PRO A 42 -4.60 0.54 9.34
C PRO A 42 -4.99 0.46 10.81
N GLU A 43 -4.66 1.51 11.56
CA GLU A 43 -4.99 1.56 12.98
C GLU A 43 -6.18 2.47 13.24
N GLU A 44 -6.85 2.86 12.16
CA GLU A 44 -8.02 3.73 12.26
C GLU A 44 -8.79 3.77 10.95
N PRO A 45 -9.51 2.67 10.65
CA PRO A 45 -10.31 2.56 9.42
C PRO A 45 -11.42 3.61 9.35
N ASN A 46 -12.25 3.65 10.39
CA ASN A 46 -13.35 4.60 10.45
C ASN A 46 -14.36 4.33 9.34
N GLY A 47 -14.38 3.08 8.86
CA GLY A 47 -15.30 2.72 7.80
C GLY A 47 -15.11 1.29 7.34
N GLN A 48 -15.75 0.93 6.22
CA GLN A 48 -15.65 -0.41 5.67
C GLN A 48 -14.64 -0.46 4.53
N ILE A 49 -13.52 -1.12 4.77
CA ILE A 49 -12.47 -1.24 3.76
C ILE A 49 -12.97 -2.04 2.55
N GLN A 50 -12.73 -1.50 1.36
CA GLN A 50 -13.15 -2.16 0.13
C GLN A 50 -11.94 -2.59 -0.70
N GLY A 51 -10.82 -1.89 -0.52
CA GLY A 51 -9.62 -2.21 -1.25
C GLY A 51 -8.48 -1.26 -0.94
N TYR A 52 -7.43 -1.30 -1.76
CA TYR A 52 -6.27 -0.45 -1.56
C TYR A 52 -5.64 -0.07 -2.90
N ARG A 53 -5.01 1.10 -2.93
CA ARG A 53 -4.37 1.59 -4.14
C ARG A 53 -2.85 1.46 -4.05
N VAL A 54 -2.23 0.98 -5.12
CA VAL A 54 -0.78 0.82 -5.15
C VAL A 54 -0.16 1.64 -6.27
N TYR A 55 1.06 2.13 -6.04
CA TYR A 55 1.76 2.94 -7.03
C TYR A 55 3.19 2.45 -7.21
N TYR A 56 3.56 2.16 -8.45
CA TYR A 56 4.91 1.68 -8.76
C TYR A 56 5.31 2.08 -10.17
N THR A 57 6.48 2.68 -10.30
CA THR A 57 7.00 3.11 -11.59
C THR A 57 8.50 3.34 -11.55
N MET A 58 9.13 3.34 -12.71
CA MET A 58 10.57 3.55 -12.81
C MET A 58 10.90 5.02 -12.93
N ASP A 59 9.94 5.81 -13.41
CA ASP A 59 10.13 7.25 -13.57
C ASP A 59 9.25 8.02 -12.60
N PRO A 60 9.68 8.08 -11.33
CA PRO A 60 8.94 8.78 -10.28
C PRO A 60 8.99 10.30 -10.46
N THR A 61 9.80 10.75 -11.40
CA THR A 61 9.93 12.18 -11.68
C THR A 61 8.60 12.78 -12.12
N GLN A 62 7.68 11.92 -12.55
CA GLN A 62 6.37 12.37 -13.00
C GLN A 62 5.38 12.40 -11.84
N HIS A 63 4.12 12.69 -12.15
CA HIS A 63 3.07 12.75 -11.14
C HIS A 63 2.57 11.35 -10.79
N VAL A 64 2.17 11.18 -9.54
CA VAL A 64 1.66 9.89 -9.06
C VAL A 64 0.56 9.37 -9.97
N ASN A 65 -0.39 10.24 -10.30
CA ASN A 65 -1.51 9.87 -11.16
C ASN A 65 -1.01 9.40 -12.52
N ASN A 66 0.21 9.79 -12.87
CA ASN A 66 0.80 9.42 -14.15
C ASN A 66 1.49 8.06 -14.05
N TRP A 67 1.91 7.70 -12.84
CA TRP A 67 2.59 6.43 -12.62
C TRP A 67 1.75 5.27 -13.13
N MET A 68 2.32 4.07 -13.10
CA MET A 68 1.62 2.88 -13.56
C MET A 68 0.41 2.59 -12.69
N LYS A 69 0.62 2.58 -11.38
CA LYS A 69 -0.46 2.31 -10.43
C LYS A 69 -0.98 0.89 -10.58
N HIS A 70 -1.54 0.35 -9.50
CA HIS A 70 -2.09 -1.01 -9.53
C HIS A 70 -3.48 -1.04 -8.90
N ASN A 71 -4.03 -2.25 -8.76
CA ASN A 71 -5.35 -2.42 -8.17
C ASN A 71 -5.32 -3.49 -7.09
N VAL A 72 -6.30 -3.44 -6.19
CA VAL A 72 -6.40 -4.41 -5.11
C VAL A 72 -7.85 -4.68 -4.74
N ALA A 73 -8.12 -5.92 -4.32
CA ALA A 73 -9.48 -6.31 -3.95
C ALA A 73 -9.50 -6.89 -2.53
N ASP A 74 -9.19 -6.05 -1.55
CA ASP A 74 -9.18 -6.48 -0.16
C ASP A 74 -8.33 -7.73 0.03
N SER A 75 -7.09 -7.67 -0.43
CA SER A 75 -6.17 -8.80 -0.34
C SER A 75 -4.99 -8.47 0.57
N GLN A 76 -4.75 -7.18 0.77
CA GLN A 76 -3.65 -6.72 1.60
C GLN A 76 -2.31 -7.19 1.03
N ILE A 77 -2.30 -7.56 -0.24
CA ILE A 77 -1.08 -8.03 -0.90
C ILE A 77 -1.26 -8.05 -2.41
N THR A 78 -0.18 -7.74 -3.13
CA THR A 78 -0.21 -7.71 -4.58
C THR A 78 1.15 -8.11 -5.16
N THR A 79 1.12 -8.75 -6.33
CA THR A 79 2.35 -9.18 -6.98
C THR A 79 2.53 -8.48 -8.32
N ILE A 80 3.68 -7.88 -8.52
CA ILE A 80 3.98 -7.18 -9.78
C ILE A 80 5.09 -7.88 -10.55
N GLY A 81 4.97 -7.87 -11.87
CA GLY A 81 5.98 -8.50 -12.71
C GLY A 81 6.23 -7.74 -13.99
N ASN A 82 6.96 -8.36 -14.91
CA ASN A 82 7.28 -7.72 -16.18
C ASN A 82 8.13 -6.47 -15.97
N LEU A 83 9.02 -6.53 -14.98
CA LEU A 83 9.89 -5.40 -14.67
C LEU A 83 11.31 -5.66 -15.18
N VAL A 84 12.23 -4.76 -14.84
CA VAL A 84 13.62 -4.89 -15.25
C VAL A 84 14.54 -5.05 -14.04
N PRO A 85 15.45 -6.03 -14.12
CA PRO A 85 16.40 -6.31 -13.04
C PRO A 85 17.45 -5.21 -12.91
N GLN A 86 18.12 -5.18 -11.75
CA GLN A 86 19.14 -4.18 -11.49
C GLN A 86 18.61 -2.77 -11.77
N LYS A 87 17.46 -2.45 -11.19
CA LYS A 87 16.85 -1.14 -11.38
C LYS A 87 15.96 -0.79 -10.18
N THR A 88 16.22 0.37 -9.58
CA THR A 88 15.45 0.82 -8.43
C THR A 88 13.99 1.08 -8.81
N TYR A 89 13.08 0.66 -7.94
CA TYR A 89 11.65 0.84 -8.19
C TYR A 89 10.93 1.33 -6.93
N SER A 90 10.07 2.31 -7.11
CA SER A 90 9.32 2.88 -5.99
C SER A 90 8.02 2.10 -5.75
N VAL A 91 7.52 2.16 -4.52
CA VAL A 91 6.29 1.46 -4.17
C VAL A 91 5.52 2.21 -3.08
N LYS A 92 4.22 2.39 -3.31
CA LYS A 92 3.37 3.09 -2.35
C LYS A 92 2.05 2.35 -2.15
N VAL A 93 1.48 2.48 -0.95
CA VAL A 93 0.22 1.82 -0.64
C VAL A 93 -0.67 2.74 0.21
N LEU A 94 -1.98 2.65 -0.02
CA LEU A 94 -2.93 3.46 0.72
C LEU A 94 -4.26 2.72 0.89
N ALA A 95 -5.03 3.13 1.89
CA ALA A 95 -6.33 2.51 2.15
C ALA A 95 -7.47 3.44 1.74
N PHE A 96 -8.51 2.86 1.15
CA PHE A 96 -9.67 3.64 0.72
C PHE A 96 -10.96 2.86 0.92
N THR A 97 -12.04 3.57 1.23
CA THR A 97 -13.33 2.94 1.46
C THR A 97 -14.39 3.52 0.52
N SER A 98 -15.63 3.06 0.69
CA SER A 98 -16.73 3.53 -0.15
C SER A 98 -16.93 5.04 0.00
N ILE A 99 -16.53 5.56 1.15
CA ILE A 99 -16.66 6.99 1.42
C ILE A 99 -15.72 7.81 0.55
N GLY A 100 -14.42 7.58 0.71
CA GLY A 100 -13.44 8.31 -0.08
C GLY A 100 -12.11 7.58 -0.15
N ASP A 101 -11.02 8.33 -0.04
CA ASP A 101 -9.69 7.76 -0.10
C ASP A 101 -8.88 8.12 1.15
N GLY A 102 -7.87 7.31 1.44
CA GLY A 102 -7.04 7.56 2.61
C GLY A 102 -5.65 8.03 2.24
N PRO A 103 -4.86 8.39 3.26
CA PRO A 103 -3.48 8.86 3.06
C PRO A 103 -2.54 7.76 2.59
N LEU A 104 -1.46 8.15 1.94
CA LEU A 104 -0.48 7.19 1.43
C LEU A 104 0.52 6.82 2.52
N SER A 105 1.32 5.79 2.25
CA SER A 105 2.33 5.34 3.20
C SER A 105 3.72 5.87 2.82
N SER A 106 4.66 5.76 3.76
CA SER A 106 6.02 6.22 3.52
C SER A 106 6.58 5.65 2.22
N ASP A 107 6.97 6.53 1.31
CA ASP A 107 7.53 6.12 0.03
C ASP A 107 8.67 5.12 0.23
N ILE A 108 8.41 3.86 -0.09
CA ILE A 108 9.42 2.81 0.06
C ILE A 108 10.04 2.46 -1.29
N GLN A 109 11.26 1.95 -1.26
CA GLN A 109 11.97 1.57 -2.48
C GLN A 109 12.46 0.12 -2.40
N VAL A 110 12.74 -0.47 -3.55
CA VAL A 110 13.22 -1.84 -3.61
C VAL A 110 13.93 -2.13 -4.93
N ILE A 111 15.10 -2.73 -4.85
CA ILE A 111 15.89 -3.06 -6.03
C ILE A 111 15.55 -4.46 -6.55
N THR A 112 15.50 -4.60 -7.86
CA THR A 112 15.20 -5.88 -8.48
C THR A 112 16.45 -6.74 -8.62
N GLN A 113 16.67 -7.61 -7.65
CA GLN A 113 17.85 -8.49 -7.67
C GLN A 113 17.55 -9.79 -6.92
N THR A 114 16.30 -10.26 -7.00
CA THR A 114 15.91 -11.49 -6.35
C THR A 114 16.23 -11.45 -4.87
N GLY A 115 16.31 -10.24 -4.31
CA GLY A 115 16.62 -10.09 -2.90
C GLY A 115 16.15 -8.75 -2.35
N SER A 116 16.36 -8.55 -1.05
CA SER A 116 15.95 -7.31 -0.40
C SER A 116 17.15 -6.61 0.24
N GLY A 117 16.95 -5.37 0.65
CA GLY A 117 18.02 -4.61 1.28
C GLY A 117 18.31 -5.07 2.69
N PRO A 118 19.27 -4.40 3.34
CA PRO A 118 19.66 -4.73 4.72
C PRO A 118 18.59 -4.35 5.73
N SER A 119 18.93 -4.44 7.01
CA SER A 119 18.00 -4.10 8.08
C SER A 119 18.74 -3.67 9.34
N SER A 120 18.30 -2.56 9.93
CA SER A 120 18.93 -2.05 11.14
C SER A 120 20.41 -1.77 10.91
N GLY A 121 20.72 -0.56 10.45
CA GLY A 121 22.09 -0.19 10.19
C GLY A 121 22.78 -1.13 9.22
N GLY A 1 -30.31 -8.60 17.40
CA GLY A 1 -30.10 -10.04 17.47
C GLY A 1 -31.05 -10.72 18.45
N SER A 2 -31.51 -9.95 19.43
CA SER A 2 -32.42 -10.49 20.45
C SER A 2 -33.84 -9.98 20.21
N SER A 3 -34.00 -8.67 20.23
CA SER A 3 -35.31 -8.05 20.03
C SER A 3 -35.17 -6.64 19.47
N GLY A 4 -34.31 -5.85 20.08
CA GLY A 4 -34.09 -4.48 19.64
C GLY A 4 -32.87 -4.35 18.74
N SER A 5 -31.89 -3.59 19.20
CA SER A 5 -30.66 -3.37 18.44
C SER A 5 -29.57 -2.78 19.33
N SER A 6 -29.86 -1.64 19.93
CA SER A 6 -28.91 -0.95 20.80
C SER A 6 -27.63 -0.61 20.03
N GLY A 7 -26.66 -0.05 20.74
CA GLY A 7 -25.40 0.32 20.11
C GLY A 7 -24.60 1.31 20.95
N PRO A 8 -23.47 1.78 20.40
CA PRO A 8 -22.61 2.74 21.08
C PRO A 8 -23.23 4.12 21.19
N VAL A 9 -22.84 4.87 22.21
CA VAL A 9 -23.37 6.21 22.42
C VAL A 9 -22.31 7.28 22.14
N LEU A 10 -22.65 8.24 21.28
CA LEU A 10 -21.73 9.30 20.92
C LEU A 10 -20.49 8.74 20.23
N THR A 11 -19.66 9.65 19.71
CA THR A 11 -18.44 9.24 19.02
C THR A 11 -18.74 8.24 17.92
N GLN A 12 -19.88 8.41 17.26
CA GLN A 12 -20.28 7.51 16.18
C GLN A 12 -21.27 8.19 15.24
N THR A 13 -20.77 8.67 14.10
CA THR A 13 -21.62 9.35 13.13
C THR A 13 -21.36 8.82 11.72
N SER A 14 -21.90 7.64 11.43
CA SER A 14 -21.73 7.02 10.12
C SER A 14 -20.26 6.72 9.85
N GLU A 15 -20.01 5.87 8.86
CA GLU A 15 -18.64 5.49 8.51
C GLU A 15 -18.03 6.50 7.54
N GLN A 16 -16.80 6.90 7.82
CA GLN A 16 -16.09 7.86 6.98
C GLN A 16 -14.91 7.21 6.27
N ALA A 17 -14.17 8.01 5.51
CA ALA A 17 -13.02 7.51 4.78
C ALA A 17 -11.86 7.18 5.72
N PRO A 18 -10.93 6.33 5.26
CA PRO A 18 -9.77 5.92 6.04
C PRO A 18 -8.78 7.06 6.25
N SER A 19 -8.52 7.40 7.52
CA SER A 19 -7.60 8.47 7.86
C SER A 19 -6.31 7.91 8.46
N SER A 20 -5.95 6.70 8.05
CA SER A 20 -4.76 6.05 8.56
C SER A 20 -4.04 5.29 7.44
N ALA A 21 -2.79 5.67 7.17
CA ALA A 21 -2.00 5.03 6.14
C ALA A 21 -1.61 3.61 6.54
N PRO A 22 -1.32 2.76 5.55
CA PRO A 22 -0.94 1.37 5.77
C PRO A 22 0.44 1.24 6.41
N ARG A 23 0.61 0.26 7.28
CA ARG A 23 1.88 0.04 7.96
C ARG A 23 2.36 -1.39 7.76
N ASP A 24 3.58 -1.67 8.20
CA ASP A 24 4.15 -3.01 8.07
C ASP A 24 4.13 -3.47 6.61
N VAL A 25 4.32 -2.53 5.69
CA VAL A 25 4.32 -2.83 4.26
C VAL A 25 5.73 -2.81 3.71
N GLN A 26 5.98 -3.67 2.71
CA GLN A 26 7.29 -3.76 2.08
C GLN A 26 7.24 -4.67 0.85
N ALA A 27 8.16 -4.43 -0.08
CA ALA A 27 8.23 -5.22 -1.29
C ALA A 27 9.45 -6.14 -1.30
N ARG A 28 9.19 -7.45 -1.41
CA ARG A 28 10.27 -8.43 -1.41
C ARG A 28 10.42 -9.07 -2.79
N MET A 29 11.67 -9.23 -3.22
CA MET A 29 11.94 -9.83 -4.53
C MET A 29 12.03 -11.35 -4.42
N LEU A 30 11.35 -12.04 -5.33
CA LEU A 30 11.36 -13.50 -5.34
C LEU A 30 11.96 -14.05 -6.63
N SER A 31 11.85 -13.26 -7.70
CA SER A 31 12.39 -13.66 -9.00
C SER A 31 13.22 -12.54 -9.61
N SER A 32 13.57 -12.69 -10.88
CA SER A 32 14.37 -11.69 -11.58
C SER A 32 13.50 -10.54 -12.06
N THR A 33 12.19 -10.77 -12.13
CA THR A 33 11.24 -9.75 -12.57
C THR A 33 9.88 -9.94 -11.92
N THR A 34 9.89 -10.33 -10.64
CA THR A 34 8.65 -10.54 -9.90
C THR A 34 8.79 -10.12 -8.45
N ILE A 35 7.98 -9.16 -8.04
CA ILE A 35 8.01 -8.66 -6.66
C ILE A 35 6.69 -8.90 -5.95
N LEU A 36 6.70 -8.79 -4.63
CA LEU A 36 5.49 -9.00 -3.83
C LEU A 36 5.36 -7.92 -2.75
N VAL A 37 4.25 -7.20 -2.78
CA VAL A 37 4.00 -6.14 -1.81
C VAL A 37 2.82 -6.50 -0.91
N GLN A 38 3.07 -6.55 0.39
CA GLN A 38 2.03 -6.87 1.36
C GLN A 38 2.04 -5.89 2.52
N TRP A 39 0.89 -5.27 2.76
CA TRP A 39 0.76 -4.29 3.84
C TRP A 39 -0.17 -4.81 4.93
N LYS A 40 -0.31 -4.04 6.01
CA LYS A 40 -1.17 -4.42 7.12
C LYS A 40 -2.31 -3.41 7.29
N GLU A 41 -3.45 -3.89 7.78
CA GLU A 41 -4.60 -3.03 7.98
C GLU A 41 -4.22 -1.79 8.79
N PRO A 42 -4.92 -0.68 8.53
CA PRO A 42 -4.67 0.59 9.23
C PRO A 42 -5.11 0.54 10.69
N GLU A 43 -4.78 1.60 11.44
CA GLU A 43 -5.14 1.68 12.85
C GLU A 43 -6.44 2.45 13.04
N GLU A 44 -6.77 3.29 12.06
CA GLU A 44 -8.00 4.08 12.11
C GLU A 44 -8.76 3.99 10.80
N PRO A 45 -9.41 2.84 10.57
CA PRO A 45 -10.19 2.60 9.35
C PRO A 45 -11.36 3.57 9.21
N ASN A 46 -12.17 3.66 10.27
CA ASN A 46 -13.33 4.55 10.27
C ASN A 46 -14.34 4.12 9.22
N GLY A 47 -14.29 2.84 8.85
CA GLY A 47 -15.22 2.32 7.86
C GLY A 47 -14.76 0.99 7.28
N GLN A 48 -15.67 0.31 6.58
CA GLN A 48 -15.35 -0.98 5.98
C GLN A 48 -14.44 -0.80 4.77
N ILE A 49 -13.28 -1.46 4.81
CA ILE A 49 -12.33 -1.38 3.70
C ILE A 49 -12.83 -2.14 2.48
N GLN A 50 -12.74 -1.50 1.33
CA GLN A 50 -13.18 -2.11 0.07
C GLN A 50 -11.98 -2.54 -0.78
N GLY A 51 -10.85 -1.86 -0.58
CA GLY A 51 -9.66 -2.18 -1.34
C GLY A 51 -8.51 -1.25 -1.02
N TYR A 52 -7.47 -1.31 -1.85
CA TYR A 52 -6.29 -0.47 -1.64
C TYR A 52 -5.66 -0.08 -2.99
N ARG A 53 -4.96 1.04 -3.00
CA ARG A 53 -4.31 1.53 -4.21
C ARG A 53 -2.79 1.44 -4.09
N VAL A 54 -2.14 0.94 -5.13
CA VAL A 54 -0.69 0.81 -5.14
C VAL A 54 -0.07 1.63 -6.26
N TYR A 55 1.14 2.14 -6.01
CA TYR A 55 1.85 2.94 -7.01
C TYR A 55 3.28 2.46 -7.17
N TYR A 56 3.66 2.14 -8.41
CA TYR A 56 4.99 1.67 -8.71
C TYR A 56 5.41 2.05 -10.12
N THR A 57 6.58 2.66 -10.24
CA THR A 57 7.09 3.09 -11.54
C THR A 57 8.60 3.32 -11.49
N MET A 58 9.21 3.46 -12.66
CA MET A 58 10.65 3.69 -12.75
C MET A 58 10.95 5.18 -12.89
N ASP A 59 9.97 5.94 -13.36
CA ASP A 59 10.13 7.37 -13.54
C ASP A 59 9.25 8.15 -12.57
N PRO A 60 9.68 8.22 -11.31
CA PRO A 60 8.94 8.93 -10.24
C PRO A 60 8.97 10.44 -10.44
N THR A 61 9.77 10.90 -11.40
CA THR A 61 9.87 12.32 -11.69
C THR A 61 8.53 12.91 -12.11
N GLN A 62 7.62 12.03 -12.52
CA GLN A 62 6.29 12.47 -12.95
C GLN A 62 5.33 12.49 -11.77
N HIS A 63 4.04 12.68 -12.07
CA HIS A 63 3.02 12.73 -11.04
C HIS A 63 2.58 11.31 -10.64
N VAL A 64 2.23 11.15 -9.36
CA VAL A 64 1.80 9.85 -8.86
C VAL A 64 0.70 9.26 -9.73
N ASN A 65 -0.34 10.05 -9.97
CA ASN A 65 -1.46 9.61 -10.79
C ASN A 65 -1.00 9.22 -12.18
N ASN A 66 0.16 9.74 -12.58
CA ASN A 66 0.72 9.45 -13.90
C ASN A 66 1.44 8.10 -13.90
N TRP A 67 1.90 7.69 -12.72
CA TRP A 67 2.62 6.43 -12.58
C TRP A 67 1.78 5.27 -13.11
N MET A 68 2.36 4.07 -13.10
CA MET A 68 1.67 2.88 -13.58
C MET A 68 0.47 2.55 -12.68
N LYS A 69 0.70 2.57 -11.38
CA LYS A 69 -0.37 2.28 -10.41
C LYS A 69 -0.84 0.84 -10.56
N HIS A 70 -1.44 0.31 -9.49
CA HIS A 70 -1.95 -1.06 -9.50
C HIS A 70 -3.37 -1.12 -8.94
N ASN A 71 -3.90 -2.32 -8.80
CA ASN A 71 -5.24 -2.51 -8.27
C ASN A 71 -5.25 -3.56 -7.17
N VAL A 72 -6.25 -3.47 -6.29
CA VAL A 72 -6.37 -4.42 -5.19
C VAL A 72 -7.84 -4.69 -4.86
N ALA A 73 -8.12 -5.90 -4.39
CA ALA A 73 -9.48 -6.28 -4.04
C ALA A 73 -9.55 -6.76 -2.58
N ASP A 74 -9.21 -5.88 -1.66
CA ASP A 74 -9.23 -6.21 -0.24
C ASP A 74 -8.47 -7.50 0.04
N SER A 75 -7.21 -7.53 -0.39
CA SER A 75 -6.37 -8.71 -0.20
C SER A 75 -5.18 -8.38 0.70
N GLN A 76 -4.90 -7.10 0.86
CA GLN A 76 -3.78 -6.65 1.68
C GLN A 76 -2.47 -7.20 1.17
N ILE A 77 -2.46 -7.61 -0.10
CA ILE A 77 -1.25 -8.16 -0.72
C ILE A 77 -1.40 -8.24 -2.23
N THR A 78 -0.33 -7.91 -2.95
CA THR A 78 -0.34 -7.94 -4.40
C THR A 78 1.04 -8.30 -4.95
N THR A 79 1.05 -8.82 -6.18
CA THR A 79 2.31 -9.21 -6.82
C THR A 79 2.46 -8.52 -8.17
N ILE A 80 3.66 -7.98 -8.42
CA ILE A 80 3.93 -7.29 -9.67
C ILE A 80 5.06 -7.98 -10.44
N GLY A 81 4.95 -8.00 -11.76
CA GLY A 81 5.96 -8.62 -12.59
C GLY A 81 6.19 -7.90 -13.89
N ASN A 82 6.94 -8.52 -14.80
CA ASN A 82 7.22 -7.92 -16.10
C ASN A 82 8.03 -6.64 -15.94
N LEU A 83 8.96 -6.64 -14.98
CA LEU A 83 9.80 -5.49 -14.72
C LEU A 83 11.21 -5.71 -15.26
N VAL A 84 12.13 -4.81 -14.90
CA VAL A 84 13.51 -4.91 -15.33
C VAL A 84 14.45 -5.09 -14.15
N PRO A 85 15.37 -6.05 -14.26
CA PRO A 85 16.35 -6.35 -13.20
C PRO A 85 17.38 -5.24 -13.05
N GLN A 86 18.03 -5.19 -11.89
CA GLN A 86 19.05 -4.18 -11.62
C GLN A 86 18.51 -2.78 -11.89
N LYS A 87 17.37 -2.46 -11.27
CA LYS A 87 16.75 -1.15 -11.45
C LYS A 87 15.91 -0.78 -10.24
N THR A 88 16.18 0.38 -9.66
CA THR A 88 15.45 0.85 -8.49
C THR A 88 14.00 1.17 -8.83
N TYR A 89 13.08 0.64 -8.04
CA TYR A 89 11.66 0.86 -8.27
C TYR A 89 10.97 1.34 -6.99
N SER A 90 10.11 2.35 -7.13
CA SER A 90 9.39 2.90 -5.99
C SER A 90 8.09 2.15 -5.74
N VAL A 91 7.61 2.20 -4.51
CA VAL A 91 6.37 1.51 -4.14
C VAL A 91 5.61 2.29 -3.09
N LYS A 92 4.28 2.33 -3.23
CA LYS A 92 3.43 3.05 -2.29
C LYS A 92 2.10 2.33 -2.11
N VAL A 93 1.53 2.45 -0.91
CA VAL A 93 0.25 1.81 -0.61
C VAL A 93 -0.63 2.72 0.23
N LEU A 94 -1.94 2.65 0.00
CA LEU A 94 -2.89 3.46 0.75
C LEU A 94 -4.20 2.72 0.94
N ALA A 95 -5.07 3.26 1.81
CA ALA A 95 -6.35 2.64 2.09
C ALA A 95 -7.50 3.58 1.68
N PHE A 96 -8.55 3.00 1.11
CA PHE A 96 -9.69 3.78 0.67
C PHE A 96 -10.99 2.99 0.87
N THR A 97 -12.06 3.71 1.22
CA THR A 97 -13.36 3.08 1.44
C THR A 97 -14.42 3.67 0.52
N SER A 98 -15.65 3.16 0.65
CA SER A 98 -16.76 3.63 -0.17
C SER A 98 -16.95 5.13 -0.01
N ILE A 99 -16.50 5.66 1.13
CA ILE A 99 -16.64 7.07 1.43
C ILE A 99 -15.69 7.91 0.55
N GLY A 100 -14.39 7.73 0.76
CA GLY A 100 -13.41 8.46 -0.01
C GLY A 100 -12.07 7.74 -0.08
N ASP A 101 -10.99 8.51 0.01
CA ASP A 101 -9.64 7.94 -0.04
C ASP A 101 -8.86 8.26 1.22
N GLY A 102 -7.84 7.47 1.50
CA GLY A 102 -7.02 7.69 2.68
C GLY A 102 -5.61 8.14 2.34
N PRO A 103 -4.82 8.45 3.37
CA PRO A 103 -3.43 8.90 3.21
C PRO A 103 -2.52 7.78 2.72
N LEU A 104 -1.44 8.16 2.03
CA LEU A 104 -0.50 7.18 1.51
C LEU A 104 0.51 6.79 2.58
N SER A 105 1.34 5.79 2.26
CA SER A 105 2.35 5.31 3.21
C SER A 105 3.71 5.93 2.90
N SER A 106 4.69 5.64 3.75
CA SER A 106 6.04 6.17 3.58
C SER A 106 6.65 5.69 2.27
N ASP A 107 7.10 6.64 1.46
CA ASP A 107 7.71 6.32 0.17
C ASP A 107 8.81 5.27 0.34
N ILE A 108 8.52 4.05 -0.08
CA ILE A 108 9.49 2.96 0.02
C ILE A 108 10.05 2.60 -1.35
N GLN A 109 11.23 1.99 -1.36
CA GLN A 109 11.88 1.59 -2.60
C GLN A 109 12.33 0.13 -2.54
N VAL A 110 12.75 -0.40 -3.68
CA VAL A 110 13.20 -1.79 -3.75
C VAL A 110 13.91 -2.07 -5.07
N ILE A 111 15.08 -2.69 -4.99
CA ILE A 111 15.86 -3.01 -6.17
C ILE A 111 15.51 -4.40 -6.70
N THR A 112 15.49 -4.53 -8.03
CA THR A 112 15.18 -5.81 -8.66
C THR A 112 16.40 -6.71 -8.72
N GLN A 113 16.54 -7.59 -7.74
CA GLN A 113 17.66 -8.51 -7.68
C GLN A 113 17.25 -9.84 -7.07
N THR A 114 17.66 -10.94 -7.70
CA THR A 114 17.33 -12.28 -7.21
C THR A 114 17.95 -12.52 -5.83
N GLY A 115 19.24 -12.22 -5.70
CA GLY A 115 19.92 -12.42 -4.44
C GLY A 115 19.90 -13.87 -4.00
N SER A 116 20.62 -14.16 -2.93
CA SER A 116 20.71 -15.52 -2.40
C SER A 116 21.32 -15.54 -1.01
N GLY A 117 20.79 -14.72 -0.12
CA GLY A 117 21.30 -14.65 1.24
C GLY A 117 20.30 -15.16 2.27
N PRO A 118 20.14 -16.50 2.32
CA PRO A 118 19.23 -17.14 3.26
C PRO A 118 19.69 -17.03 4.71
N SER A 119 18.74 -16.92 5.63
CA SER A 119 19.05 -16.81 7.04
C SER A 119 17.91 -17.36 7.90
N SER A 120 18.19 -17.57 9.18
CA SER A 120 17.21 -18.11 10.10
C SER A 120 15.98 -17.19 10.17
N GLY A 121 14.81 -17.74 9.87
CA GLY A 121 13.59 -16.96 9.91
C GLY A 121 12.35 -17.83 9.85
N GLY A 1 -45.99 10.26 17.28
CA GLY A 1 -45.60 9.95 15.91
C GLY A 1 -44.16 10.33 15.62
N SER A 2 -43.77 11.52 16.06
CA SER A 2 -42.41 12.02 15.83
C SER A 2 -41.41 11.27 16.70
N SER A 3 -40.19 11.10 16.19
CA SER A 3 -39.15 10.40 16.92
C SER A 3 -38.89 11.05 18.28
N GLY A 4 -39.31 10.38 19.35
CA GLY A 4 -39.12 10.91 20.69
C GLY A 4 -39.21 9.83 21.76
N SER A 5 -38.16 9.04 21.87
CA SER A 5 -38.12 7.96 22.85
C SER A 5 -36.72 7.79 23.43
N SER A 6 -36.56 6.85 24.35
CA SER A 6 -35.27 6.59 24.97
C SER A 6 -34.67 5.29 24.45
N GLY A 7 -33.40 5.35 24.06
CA GLY A 7 -32.72 4.18 23.55
C GLY A 7 -31.26 4.12 23.97
N PRO A 8 -30.52 3.18 23.36
CA PRO A 8 -29.08 3.00 23.67
C PRO A 8 -28.24 4.15 23.15
N VAL A 9 -27.02 4.26 23.67
CA VAL A 9 -26.11 5.32 23.25
C VAL A 9 -24.67 4.80 23.19
N LEU A 10 -23.98 5.12 22.09
CA LEU A 10 -22.60 4.69 21.90
C LEU A 10 -21.91 5.55 20.86
N THR A 11 -20.70 5.15 20.47
CA THR A 11 -19.92 5.89 19.48
C THR A 11 -20.14 5.32 18.09
N GLN A 12 -21.24 5.72 17.45
CA GLN A 12 -21.56 5.24 16.11
C GLN A 12 -22.68 6.08 15.50
N THR A 13 -22.57 6.35 14.19
CA THR A 13 -23.57 7.13 13.49
C THR A 13 -23.49 6.89 11.98
N SER A 14 -22.32 7.16 11.41
CA SER A 14 -22.12 6.98 9.98
C SER A 14 -20.65 6.69 9.67
N GLU A 15 -20.43 5.83 8.68
CA GLU A 15 -19.07 5.47 8.29
C GLU A 15 -18.40 6.60 7.52
N GLN A 16 -17.07 6.65 7.60
CA GLN A 16 -16.31 7.69 6.91
C GLN A 16 -15.08 7.10 6.23
N ALA A 17 -14.44 7.90 5.38
CA ALA A 17 -13.24 7.47 4.67
C ALA A 17 -12.10 7.18 5.64
N PRO A 18 -11.12 6.39 5.19
CA PRO A 18 -9.95 6.04 6.00
C PRO A 18 -9.02 7.22 6.23
N SER A 19 -8.50 7.33 7.45
CA SER A 19 -7.60 8.42 7.79
C SER A 19 -6.30 7.88 8.40
N SER A 20 -5.96 6.65 8.06
CA SER A 20 -4.76 6.01 8.57
C SER A 20 -4.04 5.26 7.45
N ALA A 21 -2.79 5.66 7.18
CA ALA A 21 -1.99 5.02 6.14
C ALA A 21 -1.58 3.62 6.56
N PRO A 22 -1.28 2.76 5.57
CA PRO A 22 -0.88 1.38 5.80
C PRO A 22 0.51 1.28 6.43
N ARG A 23 0.68 0.31 7.32
CA ARG A 23 1.96 0.11 7.99
C ARG A 23 2.47 -1.32 7.79
N ASP A 24 3.69 -1.58 8.26
CA ASP A 24 4.28 -2.90 8.12
C ASP A 24 4.25 -3.37 6.67
N VAL A 25 4.40 -2.42 5.75
CA VAL A 25 4.38 -2.74 4.32
C VAL A 25 5.80 -2.74 3.75
N GLN A 26 6.03 -3.63 2.78
CA GLN A 26 7.35 -3.72 2.15
C GLN A 26 7.26 -4.52 0.85
N ALA A 27 8.40 -4.68 0.18
CA ALA A 27 8.45 -5.42 -1.07
C ALA A 27 9.59 -6.43 -1.06
N ARG A 28 9.25 -7.70 -1.23
CA ARG A 28 10.25 -8.77 -1.25
C ARG A 28 10.40 -9.37 -2.64
N MET A 29 11.62 -9.41 -3.14
CA MET A 29 11.89 -9.97 -4.46
C MET A 29 11.97 -11.49 -4.40
N LEU A 30 11.28 -12.15 -5.33
CA LEU A 30 11.28 -13.61 -5.38
C LEU A 30 11.86 -14.12 -6.70
N SER A 31 11.73 -13.29 -7.74
CA SER A 31 12.24 -13.66 -9.06
C SER A 31 13.09 -12.53 -9.65
N SER A 32 13.41 -12.64 -10.93
CA SER A 32 14.21 -11.63 -11.61
C SER A 32 13.34 -10.48 -12.10
N THR A 33 12.04 -10.72 -12.19
CA THR A 33 11.10 -9.72 -12.66
C THR A 33 9.74 -9.89 -11.99
N THR A 34 9.75 -10.26 -10.73
CA THR A 34 8.52 -10.46 -9.97
C THR A 34 8.68 -10.06 -8.50
N ILE A 35 7.91 -9.09 -8.07
CA ILE A 35 7.97 -8.62 -6.69
C ILE A 35 6.65 -8.86 -5.97
N LEU A 36 6.68 -8.75 -4.65
CA LEU A 36 5.49 -8.95 -3.82
C LEU A 36 5.38 -7.88 -2.74
N VAL A 37 4.27 -7.14 -2.76
CA VAL A 37 4.05 -6.09 -1.78
C VAL A 37 2.87 -6.44 -0.86
N GLN A 38 3.14 -6.49 0.44
CA GLN A 38 2.11 -6.81 1.41
C GLN A 38 2.12 -5.80 2.56
N TRP A 39 0.97 -5.19 2.81
CA TRP A 39 0.85 -4.21 3.89
C TRP A 39 -0.08 -4.72 4.98
N LYS A 40 -0.21 -3.94 6.05
CA LYS A 40 -1.07 -4.31 7.17
C LYS A 40 -2.20 -3.30 7.35
N GLU A 41 -3.33 -3.78 7.85
CA GLU A 41 -4.49 -2.91 8.06
C GLU A 41 -4.10 -1.67 8.86
N PRO A 42 -4.80 -0.55 8.62
CA PRO A 42 -4.55 0.71 9.30
C PRO A 42 -4.97 0.66 10.77
N GLU A 43 -4.63 1.72 11.50
CA GLU A 43 -4.96 1.80 12.92
C GLU A 43 -6.17 2.70 13.15
N GLU A 44 -6.93 2.93 12.08
CA GLU A 44 -8.12 3.79 12.16
C GLU A 44 -8.86 3.80 10.83
N PRO A 45 -9.53 2.67 10.51
CA PRO A 45 -10.29 2.53 9.27
C PRO A 45 -11.46 3.51 9.20
N ASN A 46 -12.30 3.51 10.23
CA ASN A 46 -13.46 4.40 10.28
C ASN A 46 -14.43 4.07 9.15
N GLY A 47 -14.33 2.86 8.60
CA GLY A 47 -15.22 2.46 7.52
C GLY A 47 -14.80 1.13 6.92
N GLN A 48 -15.78 0.41 6.38
CA GLN A 48 -15.53 -0.89 5.76
C GLN A 48 -14.57 -0.75 4.58
N ILE A 49 -13.39 -1.35 4.70
CA ILE A 49 -12.39 -1.28 3.65
C ILE A 49 -12.85 -2.06 2.41
N GLN A 50 -12.76 -1.42 1.25
CA GLN A 50 -13.16 -2.05 0.00
C GLN A 50 -11.94 -2.49 -0.80
N GLY A 51 -10.81 -1.84 -0.57
CA GLY A 51 -9.60 -2.19 -1.29
C GLY A 51 -8.44 -1.24 -0.96
N TYR A 52 -7.40 -1.30 -1.78
CA TYR A 52 -6.24 -0.44 -1.58
C TYR A 52 -5.60 -0.07 -2.91
N ARG A 53 -4.96 1.10 -2.95
CA ARG A 53 -4.31 1.58 -4.17
C ARG A 53 -2.79 1.49 -4.03
N VAL A 54 -2.14 0.99 -5.07
CA VAL A 54 -0.68 0.87 -5.08
C VAL A 54 -0.06 1.69 -6.20
N TYR A 55 1.13 2.21 -5.95
CA TYR A 55 1.84 3.01 -6.95
C TYR A 55 3.28 2.53 -7.12
N TYR A 56 3.65 2.22 -8.35
CA TYR A 56 5.00 1.75 -8.65
C TYR A 56 5.41 2.13 -10.07
N THR A 57 6.57 2.75 -10.20
CA THR A 57 7.08 3.16 -11.50
C THR A 57 8.59 3.41 -11.45
N MET A 58 9.21 3.47 -12.63
CA MET A 58 10.64 3.71 -12.71
C MET A 58 10.94 5.19 -12.87
N ASP A 59 9.96 5.94 -13.35
CA ASP A 59 10.12 7.38 -13.54
C ASP A 59 9.22 8.16 -12.58
N PRO A 60 9.65 8.24 -11.31
CA PRO A 60 8.91 8.97 -10.28
C PRO A 60 8.92 10.47 -10.48
N THR A 61 9.71 10.92 -11.44
CA THR A 61 9.81 12.35 -11.75
C THR A 61 8.47 12.91 -12.16
N GLN A 62 7.56 12.04 -12.58
CA GLN A 62 6.22 12.46 -13.00
C GLN A 62 5.26 12.48 -11.83
N HIS A 63 3.98 12.71 -12.12
CA HIS A 63 2.96 12.76 -11.08
C HIS A 63 2.51 11.35 -10.69
N VAL A 64 2.15 11.18 -9.42
CA VAL A 64 1.70 9.89 -8.92
C VAL A 64 0.53 9.35 -9.74
N ASN A 65 -0.21 10.27 -10.36
CA ASN A 65 -1.36 9.89 -11.17
C ASN A 65 -0.92 9.34 -12.53
N ASN A 66 0.28 9.73 -12.95
CA ASN A 66 0.82 9.27 -14.22
C ASN A 66 1.53 7.93 -14.08
N TRP A 67 1.97 7.64 -12.85
CA TRP A 67 2.66 6.39 -12.58
C TRP A 67 1.85 5.19 -13.07
N MET A 68 2.46 4.01 -13.05
CA MET A 68 1.79 2.80 -13.50
C MET A 68 0.58 2.49 -12.63
N LYS A 69 0.78 2.53 -11.31
CA LYS A 69 -0.30 2.26 -10.37
C LYS A 69 -0.78 0.81 -10.49
N HIS A 70 -1.39 0.30 -9.42
CA HIS A 70 -1.89 -1.07 -9.41
C HIS A 70 -3.31 -1.12 -8.85
N ASN A 71 -3.83 -2.32 -8.70
CA ASN A 71 -5.18 -2.51 -8.16
C ASN A 71 -5.19 -3.56 -7.06
N VAL A 72 -6.18 -3.48 -6.18
CA VAL A 72 -6.31 -4.43 -5.08
C VAL A 72 -7.77 -4.68 -4.74
N ALA A 73 -8.07 -5.90 -4.29
CA ALA A 73 -9.43 -6.27 -3.93
C ALA A 73 -9.51 -6.74 -2.48
N ASP A 74 -9.16 -5.84 -1.56
CA ASP A 74 -9.18 -6.15 -0.14
C ASP A 74 -8.43 -7.44 0.16
N SER A 75 -7.17 -7.48 -0.29
CA SER A 75 -6.33 -8.66 -0.08
C SER A 75 -5.13 -8.33 0.81
N GLN A 76 -4.85 -7.04 0.95
CA GLN A 76 -3.74 -6.58 1.76
C GLN A 76 -2.41 -7.14 1.23
N ILE A 77 -2.42 -7.57 -0.02
CA ILE A 77 -1.23 -8.13 -0.65
C ILE A 77 -1.40 -8.22 -2.16
N THR A 78 -0.35 -7.88 -2.89
CA THR A 78 -0.37 -7.93 -4.35
C THR A 78 1.00 -8.27 -4.92
N THR A 79 1.02 -8.79 -6.14
CA THR A 79 2.27 -9.15 -6.79
C THR A 79 2.41 -8.44 -8.14
N ILE A 80 3.60 -7.91 -8.40
CA ILE A 80 3.87 -7.21 -9.64
C ILE A 80 4.98 -7.90 -10.43
N GLY A 81 4.85 -7.89 -11.75
CA GLY A 81 5.84 -8.51 -12.60
C GLY A 81 6.06 -7.75 -13.90
N ASN A 82 6.78 -8.36 -14.83
CA ASN A 82 7.07 -7.74 -16.11
C ASN A 82 7.91 -6.48 -15.92
N LEU A 83 8.87 -6.55 -15.00
CA LEU A 83 9.75 -5.42 -14.73
C LEU A 83 11.15 -5.66 -15.28
N VAL A 84 12.08 -4.79 -14.94
CA VAL A 84 13.46 -4.91 -15.40
C VAL A 84 14.42 -5.09 -14.23
N PRO A 85 15.34 -6.07 -14.36
CA PRO A 85 16.33 -6.35 -13.32
C PRO A 85 17.38 -5.25 -13.21
N GLN A 86 18.00 -5.16 -12.03
CA GLN A 86 19.02 -4.15 -11.79
C GLN A 86 18.47 -2.74 -12.04
N LYS A 87 17.35 -2.43 -11.41
CA LYS A 87 16.71 -1.13 -11.57
C LYS A 87 15.88 -0.78 -10.34
N THR A 88 16.13 0.39 -9.76
CA THR A 88 15.40 0.84 -8.58
C THR A 88 13.94 1.12 -8.92
N TYR A 89 13.05 0.62 -8.07
CA TYR A 89 11.61 0.81 -8.27
C TYR A 89 10.94 1.24 -6.97
N SER A 90 10.08 2.26 -7.07
CA SER A 90 9.36 2.77 -5.91
C SER A 90 8.06 2.00 -5.69
N VAL A 91 7.55 2.05 -4.47
CA VAL A 91 6.31 1.37 -4.13
C VAL A 91 5.56 2.10 -3.02
N LYS A 92 4.28 2.38 -3.26
CA LYS A 92 3.45 3.07 -2.28
C LYS A 92 2.12 2.34 -2.08
N VAL A 93 1.55 2.49 -0.89
CA VAL A 93 0.28 1.85 -0.58
C VAL A 93 -0.59 2.76 0.28
N LEU A 94 -1.91 2.69 0.06
CA LEU A 94 -2.86 3.51 0.81
C LEU A 94 -4.18 2.77 1.01
N ALA A 95 -5.01 3.30 1.89
CA ALA A 95 -6.32 2.70 2.17
C ALA A 95 -7.44 3.61 1.74
N PHE A 96 -8.46 3.03 1.09
CA PHE A 96 -9.60 3.81 0.62
C PHE A 96 -10.90 3.01 0.80
N THR A 97 -11.99 3.72 1.06
CA THR A 97 -13.28 3.09 1.26
C THR A 97 -14.34 3.72 0.36
N SER A 98 -15.56 3.19 0.42
CA SER A 98 -16.66 3.70 -0.39
C SER A 98 -16.88 5.18 -0.15
N ILE A 99 -16.48 5.65 1.03
CA ILE A 99 -16.63 7.05 1.38
C ILE A 99 -15.66 7.93 0.59
N GLY A 100 -14.37 7.64 0.72
CA GLY A 100 -13.36 8.40 0.01
C GLY A 100 -12.03 7.69 -0.04
N ASP A 101 -10.94 8.46 0.04
CA ASP A 101 -9.60 7.90 0.01
C ASP A 101 -8.81 8.30 1.26
N GLY A 102 -7.79 7.51 1.59
CA GLY A 102 -6.97 7.79 2.75
C GLY A 102 -5.57 8.21 2.38
N PRO A 103 -4.76 8.53 3.40
CA PRO A 103 -3.37 8.97 3.21
C PRO A 103 -2.48 7.83 2.72
N LEU A 104 -1.37 8.20 2.07
CA LEU A 104 -0.43 7.21 1.56
C LEU A 104 0.57 6.79 2.63
N SER A 105 1.41 5.82 2.31
CA SER A 105 2.42 5.33 3.24
C SER A 105 3.81 5.81 2.85
N SER A 106 4.75 5.66 3.77
CA SER A 106 6.13 6.09 3.52
C SER A 106 6.65 5.51 2.22
N ASP A 107 6.95 6.38 1.26
CA ASP A 107 7.46 5.95 -0.03
C ASP A 107 8.66 5.02 0.13
N ILE A 108 8.46 3.74 -0.17
CA ILE A 108 9.52 2.75 -0.05
C ILE A 108 10.11 2.41 -1.41
N GLN A 109 11.32 1.87 -1.41
CA GLN A 109 11.99 1.48 -2.65
C GLN A 109 12.49 0.04 -2.58
N VAL A 110 12.86 -0.50 -3.73
CA VAL A 110 13.36 -1.87 -3.80
C VAL A 110 14.05 -2.14 -5.14
N ILE A 111 15.24 -2.73 -5.08
CA ILE A 111 16.00 -3.04 -6.27
C ILE A 111 15.69 -4.45 -6.77
N THR A 112 15.65 -4.60 -8.10
CA THR A 112 15.37 -5.88 -8.71
C THR A 112 16.63 -6.74 -8.81
N GLN A 113 16.85 -7.59 -7.82
CA GLN A 113 18.02 -8.46 -7.80
C GLN A 113 17.72 -9.76 -7.06
N THR A 114 16.46 -10.19 -7.10
CA THR A 114 16.05 -11.41 -6.43
C THR A 114 16.51 -11.43 -4.97
N GLY A 115 16.57 -10.25 -4.36
CA GLY A 115 17.00 -10.15 -2.98
C GLY A 115 18.51 -10.21 -2.84
N SER A 116 19.00 -9.83 -1.67
CA SER A 116 20.43 -9.84 -1.41
C SER A 116 20.72 -9.95 0.08
N GLY A 117 20.07 -10.92 0.73
CA GLY A 117 20.26 -11.14 2.16
C GLY A 117 19.39 -10.22 2.99
N PRO A 118 18.08 -10.52 3.04
CA PRO A 118 17.11 -9.73 3.81
C PRO A 118 17.30 -9.88 5.31
N SER A 119 16.84 -8.89 6.06
CA SER A 119 16.96 -8.92 7.52
C SER A 119 15.59 -8.94 8.17
N SER A 120 14.68 -9.73 7.62
CA SER A 120 13.34 -9.84 8.15
C SER A 120 13.14 -11.17 8.88
N GLY A 121 13.88 -12.19 8.44
CA GLY A 121 13.78 -13.50 9.05
C GLY A 121 14.85 -14.46 8.57
N GLY A 1 10.91 3.79 7.24
CA GLY A 1 10.89 4.64 8.43
C GLY A 1 9.60 4.48 9.22
N SER A 2 9.36 5.42 10.13
CA SER A 2 8.15 5.39 10.96
C SER A 2 7.25 6.58 10.66
N SER A 3 7.70 7.76 11.06
CA SER A 3 6.92 8.99 10.84
C SER A 3 5.55 8.89 11.51
N GLY A 4 4.73 9.91 11.30
CA GLY A 4 3.41 9.94 11.89
C GLY A 4 3.45 10.10 13.40
N SER A 5 2.67 11.06 13.91
CA SER A 5 2.63 11.32 15.34
C SER A 5 1.59 12.38 15.67
N SER A 6 0.82 12.15 16.73
CA SER A 6 -0.22 13.09 17.14
C SER A 6 -1.27 13.25 16.05
N GLY A 7 -2.26 14.10 16.31
CA GLY A 7 -3.31 14.34 15.35
C GLY A 7 -4.63 13.72 15.76
N PRO A 8 -5.28 14.33 16.77
CA PRO A 8 -6.57 13.86 17.29
C PRO A 8 -7.71 14.08 16.30
N VAL A 9 -7.87 13.14 15.38
CA VAL A 9 -8.93 13.23 14.38
C VAL A 9 -9.93 12.08 14.53
N LEU A 10 -10.10 11.61 15.75
CA LEU A 10 -11.01 10.52 16.03
C LEU A 10 -12.47 11.00 16.01
N THR A 11 -13.38 10.13 15.61
CA THR A 11 -14.79 10.48 15.55
C THR A 11 -15.66 9.30 15.99
N GLN A 12 -16.83 9.62 16.55
CA GLN A 12 -17.75 8.59 17.01
C GLN A 12 -19.19 8.96 16.66
N THR A 13 -19.58 8.68 15.42
CA THR A 13 -20.93 8.98 14.96
C THR A 13 -21.30 8.16 13.73
N SER A 14 -20.50 8.30 12.68
CA SER A 14 -20.75 7.56 11.44
C SER A 14 -19.43 7.11 10.82
N GLU A 15 -19.53 6.26 9.80
CA GLU A 15 -18.34 5.75 9.12
C GLU A 15 -17.82 6.76 8.09
N GLN A 16 -16.56 7.13 8.25
CA GLN A 16 -15.94 8.09 7.34
C GLN A 16 -14.76 7.46 6.60
N ALA A 17 -14.08 8.26 5.78
CA ALA A 17 -12.93 7.78 5.03
C ALA A 17 -11.77 7.43 5.94
N PRO A 18 -10.84 6.61 5.44
CA PRO A 18 -9.66 6.18 6.21
C PRO A 18 -8.67 7.32 6.43
N SER A 19 -8.40 7.63 7.69
CA SER A 19 -7.47 8.70 8.05
C SER A 19 -6.20 8.13 8.66
N SER A 20 -5.75 7.00 8.13
CA SER A 20 -4.54 6.34 8.64
C SER A 20 -3.85 5.56 7.53
N ALA A 21 -2.55 5.81 7.35
CA ALA A 21 -1.77 5.12 6.32
C ALA A 21 -1.58 3.65 6.68
N PRO A 22 -1.35 2.82 5.65
CA PRO A 22 -1.14 1.38 5.83
C PRO A 22 0.18 1.06 6.51
N ARG A 23 0.22 -0.03 7.24
CA ARG A 23 1.43 -0.45 7.94
C ARG A 23 1.92 -1.80 7.43
N ASP A 24 3.05 -2.25 7.95
CA ASP A 24 3.63 -3.52 7.55
C ASP A 24 3.89 -3.55 6.04
N VAL A 25 4.04 -2.38 5.45
CA VAL A 25 4.28 -2.26 4.01
C VAL A 25 5.73 -2.57 3.68
N GLN A 26 5.98 -3.79 3.23
CA GLN A 26 7.34 -4.22 2.87
C GLN A 26 7.34 -4.97 1.55
N ALA A 27 8.41 -4.80 0.78
CA ALA A 27 8.54 -5.46 -0.51
C ALA A 27 9.72 -6.42 -0.52
N ARG A 28 9.46 -7.67 -0.90
CA ARG A 28 10.52 -8.69 -0.95
C ARG A 28 10.62 -9.29 -2.36
N MET A 29 11.84 -9.38 -2.87
CA MET A 29 12.08 -9.93 -4.20
C MET A 29 12.07 -11.45 -4.15
N LEU A 30 11.54 -12.06 -5.21
CA LEU A 30 11.47 -13.51 -5.30
C LEU A 30 12.11 -14.02 -6.58
N SER A 31 11.95 -13.25 -7.66
CA SER A 31 12.52 -13.62 -8.95
C SER A 31 13.33 -12.48 -9.53
N SER A 32 13.70 -12.59 -10.80
CA SER A 32 14.49 -11.57 -11.48
C SER A 32 13.59 -10.49 -12.06
N THR A 33 12.31 -10.81 -12.22
CA THR A 33 11.35 -9.88 -12.78
C THR A 33 10.00 -9.97 -12.05
N THR A 34 10.03 -10.49 -10.83
CA THR A 34 8.82 -10.65 -10.04
C THR A 34 9.05 -10.23 -8.58
N ILE A 35 8.26 -9.28 -8.10
CA ILE A 35 8.38 -8.81 -6.73
C ILE A 35 7.15 -9.16 -5.91
N LEU A 36 7.13 -8.72 -4.67
CA LEU A 36 6.01 -9.00 -3.77
C LEU A 36 5.72 -7.79 -2.88
N VAL A 37 4.45 -7.58 -2.57
CA VAL A 37 4.04 -6.47 -1.71
C VAL A 37 2.95 -6.89 -0.74
N GLN A 38 3.24 -6.82 0.55
CA GLN A 38 2.28 -7.19 1.58
C GLN A 38 2.18 -6.12 2.66
N TRP A 39 0.97 -5.74 3.02
CA TRP A 39 0.75 -4.73 4.05
C TRP A 39 -0.45 -5.09 4.93
N LYS A 40 -0.64 -4.33 6.00
CA LYS A 40 -1.75 -4.56 6.92
C LYS A 40 -2.73 -3.40 6.89
N GLU A 41 -3.98 -3.69 7.24
CA GLU A 41 -5.03 -2.66 7.25
C GLU A 41 -4.60 -1.49 8.13
N PRO A 42 -5.24 -0.33 7.91
CA PRO A 42 -4.95 0.90 8.67
C PRO A 42 -5.42 0.80 10.12
N GLU A 43 -5.06 1.80 10.91
CA GLU A 43 -5.44 1.83 12.32
C GLU A 43 -6.77 2.54 12.51
N GLU A 44 -7.11 3.43 11.57
CA GLU A 44 -8.36 4.18 11.63
C GLU A 44 -9.16 4.01 10.35
N PRO A 45 -9.75 2.83 10.16
CA PRO A 45 -10.54 2.52 8.97
C PRO A 45 -11.77 3.41 8.85
N ASN A 46 -12.57 3.46 9.91
CA ASN A 46 -13.77 4.29 9.92
C ASN A 46 -14.77 3.79 8.88
N GLY A 47 -14.69 2.51 8.55
CA GLY A 47 -15.60 1.93 7.57
C GLY A 47 -15.06 0.67 6.95
N GLN A 48 -15.91 -0.07 6.26
CA GLN A 48 -15.51 -1.31 5.62
C GLN A 48 -14.59 -1.04 4.42
N ILE A 49 -13.37 -1.55 4.50
CA ILE A 49 -12.39 -1.37 3.43
C ILE A 49 -12.77 -2.17 2.19
N GLN A 50 -12.92 -1.48 1.07
CA GLN A 50 -13.28 -2.14 -0.18
C GLN A 50 -12.03 -2.61 -0.93
N GLY A 51 -10.91 -1.94 -0.67
CA GLY A 51 -9.67 -2.30 -1.32
C GLY A 51 -8.55 -1.33 -1.03
N TYR A 52 -7.51 -1.35 -1.85
CA TYR A 52 -6.37 -0.47 -1.67
C TYR A 52 -5.77 -0.06 -3.02
N ARG A 53 -5.00 1.02 -3.01
CA ARG A 53 -4.38 1.52 -4.23
C ARG A 53 -2.86 1.47 -4.11
N VAL A 54 -2.20 0.95 -5.15
CA VAL A 54 -0.75 0.84 -5.17
C VAL A 54 -0.15 1.69 -6.28
N TYR A 55 1.04 2.22 -6.03
CA TYR A 55 1.72 3.06 -7.02
C TYR A 55 3.17 2.64 -7.17
N TYR A 56 3.54 2.27 -8.40
CA TYR A 56 4.91 1.85 -8.69
C TYR A 56 5.30 2.20 -10.12
N THR A 57 6.46 2.85 -10.26
CA THR A 57 6.95 3.24 -11.57
C THR A 57 8.45 3.51 -11.54
N MET A 58 9.08 3.43 -12.70
CA MET A 58 10.52 3.67 -12.81
C MET A 58 10.82 5.16 -12.95
N ASP A 59 9.83 5.91 -13.41
CA ASP A 59 9.99 7.36 -13.58
C ASP A 59 9.10 8.11 -12.62
N PRO A 60 9.52 8.17 -11.34
CA PRO A 60 8.79 8.88 -10.28
C PRO A 60 8.82 10.39 -10.46
N THR A 61 9.63 10.85 -11.41
CA THR A 61 9.75 12.29 -11.68
C THR A 61 8.42 12.87 -12.12
N GLN A 62 7.51 12.01 -12.55
CA GLN A 62 6.19 12.44 -13.00
C GLN A 62 5.19 12.46 -11.84
N HIS A 63 3.94 12.78 -12.16
CA HIS A 63 2.89 12.83 -11.13
C HIS A 63 2.41 11.43 -10.80
N VAL A 64 1.99 11.24 -9.55
CA VAL A 64 1.50 9.95 -9.10
C VAL A 64 0.39 9.44 -10.01
N ASN A 65 -0.56 10.32 -10.34
CA ASN A 65 -1.67 9.95 -11.21
C ASN A 65 -1.17 9.49 -12.57
N ASN A 66 0.06 9.88 -12.91
CA ASN A 66 0.66 9.50 -14.18
C ASN A 66 1.36 8.15 -14.09
N TRP A 67 1.79 7.80 -12.88
CA TRP A 67 2.48 6.53 -12.64
C TRP A 67 1.66 5.36 -13.17
N MET A 68 2.25 4.18 -13.16
CA MET A 68 1.57 2.98 -13.64
C MET A 68 0.39 2.63 -12.73
N LYS A 69 0.62 2.66 -11.43
CA LYS A 69 -0.43 2.36 -10.46
C LYS A 69 -0.89 0.91 -10.60
N HIS A 70 -1.49 0.38 -9.54
CA HIS A 70 -1.97 -1.00 -9.54
C HIS A 70 -3.39 -1.08 -8.98
N ASN A 71 -3.90 -2.29 -8.83
CA ASN A 71 -5.25 -2.51 -8.31
C ASN A 71 -5.24 -3.55 -7.20
N VAL A 72 -6.22 -3.47 -6.31
CA VAL A 72 -6.32 -4.41 -5.20
C VAL A 72 -7.79 -4.60 -4.79
N ALA A 73 -8.12 -5.83 -4.40
CA ALA A 73 -9.49 -6.14 -3.98
C ALA A 73 -9.51 -6.65 -2.54
N ASP A 74 -9.07 -5.80 -1.61
CA ASP A 74 -9.04 -6.18 -0.20
C ASP A 74 -8.32 -7.51 0.01
N SER A 75 -7.06 -7.56 -0.43
CA SER A 75 -6.27 -8.78 -0.30
C SER A 75 -5.07 -8.54 0.61
N GLN A 76 -4.64 -7.29 0.73
CA GLN A 76 -3.51 -6.94 1.57
C GLN A 76 -2.23 -7.59 1.06
N ILE A 77 -2.25 -8.00 -0.21
CA ILE A 77 -1.09 -8.64 -0.82
C ILE A 77 -1.23 -8.71 -2.33
N THR A 78 -0.17 -8.34 -3.04
CA THR A 78 -0.17 -8.36 -4.50
C THR A 78 1.21 -8.67 -5.05
N THR A 79 1.26 -9.15 -6.28
CA THR A 79 2.52 -9.48 -6.93
C THR A 79 2.70 -8.72 -8.23
N ILE A 80 3.82 -8.00 -8.35
CA ILE A 80 4.10 -7.23 -9.55
C ILE A 80 5.27 -7.82 -10.32
N GLY A 81 5.15 -7.85 -11.64
CA GLY A 81 6.20 -8.39 -12.48
C GLY A 81 6.41 -7.60 -13.76
N ASN A 82 7.03 -8.23 -14.75
CA ASN A 82 7.28 -7.57 -16.02
C ASN A 82 8.17 -6.34 -15.84
N LEU A 83 9.07 -6.41 -14.87
CA LEU A 83 9.98 -5.31 -14.59
C LEU A 83 11.38 -5.60 -15.11
N VAL A 84 12.30 -4.67 -14.89
CA VAL A 84 13.67 -4.83 -15.35
C VAL A 84 14.60 -5.12 -14.18
N PRO A 85 15.51 -6.11 -14.37
CA PRO A 85 16.47 -6.50 -13.33
C PRO A 85 17.55 -5.44 -13.10
N GLN A 86 17.94 -5.27 -11.85
CA GLN A 86 18.95 -4.29 -11.50
C GLN A 86 18.46 -2.88 -11.79
N LYS A 87 17.20 -2.62 -11.50
CA LYS A 87 16.61 -1.30 -11.75
C LYS A 87 15.74 -0.87 -10.56
N THR A 88 16.04 0.30 -10.02
CA THR A 88 15.29 0.83 -8.88
C THR A 88 13.80 0.93 -9.20
N TYR A 89 12.97 0.79 -8.18
CA TYR A 89 11.52 0.86 -8.34
C TYR A 89 10.84 1.28 -7.05
N SER A 90 10.02 2.32 -7.14
CA SER A 90 9.30 2.84 -5.98
C SER A 90 7.98 2.10 -5.78
N VAL A 91 7.46 2.14 -4.56
CA VAL A 91 6.20 1.48 -4.24
C VAL A 91 5.44 2.24 -3.15
N LYS A 92 4.13 2.38 -3.34
CA LYS A 92 3.29 3.07 -2.38
C LYS A 92 1.98 2.32 -2.16
N VAL A 93 1.36 2.56 -1.00
CA VAL A 93 0.10 1.91 -0.68
C VAL A 93 -0.78 2.82 0.18
N LEU A 94 -2.09 2.72 -0.01
CA LEU A 94 -3.04 3.53 0.75
C LEU A 94 -4.35 2.78 0.95
N ALA A 95 -5.20 3.32 1.82
CA ALA A 95 -6.49 2.70 2.11
C ALA A 95 -7.64 3.63 1.71
N PHE A 96 -8.72 3.04 1.21
CA PHE A 96 -9.88 3.81 0.79
C PHE A 96 -11.16 3.01 1.00
N THR A 97 -12.24 3.71 1.35
CA THR A 97 -13.53 3.06 1.58
C THR A 97 -14.63 3.74 0.77
N SER A 98 -15.86 3.25 0.93
CA SER A 98 -17.00 3.81 0.22
C SER A 98 -17.12 5.31 0.47
N ILE A 99 -16.61 5.75 1.61
CA ILE A 99 -16.67 7.16 1.98
C ILE A 99 -15.72 7.99 1.11
N GLY A 100 -14.43 7.71 1.24
CA GLY A 100 -13.43 8.43 0.47
C GLY A 100 -12.09 7.72 0.44
N ASP A 101 -11.02 8.49 0.22
CA ASP A 101 -9.68 7.92 0.17
C ASP A 101 -8.89 8.28 1.43
N GLY A 102 -7.80 7.57 1.65
CA GLY A 102 -6.97 7.84 2.83
C GLY A 102 -5.56 8.27 2.45
N PRO A 103 -4.78 8.67 3.46
CA PRO A 103 -3.40 9.11 3.26
C PRO A 103 -2.47 7.97 2.85
N LEU A 104 -1.55 8.27 1.94
CA LEU A 104 -0.60 7.26 1.46
C LEU A 104 0.42 6.93 2.55
N SER A 105 1.29 5.96 2.25
CA SER A 105 2.32 5.55 3.19
C SER A 105 3.69 6.05 2.76
N SER A 106 4.71 5.73 3.55
CA SER A 106 6.07 6.15 3.24
C SER A 106 6.53 5.60 1.91
N ASP A 107 7.11 6.46 1.08
CA ASP A 107 7.60 6.05 -0.24
C ASP A 107 8.78 5.11 -0.10
N ILE A 108 8.52 3.81 -0.27
CA ILE A 108 9.56 2.80 -0.17
C ILE A 108 10.17 2.50 -1.53
N GLN A 109 11.40 1.99 -1.53
CA GLN A 109 12.08 1.66 -2.77
C GLN A 109 12.78 0.30 -2.66
N VAL A 110 12.66 -0.51 -3.70
CA VAL A 110 13.28 -1.83 -3.72
C VAL A 110 13.97 -2.09 -5.05
N ILE A 111 15.21 -2.57 -4.99
CA ILE A 111 15.97 -2.87 -6.19
C ILE A 111 15.72 -4.29 -6.67
N THR A 112 15.53 -4.45 -7.97
CA THR A 112 15.27 -5.75 -8.56
C THR A 112 16.53 -6.62 -8.56
N GLN A 113 16.68 -7.45 -7.53
CA GLN A 113 17.84 -8.32 -7.42
C GLN A 113 17.46 -9.65 -6.75
N THR A 114 18.13 -10.71 -7.15
CA THR A 114 17.87 -12.03 -6.60
C THR A 114 18.89 -12.39 -5.52
N GLY A 115 18.49 -12.21 -4.26
CA GLY A 115 19.38 -12.52 -3.15
C GLY A 115 18.97 -11.83 -1.86
N SER A 116 19.86 -11.03 -1.31
CA SER A 116 19.59 -10.32 -0.06
C SER A 116 20.46 -9.06 0.05
N GLY A 117 19.88 -8.01 0.65
CA GLY A 117 20.61 -6.77 0.81
C GLY A 117 20.42 -6.16 2.18
N PRO A 118 21.09 -5.03 2.43
CA PRO A 118 21.00 -4.32 3.71
C PRO A 118 19.63 -3.68 3.94
N SER A 119 19.19 -3.66 5.18
CA SER A 119 17.89 -3.09 5.52
C SER A 119 17.86 -2.65 6.99
N SER A 120 16.73 -2.12 7.42
CA SER A 120 16.56 -1.67 8.79
C SER A 120 15.63 -2.59 9.56
N GLY A 121 14.49 -2.91 8.96
CA GLY A 121 13.52 -3.79 9.60
C GLY A 121 12.26 -3.05 10.00
N GLY A 1 -17.05 1.66 38.48
CA GLY A 1 -17.51 2.11 37.19
C GLY A 1 -16.74 1.50 36.03
N SER A 2 -15.43 1.72 36.02
CA SER A 2 -14.57 1.19 34.97
C SER A 2 -15.06 1.64 33.59
N SER A 3 -14.66 2.85 33.20
CA SER A 3 -15.06 3.40 31.92
C SER A 3 -13.89 4.11 31.25
N GLY A 4 -13.41 3.56 30.14
CA GLY A 4 -12.31 4.15 29.42
C GLY A 4 -12.58 4.30 27.94
N SER A 5 -11.68 3.78 27.11
CA SER A 5 -11.82 3.86 25.67
C SER A 5 -11.96 5.32 25.21
N SER A 6 -12.27 5.51 23.94
CA SER A 6 -12.43 6.84 23.38
C SER A 6 -11.16 7.67 23.60
N GLY A 7 -11.20 8.92 23.14
CA GLY A 7 -10.05 9.79 23.29
C GLY A 7 -10.20 11.10 22.53
N PRO A 8 -9.13 11.91 22.49
CA PRO A 8 -9.13 13.19 21.80
C PRO A 8 -9.19 13.04 20.29
N VAL A 9 -10.41 12.90 19.75
CA VAL A 9 -10.59 12.75 18.32
C VAL A 9 -11.83 13.50 17.84
N LEU A 10 -11.75 14.04 16.63
CA LEU A 10 -12.87 14.79 16.06
C LEU A 10 -14.10 13.90 15.90
N THR A 11 -15.23 14.40 16.39
CA THR A 11 -16.49 13.65 16.31
C THR A 11 -17.21 13.93 15.00
N GLN A 12 -17.42 12.89 14.21
CA GLN A 12 -18.11 13.03 12.93
C GLN A 12 -19.40 12.22 12.92
N THR A 13 -20.09 12.23 11.78
CA THR A 13 -21.35 11.51 11.64
C THR A 13 -21.30 10.56 10.44
N SER A 14 -21.89 9.38 10.61
CA SER A 14 -21.92 8.38 9.54
C SER A 14 -20.51 7.93 9.19
N GLU A 15 -20.41 6.82 8.47
CA GLU A 15 -19.11 6.28 8.07
C GLU A 15 -18.31 7.32 7.29
N GLN A 16 -17.01 7.38 7.57
CA GLN A 16 -16.13 8.33 6.89
C GLN A 16 -14.98 7.61 6.20
N ALA A 17 -14.09 8.38 5.60
CA ALA A 17 -12.94 7.81 4.89
C ALA A 17 -11.78 7.58 5.85
N PRO A 18 -10.85 6.71 5.45
CA PRO A 18 -9.66 6.38 6.26
C PRO A 18 -8.68 7.53 6.34
N SER A 19 -8.17 7.80 7.54
CA SER A 19 -7.22 8.87 7.75
C SER A 19 -5.93 8.36 8.40
N SER A 20 -5.56 7.13 8.05
CA SER A 20 -4.35 6.52 8.60
C SER A 20 -3.64 5.68 7.55
N ALA A 21 -2.34 5.85 7.45
CA ALA A 21 -1.53 5.11 6.49
C ALA A 21 -1.44 3.63 6.87
N PRO A 22 -1.20 2.77 5.87
CA PRO A 22 -1.08 1.33 6.08
C PRO A 22 0.18 0.95 6.83
N ARG A 23 0.23 -0.29 7.32
CA ARG A 23 1.39 -0.77 8.06
C ARG A 23 1.88 -2.11 7.51
N ASP A 24 2.93 -2.64 8.10
CA ASP A 24 3.49 -3.92 7.67
C ASP A 24 3.75 -3.92 6.16
N VAL A 25 4.05 -2.75 5.62
CA VAL A 25 4.31 -2.61 4.19
C VAL A 25 5.78 -2.87 3.88
N GLN A 26 6.05 -3.91 3.10
CA GLN A 26 7.41 -4.26 2.72
C GLN A 26 7.43 -5.00 1.38
N ALA A 27 8.49 -4.76 0.60
CA ALA A 27 8.63 -5.40 -0.70
C ALA A 27 9.83 -6.35 -0.71
N ARG A 28 9.58 -7.61 -1.01
CA ARG A 28 10.63 -8.61 -1.06
C ARG A 28 10.76 -9.21 -2.46
N MET A 29 11.97 -9.17 -3.00
CA MET A 29 12.23 -9.70 -4.34
C MET A 29 12.44 -11.22 -4.29
N LEU A 30 11.91 -11.91 -5.29
CA LEU A 30 12.03 -13.36 -5.37
C LEU A 30 12.68 -13.79 -6.68
N SER A 31 12.39 -13.04 -7.74
CA SER A 31 12.94 -13.34 -9.06
C SER A 31 13.69 -12.13 -9.62
N SER A 32 14.01 -12.20 -10.90
CA SER A 32 14.73 -11.12 -11.57
C SER A 32 13.77 -10.13 -12.21
N THR A 33 12.49 -10.50 -12.25
CA THR A 33 11.47 -9.65 -12.84
C THR A 33 10.12 -9.89 -12.19
N THR A 34 10.13 -10.26 -10.91
CA THR A 34 8.91 -10.52 -10.17
C THR A 34 9.05 -10.14 -8.70
N ILE A 35 8.24 -9.20 -8.25
CA ILE A 35 8.29 -8.74 -6.86
C ILE A 35 7.02 -9.13 -6.11
N LEU A 36 7.01 -8.88 -4.81
CA LEU A 36 5.85 -9.20 -3.98
C LEU A 36 5.61 -8.11 -2.94
N VAL A 37 4.41 -7.52 -2.97
CA VAL A 37 4.06 -6.47 -2.02
C VAL A 37 3.02 -6.96 -1.02
N GLN A 38 3.33 -6.82 0.26
CA GLN A 38 2.42 -7.25 1.32
C GLN A 38 2.29 -6.18 2.40
N TRP A 39 1.05 -5.84 2.74
CA TRP A 39 0.79 -4.82 3.76
C TRP A 39 -0.32 -5.26 4.70
N LYS A 40 -0.59 -4.46 5.71
CA LYS A 40 -1.64 -4.76 6.68
C LYS A 40 -2.73 -3.69 6.64
N GLU A 41 -3.75 -3.87 7.48
CA GLU A 41 -4.86 -2.92 7.54
C GLU A 41 -4.51 -1.73 8.44
N PRO A 42 -5.23 -0.63 8.26
CA PRO A 42 -5.02 0.60 9.04
C PRO A 42 -5.44 0.43 10.50
N GLU A 43 -5.13 1.44 11.30
CA GLU A 43 -5.48 1.42 12.72
C GLU A 43 -6.73 2.24 13.00
N GLU A 44 -6.99 3.23 12.14
CA GLU A 44 -8.16 4.08 12.28
C GLU A 44 -8.94 4.16 10.98
N PRO A 45 -9.65 3.07 10.64
CA PRO A 45 -10.45 2.99 9.42
C PRO A 45 -11.58 4.02 9.41
N ASN A 46 -12.40 4.01 10.46
CA ASN A 46 -13.52 4.93 10.56
C ASN A 46 -14.53 4.69 9.43
N GLY A 47 -14.57 3.46 8.94
CA GLY A 47 -15.49 3.13 7.87
C GLY A 47 -15.30 1.71 7.35
N GLN A 48 -15.99 1.38 6.28
CA GLN A 48 -15.89 0.05 5.69
C GLN A 48 -14.85 0.03 4.57
N ILE A 49 -13.85 -0.84 4.71
CA ILE A 49 -12.78 -0.95 3.73
C ILE A 49 -13.25 -1.77 2.52
N GLN A 50 -13.01 -1.22 1.33
CA GLN A 50 -13.40 -1.91 0.10
C GLN A 50 -12.19 -2.48 -0.62
N GLY A 51 -11.02 -1.88 -0.38
CA GLY A 51 -9.81 -2.34 -1.00
C GLY A 51 -8.64 -1.41 -0.77
N TYR A 52 -7.63 -1.49 -1.63
CA TYR A 52 -6.45 -0.64 -1.52
C TYR A 52 -5.89 -0.28 -2.88
N ARG A 53 -4.83 0.52 -2.90
CA ARG A 53 -4.20 0.93 -4.14
C ARG A 53 -2.68 0.97 -4.00
N VAL A 54 -1.99 0.45 -5.01
CA VAL A 54 -0.53 0.42 -5.00
C VAL A 54 0.05 1.27 -6.13
N TYR A 55 1.00 2.13 -5.79
CA TYR A 55 1.63 3.00 -6.77
C TYR A 55 3.07 2.58 -7.02
N TYR A 56 3.36 2.18 -8.25
CA TYR A 56 4.70 1.75 -8.63
C TYR A 56 5.01 2.12 -10.08
N THR A 57 6.17 2.72 -10.29
CA THR A 57 6.58 3.13 -11.63
C THR A 57 8.08 3.37 -11.69
N MET A 58 8.70 2.98 -12.80
CA MET A 58 10.13 3.16 -12.99
C MET A 58 10.50 4.64 -13.06
N ASP A 59 9.52 5.46 -13.41
CA ASP A 59 9.73 6.90 -13.52
C ASP A 59 8.98 7.65 -12.43
N PRO A 60 9.57 7.70 -11.22
CA PRO A 60 8.98 8.37 -10.07
C PRO A 60 8.98 9.89 -10.23
N THR A 61 9.64 10.36 -11.28
CA THR A 61 9.71 11.80 -11.55
C THR A 61 8.33 12.43 -11.53
N GLN A 62 7.32 11.65 -11.90
CA GLN A 62 5.95 12.14 -11.93
C GLN A 62 5.42 12.37 -10.52
N HIS A 63 4.26 13.02 -10.42
CA HIS A 63 3.66 13.31 -9.13
C HIS A 63 3.34 12.03 -8.39
N VAL A 64 2.19 11.44 -8.68
CA VAL A 64 1.76 10.21 -8.04
C VAL A 64 0.81 9.42 -8.94
N ASN A 65 -0.41 9.93 -9.09
CA ASN A 65 -1.42 9.28 -9.92
C ASN A 65 -0.87 9.00 -11.32
N ASN A 66 0.03 9.87 -11.78
CA ASN A 66 0.63 9.72 -13.10
C ASN A 66 1.36 8.40 -13.22
N TRP A 67 1.69 7.80 -12.09
CA TRP A 67 2.38 6.51 -12.07
C TRP A 67 1.56 5.43 -12.76
N MET A 68 2.06 4.20 -12.72
CA MET A 68 1.36 3.08 -13.34
C MET A 68 0.17 2.64 -12.49
N LYS A 69 0.36 2.61 -11.17
CA LYS A 69 -0.70 2.22 -10.25
C LYS A 69 -1.10 0.76 -10.48
N HIS A 70 -1.70 0.15 -9.47
CA HIS A 70 -2.13 -1.24 -9.55
C HIS A 70 -3.57 -1.40 -9.05
N ASN A 71 -4.03 -2.64 -8.98
CA ASN A 71 -5.38 -2.92 -8.52
C ASN A 71 -5.37 -3.86 -7.32
N VAL A 72 -6.38 -3.75 -6.47
CA VAL A 72 -6.48 -4.60 -5.28
C VAL A 72 -7.93 -4.84 -4.90
N ALA A 73 -8.22 -6.04 -4.41
CA ALA A 73 -9.57 -6.39 -4.00
C ALA A 73 -9.58 -7.09 -2.65
N ASP A 74 -9.24 -6.33 -1.60
CA ASP A 74 -9.22 -6.87 -0.24
C ASP A 74 -8.34 -8.13 -0.18
N SER A 75 -7.09 -7.99 -0.59
CA SER A 75 -6.15 -9.11 -0.59
C SER A 75 -4.98 -8.83 0.35
N GLN A 76 -4.64 -7.56 0.51
CA GLN A 76 -3.53 -7.17 1.37
C GLN A 76 -2.21 -7.73 0.86
N ILE A 77 -2.20 -8.14 -0.41
CA ILE A 77 -0.99 -8.70 -1.01
C ILE A 77 -1.12 -8.76 -2.53
N THR A 78 -0.07 -8.33 -3.22
CA THR A 78 -0.07 -8.34 -4.68
C THR A 78 1.33 -8.57 -5.23
N THR A 79 1.42 -9.32 -6.33
CA THR A 79 2.70 -9.62 -6.95
C THR A 79 2.82 -8.96 -8.32
N ILE A 80 3.81 -8.09 -8.46
CA ILE A 80 4.04 -7.39 -9.72
C ILE A 80 5.18 -8.01 -10.50
N GLY A 81 5.07 -8.03 -11.81
CA GLY A 81 6.11 -8.60 -12.65
C GLY A 81 6.34 -7.79 -13.92
N ASN A 82 7.12 -8.36 -14.84
CA ASN A 82 7.42 -7.67 -16.09
C ASN A 82 8.19 -6.38 -15.85
N LEU A 83 9.11 -6.42 -14.88
CA LEU A 83 9.90 -5.24 -14.55
C LEU A 83 11.34 -5.40 -15.06
N VAL A 84 12.11 -4.32 -14.95
CA VAL A 84 13.50 -4.34 -15.40
C VAL A 84 14.42 -4.84 -14.29
N PRO A 85 15.31 -5.78 -14.63
CA PRO A 85 16.26 -6.36 -13.69
C PRO A 85 17.34 -5.36 -13.28
N GLN A 86 17.57 -5.26 -11.97
CA GLN A 86 18.58 -4.34 -11.45
C GLN A 86 18.20 -2.89 -11.75
N LYS A 87 16.93 -2.57 -11.56
CA LYS A 87 16.44 -1.21 -11.80
C LYS A 87 15.59 -0.72 -10.63
N THR A 88 15.95 0.43 -10.07
CA THR A 88 15.22 1.01 -8.95
C THR A 88 13.74 1.10 -9.26
N TYR A 89 12.91 0.90 -8.24
CA TYR A 89 11.46 0.96 -8.39
C TYR A 89 10.79 1.46 -7.12
N SER A 90 9.91 2.45 -7.27
CA SER A 90 9.20 3.02 -6.13
C SER A 90 7.93 2.25 -5.84
N VAL A 91 7.51 2.25 -4.58
CA VAL A 91 6.30 1.54 -4.16
C VAL A 91 5.58 2.30 -3.05
N LYS A 92 4.26 2.37 -3.15
CA LYS A 92 3.44 3.05 -2.15
C LYS A 92 2.11 2.35 -1.95
N VAL A 93 1.61 2.36 -0.73
CA VAL A 93 0.34 1.73 -0.40
C VAL A 93 -0.55 2.65 0.41
N LEU A 94 -1.85 2.56 0.18
CA LEU A 94 -2.81 3.40 0.88
C LEU A 94 -4.12 2.64 1.12
N ALA A 95 -4.98 3.22 1.96
CA ALA A 95 -6.27 2.60 2.26
C ALA A 95 -7.42 3.55 1.96
N PHE A 96 -8.47 3.02 1.35
CA PHE A 96 -9.63 3.82 1.00
C PHE A 96 -10.93 3.07 1.30
N THR A 97 -12.02 3.81 1.44
CA THR A 97 -13.32 3.22 1.74
C THR A 97 -14.40 3.73 0.79
N SER A 98 -15.62 3.28 0.99
CA SER A 98 -16.74 3.70 0.15
C SER A 98 -16.93 5.22 0.21
N ILE A 99 -16.49 5.81 1.32
CA ILE A 99 -16.61 7.25 1.50
C ILE A 99 -15.57 7.99 0.66
N GLY A 100 -14.30 7.81 1.00
CA GLY A 100 -13.24 8.47 0.27
C GLY A 100 -11.94 7.68 0.29
N ASP A 101 -10.82 8.38 0.23
CA ASP A 101 -9.52 7.73 0.24
C ASP A 101 -8.68 8.19 1.43
N GLY A 102 -7.64 7.43 1.75
CA GLY A 102 -6.78 7.78 2.87
C GLY A 102 -5.38 8.14 2.42
N PRO A 103 -4.53 8.53 3.39
CA PRO A 103 -3.15 8.91 3.12
C PRO A 103 -2.28 7.72 2.71
N LEU A 104 -1.25 7.98 1.93
CA LEU A 104 -0.35 6.94 1.47
C LEU A 104 0.70 6.61 2.52
N SER A 105 1.39 5.49 2.35
CA SER A 105 2.41 5.07 3.30
C SER A 105 3.76 5.73 2.98
N SER A 106 4.77 5.42 3.77
CA SER A 106 6.10 5.99 3.58
C SER A 106 6.69 5.54 2.24
N ASP A 107 6.99 6.51 1.38
CA ASP A 107 7.56 6.22 0.07
C ASP A 107 8.80 5.34 0.21
N ILE A 108 8.67 4.08 -0.18
CA ILE A 108 9.79 3.14 -0.10
C ILE A 108 10.31 2.79 -1.49
N GLN A 109 11.56 2.35 -1.55
CA GLN A 109 12.17 1.98 -2.83
C GLN A 109 12.89 0.64 -2.71
N VAL A 110 12.69 -0.21 -3.71
CA VAL A 110 13.33 -1.53 -3.72
C VAL A 110 13.97 -1.82 -5.08
N ILE A 111 15.21 -2.29 -5.04
CA ILE A 111 15.95 -2.60 -6.26
C ILE A 111 15.69 -4.04 -6.70
N THR A 112 15.29 -4.21 -7.95
CA THR A 112 15.02 -5.54 -8.49
C THR A 112 16.28 -6.39 -8.54
N GLN A 113 16.53 -7.13 -7.48
CA GLN A 113 17.70 -8.00 -7.39
C GLN A 113 17.39 -9.26 -6.61
N THR A 114 17.94 -10.39 -7.08
CA THR A 114 17.72 -11.67 -6.44
C THR A 114 18.70 -11.89 -5.29
N GLY A 115 19.99 -11.77 -5.58
CA GLY A 115 21.00 -11.94 -4.56
C GLY A 115 21.69 -13.29 -4.66
N SER A 116 22.82 -13.34 -5.37
CA SER A 116 23.57 -14.58 -5.53
C SER A 116 24.18 -15.03 -4.21
N GLY A 117 23.89 -16.27 -3.84
CA GLY A 117 24.43 -16.80 -2.59
C GLY A 117 23.85 -18.15 -2.25
N PRO A 118 22.56 -18.17 -1.86
CA PRO A 118 21.86 -19.41 -1.50
C PRO A 118 21.61 -20.31 -2.70
N SER A 119 22.63 -21.06 -3.09
CA SER A 119 22.52 -21.97 -4.24
C SER A 119 23.75 -22.88 -4.32
N SER A 120 23.64 -23.92 -5.13
CA SER A 120 24.74 -24.87 -5.30
C SER A 120 24.62 -25.61 -6.64
N GLY A 121 23.53 -26.37 -6.79
CA GLY A 121 23.31 -27.11 -8.01
C GLY A 121 24.08 -28.41 -8.05
N GLY A 1 -7.24 19.04 20.66
CA GLY A 1 -6.68 19.40 19.36
C GLY A 1 -6.35 18.18 18.52
N SER A 2 -5.14 18.15 17.98
CA SER A 2 -4.70 17.03 17.14
C SER A 2 -5.67 16.81 15.99
N SER A 3 -6.35 17.88 15.57
CA SER A 3 -7.30 17.80 14.48
C SER A 3 -8.42 16.81 14.81
N GLY A 4 -9.35 16.66 13.87
CA GLY A 4 -10.47 15.75 14.08
C GLY A 4 -11.75 16.46 14.43
N SER A 5 -12.52 15.88 15.34
CA SER A 5 -13.80 16.47 15.75
C SER A 5 -13.79 16.78 17.24
N SER A 6 -14.44 17.89 17.62
CA SER A 6 -14.50 18.30 19.02
C SER A 6 -15.94 18.42 19.48
N GLY A 7 -16.79 17.50 19.03
CA GLY A 7 -18.19 17.53 19.41
C GLY A 7 -18.49 16.62 20.58
N PRO A 8 -19.76 16.60 21.01
CA PRO A 8 -20.21 15.77 22.13
C PRO A 8 -20.20 14.28 21.79
N VAL A 9 -20.34 13.45 22.83
CA VAL A 9 -20.36 12.01 22.63
C VAL A 9 -21.71 11.53 22.08
N LEU A 10 -21.66 10.50 21.25
CA LEU A 10 -22.87 9.95 20.66
C LEU A 10 -23.58 10.99 19.80
N THR A 11 -23.31 10.96 18.50
CA THR A 11 -23.92 11.90 17.57
C THR A 11 -24.14 11.27 16.21
N GLN A 12 -25.39 10.88 15.93
CA GLN A 12 -25.73 10.26 14.66
C GLN A 12 -24.87 9.04 14.41
N THR A 13 -24.98 8.48 13.21
CA THR A 13 -24.21 7.29 12.84
C THR A 13 -23.90 7.28 11.34
N SER A 14 -22.61 7.37 11.01
CA SER A 14 -22.18 7.37 9.62
C SER A 14 -20.68 7.13 9.52
N GLU A 15 -20.31 6.11 8.75
CA GLU A 15 -18.90 5.77 8.56
C GLU A 15 -18.20 6.81 7.68
N GLN A 16 -16.94 7.08 8.00
CA GLN A 16 -16.16 8.06 7.23
C GLN A 16 -14.99 7.39 6.52
N ALA A 17 -14.19 8.18 5.83
CA ALA A 17 -13.04 7.66 5.10
C ALA A 17 -11.82 7.54 6.01
N PRO A 18 -10.85 6.71 5.60
CA PRO A 18 -9.62 6.49 6.37
C PRO A 18 -8.71 7.70 6.35
N SER A 19 -8.15 8.03 7.52
CA SER A 19 -7.26 9.18 7.64
C SER A 19 -5.92 8.76 8.25
N SER A 20 -5.43 7.59 7.85
CA SER A 20 -4.17 7.07 8.35
C SER A 20 -3.54 6.11 7.35
N ALA A 21 -2.23 6.25 7.16
CA ALA A 21 -1.51 5.39 6.23
C ALA A 21 -1.41 3.96 6.76
N PRO A 22 -1.25 3.00 5.83
CA PRO A 22 -1.15 1.58 6.18
C PRO A 22 0.15 1.25 6.89
N ARG A 23 0.34 -0.04 7.21
CA ARG A 23 1.54 -0.48 7.90
C ARG A 23 2.05 -1.79 7.31
N ASP A 24 3.20 -2.25 7.80
CA ASP A 24 3.79 -3.49 7.32
C ASP A 24 3.96 -3.47 5.80
N VAL A 25 4.13 -2.27 5.25
CA VAL A 25 4.30 -2.11 3.82
C VAL A 25 5.75 -2.38 3.40
N GLN A 26 6.04 -3.62 3.06
CA GLN A 26 7.38 -4.00 2.65
C GLN A 26 7.37 -4.66 1.27
N ALA A 27 8.37 -4.35 0.45
CA ALA A 27 8.46 -4.91 -0.89
C ALA A 27 9.70 -5.79 -1.02
N ARG A 28 9.49 -7.04 -1.42
CA ARG A 28 10.60 -7.98 -1.59
C ARG A 28 10.40 -8.83 -2.83
N MET A 29 11.38 -8.80 -3.74
CA MET A 29 11.31 -9.57 -4.97
C MET A 29 11.72 -11.02 -4.73
N LEU A 30 11.29 -11.91 -5.62
CA LEU A 30 11.61 -13.32 -5.51
C LEU A 30 12.28 -13.84 -6.77
N SER A 31 12.08 -13.12 -7.88
CA SER A 31 12.67 -13.50 -9.16
C SER A 31 13.50 -12.36 -9.73
N SER A 32 13.84 -12.47 -11.01
CA SER A 32 14.63 -11.46 -11.68
C SER A 32 13.74 -10.47 -12.43
N THR A 33 12.43 -10.70 -12.36
CA THR A 33 11.47 -9.83 -13.03
C THR A 33 10.11 -9.91 -12.37
N THR A 34 10.09 -10.18 -11.07
CA THR A 34 8.85 -10.29 -10.32
C THR A 34 9.02 -9.79 -8.89
N ILE A 35 8.02 -9.09 -8.38
CA ILE A 35 8.06 -8.56 -7.02
C ILE A 35 6.75 -8.81 -6.29
N LEU A 36 6.81 -8.87 -4.96
CA LEU A 36 5.63 -9.11 -4.14
C LEU A 36 5.46 -8.01 -3.11
N VAL A 37 4.29 -7.37 -3.12
CA VAL A 37 4.00 -6.29 -2.17
C VAL A 37 2.97 -6.73 -1.15
N GLN A 38 3.36 -6.73 0.13
CA GLN A 38 2.47 -7.12 1.20
C GLN A 38 2.36 -6.03 2.26
N TRP A 39 1.14 -5.74 2.68
CA TRP A 39 0.91 -4.71 3.69
C TRP A 39 -0.22 -5.12 4.64
N LYS A 40 -0.38 -4.36 5.72
CA LYS A 40 -1.42 -4.65 6.70
C LYS A 40 -2.43 -3.51 6.77
N GLU A 41 -3.65 -3.84 7.18
CA GLU A 41 -4.71 -2.84 7.28
C GLU A 41 -4.26 -1.65 8.14
N PRO A 42 -4.96 -0.51 7.98
CA PRO A 42 -4.64 0.71 8.73
C PRO A 42 -4.99 0.59 10.20
N GLU A 43 -4.60 1.59 10.99
CA GLU A 43 -4.87 1.60 12.42
C GLU A 43 -6.12 2.41 12.73
N GLU A 44 -6.45 3.36 11.86
CA GLU A 44 -7.62 4.20 12.05
C GLU A 44 -8.46 4.25 10.77
N PRO A 45 -9.16 3.14 10.49
CA PRO A 45 -10.01 3.03 9.30
C PRO A 45 -11.17 4.03 9.32
N ASN A 46 -11.95 4.01 10.40
CA ASN A 46 -13.07 4.91 10.55
C ASN A 46 -14.13 4.65 9.47
N GLY A 47 -14.16 3.42 8.97
CA GLY A 47 -15.11 3.05 7.95
C GLY A 47 -14.91 1.63 7.44
N GLN A 48 -15.75 1.23 6.48
CA GLN A 48 -15.65 -0.11 5.91
C GLN A 48 -14.68 -0.14 4.74
N ILE A 49 -13.64 -0.94 4.86
CA ILE A 49 -12.64 -1.06 3.80
C ILE A 49 -13.18 -1.85 2.62
N GLN A 50 -12.98 -1.32 1.42
CA GLN A 50 -13.44 -1.99 0.20
C GLN A 50 -12.27 -2.47 -0.64
N GLY A 51 -11.13 -1.82 -0.48
CA GLY A 51 -9.95 -2.18 -1.24
C GLY A 51 -8.76 -1.29 -0.95
N TYR A 52 -7.75 -1.35 -1.81
CA TYR A 52 -6.56 -0.54 -1.64
C TYR A 52 -5.95 -0.17 -2.98
N ARG A 53 -4.94 0.71 -2.96
CA ARG A 53 -4.28 1.15 -4.17
C ARG A 53 -2.76 1.07 -4.03
N VAL A 54 -2.12 0.44 -5.01
CA VAL A 54 -0.66 0.29 -4.99
C VAL A 54 -0.02 1.03 -6.16
N TYR A 55 0.89 1.94 -5.83
CA TYR A 55 1.58 2.72 -6.85
C TYR A 55 3.01 2.23 -7.05
N TYR A 56 3.31 1.79 -8.27
CA TYR A 56 4.64 1.28 -8.59
C TYR A 56 5.08 1.76 -9.96
N THR A 57 6.30 2.29 -10.05
CA THR A 57 6.84 2.78 -11.31
C THR A 57 8.36 2.90 -11.25
N MET A 58 9.00 2.71 -12.39
CA MET A 58 10.46 2.80 -12.46
C MET A 58 10.92 4.25 -12.33
N ASP A 59 10.04 5.18 -12.68
CA ASP A 59 10.36 6.60 -12.59
C ASP A 59 9.52 7.29 -11.52
N PRO A 60 9.89 7.07 -10.25
CA PRO A 60 9.20 7.66 -9.10
C PRO A 60 9.39 9.17 -9.02
N THR A 61 10.29 9.69 -9.84
CA THR A 61 10.57 11.12 -9.86
C THR A 61 9.33 11.92 -10.22
N GLN A 62 8.35 11.26 -10.81
CA GLN A 62 7.11 11.91 -11.21
C GLN A 62 6.08 11.86 -10.08
N HIS A 63 4.88 12.38 -10.35
CA HIS A 63 3.82 12.39 -9.36
C HIS A 63 3.12 11.04 -9.30
N VAL A 64 2.67 10.66 -8.11
CA VAL A 64 1.97 9.40 -7.92
C VAL A 64 0.75 9.29 -8.82
N ASN A 65 0.24 10.44 -9.24
CA ASN A 65 -0.93 10.48 -10.11
C ASN A 65 -0.56 10.14 -11.55
N ASN A 66 0.73 9.96 -11.79
CA ASN A 66 1.22 9.63 -13.13
C ASN A 66 1.82 8.23 -13.15
N TRP A 67 2.11 7.69 -11.97
CA TRP A 67 2.69 6.35 -11.87
C TRP A 67 1.81 5.33 -12.57
N MET A 68 2.25 4.07 -12.56
CA MET A 68 1.52 3.00 -13.20
C MET A 68 0.26 2.64 -12.39
N LYS A 69 0.45 2.48 -11.08
CA LYS A 69 -0.67 2.13 -10.19
C LYS A 69 -1.23 0.76 -10.54
N HIS A 70 -1.87 0.13 -9.56
CA HIS A 70 -2.47 -1.19 -9.77
C HIS A 70 -3.84 -1.27 -9.09
N ASN A 71 -4.43 -2.46 -9.11
CA ASN A 71 -5.73 -2.69 -8.51
C ASN A 71 -5.64 -3.68 -7.36
N VAL A 72 -6.56 -3.58 -6.41
CA VAL A 72 -6.57 -4.47 -5.25
C VAL A 72 -8.01 -4.81 -4.84
N ALA A 73 -8.22 -6.04 -4.40
CA ALA A 73 -9.54 -6.49 -3.98
C ALA A 73 -9.51 -7.02 -2.55
N ASP A 74 -9.10 -6.16 -1.62
CA ASP A 74 -9.02 -6.55 -0.21
C ASP A 74 -8.22 -7.84 -0.04
N SER A 75 -6.98 -7.83 -0.50
CA SER A 75 -6.12 -9.00 -0.41
C SER A 75 -4.90 -8.70 0.47
N GLN A 76 -4.52 -7.44 0.55
CA GLN A 76 -3.37 -7.03 1.35
C GLN A 76 -2.08 -7.66 0.83
N ILE A 77 -2.11 -8.11 -0.42
CA ILE A 77 -0.96 -8.74 -1.03
C ILE A 77 -1.12 -8.85 -2.55
N THR A 78 -0.10 -8.43 -3.28
CA THR A 78 -0.13 -8.49 -4.74
C THR A 78 1.26 -8.72 -5.31
N THR A 79 1.30 -9.31 -6.50
CA THR A 79 2.58 -9.59 -7.16
C THR A 79 2.64 -8.94 -8.55
N ILE A 80 3.75 -8.26 -8.81
CA ILE A 80 3.93 -7.59 -10.10
C ILE A 80 5.11 -8.20 -10.87
N GLY A 81 4.92 -8.37 -12.18
CA GLY A 81 5.96 -8.95 -13.01
C GLY A 81 6.25 -8.10 -14.24
N ASN A 82 7.03 -8.66 -15.16
CA ASN A 82 7.38 -7.95 -16.39
C ASN A 82 8.19 -6.69 -16.08
N LEU A 83 8.95 -6.74 -15.00
CA LEU A 83 9.78 -5.61 -14.60
C LEU A 83 11.17 -5.71 -15.20
N VAL A 84 12.08 -4.84 -14.73
CA VAL A 84 13.45 -4.84 -15.22
C VAL A 84 14.44 -4.97 -14.07
N PRO A 85 15.42 -5.88 -14.23
CA PRO A 85 16.45 -6.12 -13.21
C PRO A 85 17.43 -4.95 -13.09
N GLN A 86 17.96 -4.76 -11.90
CA GLN A 86 18.91 -3.68 -11.64
C GLN A 86 18.25 -2.32 -11.86
N LYS A 87 17.12 -2.11 -11.20
CA LYS A 87 16.39 -0.85 -11.33
C LYS A 87 15.56 -0.58 -10.07
N THR A 88 15.79 0.59 -9.47
CA THR A 88 15.07 0.97 -8.26
C THR A 88 13.58 1.10 -8.53
N TYR A 89 12.77 0.36 -7.78
CA TYR A 89 11.32 0.40 -7.95
C TYR A 89 10.64 0.93 -6.68
N SER A 90 9.83 1.97 -6.84
CA SER A 90 9.13 2.57 -5.71
C SER A 90 7.79 1.87 -5.47
N VAL A 91 7.36 1.85 -4.21
CA VAL A 91 6.10 1.21 -3.84
C VAL A 91 5.35 2.04 -2.82
N LYS A 92 4.05 2.22 -3.05
CA LYS A 92 3.22 3.00 -2.13
C LYS A 92 1.82 2.39 -2.04
N VAL A 93 1.37 2.14 -0.81
CA VAL A 93 0.06 1.57 -0.58
C VAL A 93 -0.78 2.46 0.33
N LEU A 94 -2.09 2.49 0.07
CA LEU A 94 -3.00 3.30 0.88
C LEU A 94 -4.33 2.59 1.08
N ALA A 95 -5.14 3.12 1.99
CA ALA A 95 -6.45 2.53 2.28
C ALA A 95 -7.57 3.51 1.98
N PHE A 96 -8.64 3.00 1.37
CA PHE A 96 -9.79 3.84 1.02
C PHE A 96 -11.09 3.09 1.24
N THR A 97 -12.15 3.82 1.56
CA THR A 97 -13.46 3.23 1.80
C THR A 97 -14.51 3.82 0.87
N SER A 98 -15.73 3.31 0.96
CA SER A 98 -16.83 3.79 0.12
C SER A 98 -17.01 5.30 0.28
N ILE A 99 -16.61 5.82 1.43
CA ILE A 99 -16.73 7.25 1.70
C ILE A 99 -15.76 8.05 0.85
N GLY A 100 -14.46 7.88 1.12
CA GLY A 100 -13.44 8.60 0.36
C GLY A 100 -12.16 7.81 0.22
N ASP A 101 -11.03 8.49 0.35
CA ASP A 101 -9.73 7.85 0.24
C ASP A 101 -8.81 8.26 1.39
N GLY A 102 -7.81 7.44 1.66
CA GLY A 102 -6.88 7.75 2.74
C GLY A 102 -5.53 8.19 2.23
N PRO A 103 -4.70 8.74 3.12
CA PRO A 103 -3.36 9.23 2.79
C PRO A 103 -2.40 8.09 2.46
N LEU A 104 -1.53 8.31 1.49
CA LEU A 104 -0.56 7.31 1.08
C LEU A 104 0.43 7.01 2.22
N SER A 105 1.13 5.89 2.12
CA SER A 105 2.11 5.50 3.12
C SER A 105 3.45 6.15 2.86
N SER A 106 4.47 5.73 3.62
CA SER A 106 5.81 6.28 3.47
C SER A 106 6.46 5.77 2.18
N ASP A 107 6.85 6.70 1.32
CA ASP A 107 7.48 6.35 0.05
C ASP A 107 8.66 5.40 0.28
N ILE A 108 8.49 4.16 -0.17
CA ILE A 108 9.53 3.16 -0.02
C ILE A 108 10.07 2.70 -1.37
N GLN A 109 11.35 2.38 -1.42
CA GLN A 109 11.98 1.93 -2.65
C GLN A 109 12.60 0.54 -2.49
N VAL A 110 12.65 -0.21 -3.58
CA VAL A 110 13.22 -1.56 -3.55
C VAL A 110 13.96 -1.87 -4.85
N ILE A 111 15.18 -2.39 -4.71
CA ILE A 111 16.00 -2.74 -5.87
C ILE A 111 15.74 -4.17 -6.31
N THR A 112 15.74 -4.40 -7.62
CA THR A 112 15.51 -5.73 -8.17
C THR A 112 16.83 -6.40 -8.53
N GLN A 113 17.26 -7.34 -7.69
CA GLN A 113 18.51 -8.05 -7.92
C GLN A 113 18.52 -9.38 -7.17
N THR A 114 17.87 -10.39 -7.76
CA THR A 114 17.81 -11.71 -7.15
C THR A 114 19.19 -12.21 -6.76
N GLY A 115 20.20 -11.83 -7.54
CA GLY A 115 21.56 -12.24 -7.26
C GLY A 115 21.70 -13.76 -7.16
N SER A 116 22.60 -14.21 -6.30
CA SER A 116 22.83 -15.63 -6.11
C SER A 116 22.54 -16.04 -4.67
N GLY A 117 22.86 -17.30 -4.35
CA GLY A 117 22.64 -17.80 -3.00
C GLY A 117 22.96 -19.27 -2.87
N PRO A 118 22.86 -19.80 -1.64
CA PRO A 118 23.14 -21.21 -1.36
C PRO A 118 22.08 -22.14 -1.93
N SER A 119 20.85 -21.64 -2.03
CA SER A 119 19.75 -22.42 -2.56
C SER A 119 19.56 -23.71 -1.77
N SER A 120 19.32 -23.56 -0.46
CA SER A 120 19.12 -24.71 0.41
C SER A 120 17.68 -24.79 0.89
N GLY A 121 17.39 -25.79 1.71
CA GLY A 121 16.04 -25.96 2.23
C GLY A 121 15.68 -27.42 2.45
N GLY A 1 0.95 2.93 32.39
CA GLY A 1 0.33 2.49 31.16
C GLY A 1 0.25 3.58 30.12
N SER A 2 -0.90 3.69 29.45
CA SER A 2 -1.10 4.70 28.42
C SER A 2 -2.38 5.50 28.68
N SER A 3 -2.69 6.42 27.77
CA SER A 3 -3.88 7.25 27.90
C SER A 3 -4.89 6.93 26.79
N GLY A 4 -6.01 7.64 26.81
CA GLY A 4 -7.03 7.41 25.80
C GLY A 4 -8.05 8.53 25.75
N SER A 5 -9.03 8.40 24.86
CA SER A 5 -10.07 9.41 24.71
C SER A 5 -11.41 8.77 24.39
N SER A 6 -12.49 9.53 24.60
CA SER A 6 -13.83 9.03 24.34
C SER A 6 -14.38 9.62 23.04
N GLY A 7 -14.16 10.91 22.85
CA GLY A 7 -14.65 11.58 21.65
C GLY A 7 -15.93 12.37 21.89
N PRO A 8 -16.38 13.08 20.86
CA PRO A 8 -17.60 13.90 20.94
C PRO A 8 -18.86 13.05 21.02
N VAL A 9 -20.02 13.70 21.00
CA VAL A 9 -21.29 13.00 21.08
C VAL A 9 -22.33 13.69 20.20
N LEU A 10 -22.97 12.91 19.33
CA LEU A 10 -23.99 13.43 18.42
C LEU A 10 -24.57 12.32 17.55
N THR A 11 -25.87 12.39 17.30
CA THR A 11 -26.54 11.40 16.47
C THR A 11 -26.29 11.65 14.99
N GLN A 12 -25.06 11.43 14.56
CA GLN A 12 -24.70 11.64 13.16
C GLN A 12 -23.24 11.24 12.91
N THR A 13 -22.89 10.02 13.33
CA THR A 13 -21.53 9.52 13.16
C THR A 13 -21.34 8.93 11.77
N SER A 14 -21.92 7.75 11.54
CA SER A 14 -21.81 7.07 10.25
C SER A 14 -20.34 6.75 9.94
N GLU A 15 -20.14 5.92 8.92
CA GLU A 15 -18.79 5.54 8.51
C GLU A 15 -18.19 6.58 7.56
N GLN A 16 -16.91 6.87 7.76
CA GLN A 16 -16.22 7.84 6.93
C GLN A 16 -15.04 7.21 6.21
N ALA A 17 -14.29 8.02 5.47
CA ALA A 17 -13.13 7.53 4.73
C ALA A 17 -11.96 7.26 5.68
N PRO A 18 -11.01 6.43 5.22
CA PRO A 18 -9.83 6.07 6.01
C PRO A 18 -8.87 7.24 6.18
N SER A 19 -8.37 7.42 7.40
CA SER A 19 -7.44 8.51 7.69
C SER A 19 -6.14 7.97 8.28
N SER A 20 -5.83 6.71 7.96
CA SER A 20 -4.62 6.08 8.46
C SER A 20 -3.92 5.29 7.35
N ALA A 21 -2.68 5.65 7.08
CA ALA A 21 -1.90 4.98 6.05
C ALA A 21 -1.54 3.55 6.48
N PRO A 22 -1.27 2.69 5.48
CA PRO A 22 -0.91 1.29 5.74
C PRO A 22 0.48 1.15 6.36
N ARG A 23 0.62 0.20 7.27
CA ARG A 23 1.88 -0.04 7.95
C ARG A 23 2.38 -1.46 7.70
N ASP A 24 3.59 -1.74 8.18
CA ASP A 24 4.18 -3.06 7.99
C ASP A 24 4.15 -3.49 6.53
N VAL A 25 4.32 -2.51 5.63
CA VAL A 25 4.31 -2.78 4.20
C VAL A 25 5.72 -2.75 3.63
N GLN A 26 5.97 -3.60 2.64
CA GLN A 26 7.28 -3.68 2.00
C GLN A 26 7.24 -4.60 0.78
N ALA A 27 8.14 -4.36 -0.16
CA ALA A 27 8.21 -5.17 -1.37
C ALA A 27 9.44 -6.08 -1.35
N ARG A 28 9.21 -7.37 -1.46
CA ARG A 28 10.30 -8.35 -1.44
C ARG A 28 10.46 -8.99 -2.82
N MET A 29 11.70 -9.17 -3.25
CA MET A 29 11.99 -9.78 -4.55
C MET A 29 12.09 -11.30 -4.42
N LEU A 30 11.43 -12.01 -5.32
CA LEU A 30 11.46 -13.47 -5.31
C LEU A 30 12.07 -14.01 -6.59
N SER A 31 11.95 -13.25 -7.67
CA SER A 31 12.49 -13.65 -8.97
C SER A 31 13.30 -12.52 -9.60
N SER A 32 13.64 -12.68 -10.87
CA SER A 32 14.43 -11.68 -11.58
C SER A 32 13.54 -10.55 -12.09
N THR A 33 12.23 -10.81 -12.13
CA THR A 33 11.27 -9.81 -12.60
C THR A 33 9.91 -10.02 -11.94
N THR A 34 9.92 -10.37 -10.65
CA THR A 34 8.68 -10.60 -9.92
C THR A 34 8.83 -10.16 -8.47
N ILE A 35 8.00 -9.20 -8.06
CA ILE A 35 8.03 -8.69 -6.70
C ILE A 35 6.71 -8.95 -5.97
N LEU A 36 6.71 -8.77 -4.66
CA LEU A 36 5.51 -8.98 -3.86
C LEU A 36 5.37 -7.90 -2.79
N VAL A 37 4.25 -7.18 -2.82
CA VAL A 37 4.00 -6.12 -1.85
C VAL A 37 2.83 -6.47 -0.95
N GLN A 38 3.08 -6.51 0.35
CA GLN A 38 2.05 -6.84 1.33
C GLN A 38 2.05 -5.86 2.48
N TRP A 39 0.90 -5.22 2.73
CA TRP A 39 0.77 -4.25 3.80
C TRP A 39 -0.15 -4.76 4.89
N LYS A 40 -0.28 -4.00 5.97
CA LYS A 40 -1.14 -4.37 7.09
C LYS A 40 -2.28 -3.38 7.26
N GLU A 41 -3.41 -3.85 7.76
CA GLU A 41 -4.57 -3.00 7.97
C GLU A 41 -4.19 -1.75 8.77
N PRO A 42 -4.90 -0.65 8.50
CA PRO A 42 -4.66 0.63 9.18
C PRO A 42 -5.07 0.60 10.65
N GLU A 43 -4.75 1.66 11.38
CA GLU A 43 -5.10 1.75 12.79
C GLU A 43 -6.40 2.53 12.98
N GLU A 44 -6.73 3.36 12.01
CA GLU A 44 -7.95 4.16 12.06
C GLU A 44 -8.73 4.07 10.75
N PRO A 45 -9.39 2.92 10.53
CA PRO A 45 -10.17 2.68 9.32
C PRO A 45 -11.34 3.66 9.19
N ASN A 46 -12.15 3.76 10.24
CA ASN A 46 -13.30 4.65 10.25
C ASN A 46 -14.32 4.23 9.20
N GLY A 47 -14.25 2.97 8.78
CA GLY A 47 -15.17 2.47 7.79
C GLY A 47 -14.73 1.12 7.22
N GLN A 48 -15.65 0.44 6.55
CA GLN A 48 -15.35 -0.86 5.96
C GLN A 48 -14.42 -0.71 4.75
N ILE A 49 -13.31 -1.42 4.78
CA ILE A 49 -12.34 -1.37 3.70
C ILE A 49 -12.82 -2.17 2.49
N GLN A 50 -12.76 -1.54 1.32
CA GLN A 50 -13.19 -2.20 0.08
C GLN A 50 -11.99 -2.62 -0.75
N GLY A 51 -10.87 -1.93 -0.56
CA GLY A 51 -9.67 -2.26 -1.30
C GLY A 51 -8.53 -1.30 -1.01
N TYR A 52 -7.49 -1.34 -1.84
CA TYR A 52 -6.34 -0.47 -1.66
C TYR A 52 -5.72 -0.09 -3.00
N ARG A 53 -5.00 1.02 -3.02
CA ARG A 53 -4.36 1.50 -4.24
C ARG A 53 -2.84 1.46 -4.11
N VAL A 54 -2.17 0.91 -5.13
CA VAL A 54 -0.72 0.81 -5.13
C VAL A 54 -0.12 1.64 -6.25
N TYR A 55 1.09 2.17 -6.00
CA TYR A 55 1.78 2.99 -6.99
C TYR A 55 3.22 2.53 -7.17
N TYR A 56 3.58 2.20 -8.40
CA TYR A 56 4.93 1.74 -8.70
C TYR A 56 5.33 2.11 -10.13
N THR A 57 6.49 2.72 -10.27
CA THR A 57 6.99 3.13 -11.57
C THR A 57 8.51 3.36 -11.55
N MET A 58 9.14 3.19 -12.70
CA MET A 58 10.59 3.38 -12.80
C MET A 58 10.93 4.87 -12.83
N ASP A 59 9.97 5.69 -13.20
CA ASP A 59 10.18 7.13 -13.27
C ASP A 59 9.36 7.85 -12.20
N PRO A 60 9.82 7.79 -10.95
CA PRO A 60 9.14 8.43 -9.82
C PRO A 60 9.21 9.96 -9.88
N THR A 61 10.00 10.47 -10.81
CA THR A 61 10.16 11.91 -10.98
C THR A 61 8.83 12.57 -11.34
N GLN A 62 7.88 11.76 -11.80
CA GLN A 62 6.57 12.26 -12.19
C GLN A 62 5.59 12.15 -11.03
N HIS A 63 4.38 12.69 -11.23
CA HIS A 63 3.35 12.64 -10.20
C HIS A 63 2.78 11.23 -10.07
N VAL A 64 2.41 10.86 -8.85
CA VAL A 64 1.85 9.53 -8.59
C VAL A 64 0.63 9.28 -9.46
N ASN A 65 -0.02 10.35 -9.88
CA ASN A 65 -1.21 10.23 -10.73
C ASN A 65 -0.84 9.75 -12.13
N ASN A 66 0.43 9.93 -12.49
CA ASN A 66 0.92 9.51 -13.80
C ASN A 66 1.58 8.13 -13.72
N TRP A 67 1.99 7.74 -12.53
CA TRP A 67 2.63 6.45 -12.31
C TRP A 67 1.80 5.32 -12.90
N MET A 68 2.37 4.13 -12.95
CA MET A 68 1.68 2.97 -13.50
C MET A 68 0.47 2.61 -12.64
N LYS A 69 0.65 2.66 -11.32
CA LYS A 69 -0.43 2.35 -10.39
C LYS A 69 -0.85 0.88 -10.53
N HIS A 70 -1.50 0.36 -9.50
CA HIS A 70 -1.96 -1.02 -9.51
C HIS A 70 -3.40 -1.12 -8.98
N ASN A 71 -3.89 -2.35 -8.84
CA ASN A 71 -5.24 -2.57 -8.35
C ASN A 71 -5.24 -3.60 -7.22
N VAL A 72 -6.24 -3.51 -6.35
CA VAL A 72 -6.36 -4.43 -5.22
C VAL A 72 -7.82 -4.73 -4.90
N ALA A 73 -8.08 -5.93 -4.39
CA ALA A 73 -9.43 -6.33 -4.05
C ALA A 73 -9.51 -6.79 -2.60
N ASP A 74 -9.16 -5.89 -1.67
CA ASP A 74 -9.20 -6.20 -0.25
C ASP A 74 -8.43 -7.50 0.04
N SER A 75 -7.17 -7.54 -0.39
CA SER A 75 -6.34 -8.72 -0.18
C SER A 75 -5.15 -8.38 0.71
N GLN A 76 -4.87 -7.09 0.85
CA GLN A 76 -3.75 -6.64 1.67
C GLN A 76 -2.43 -7.19 1.16
N ILE A 77 -2.42 -7.61 -0.10
CA ILE A 77 -1.23 -8.16 -0.72
C ILE A 77 -1.38 -8.24 -2.24
N THR A 78 -0.31 -7.91 -2.95
CA THR A 78 -0.32 -7.94 -4.41
C THR A 78 1.06 -8.30 -4.96
N THR A 79 1.08 -8.85 -6.18
CA THR A 79 2.33 -9.23 -6.82
C THR A 79 2.48 -8.56 -8.18
N ILE A 80 3.66 -8.01 -8.45
CA ILE A 80 3.93 -7.35 -9.71
C ILE A 80 5.06 -8.04 -10.46
N GLY A 81 4.95 -8.08 -11.79
CA GLY A 81 5.98 -8.70 -12.59
C GLY A 81 6.20 -7.98 -13.91
N ASN A 82 6.96 -8.61 -14.80
CA ASN A 82 7.25 -8.02 -16.11
C ASN A 82 8.05 -6.73 -15.96
N LEU A 83 8.98 -6.72 -15.01
CA LEU A 83 9.82 -5.55 -14.77
C LEU A 83 11.23 -5.77 -15.28
N VAL A 84 12.12 -4.83 -14.99
CA VAL A 84 13.51 -4.93 -15.41
C VAL A 84 14.44 -5.08 -14.20
N PRO A 85 15.37 -6.04 -14.30
CA PRO A 85 16.34 -6.31 -13.24
C PRO A 85 17.36 -5.19 -13.09
N GLN A 86 18.02 -5.13 -11.93
CA GLN A 86 19.01 -4.11 -11.66
C GLN A 86 18.47 -2.72 -11.97
N LYS A 87 17.34 -2.39 -11.36
CA LYS A 87 16.71 -1.09 -11.56
C LYS A 87 15.86 -0.70 -10.36
N THR A 88 16.13 0.47 -9.80
CA THR A 88 15.39 0.96 -8.64
C THR A 88 13.92 1.16 -8.98
N TYR A 89 13.04 0.73 -8.08
CA TYR A 89 11.61 0.86 -8.29
C TYR A 89 10.92 1.33 -7.01
N SER A 90 10.04 2.32 -7.14
CA SER A 90 9.32 2.87 -5.99
C SER A 90 8.04 2.09 -5.76
N VAL A 91 7.51 2.18 -4.53
CA VAL A 91 6.28 1.48 -4.17
C VAL A 91 5.51 2.25 -3.10
N LYS A 92 4.21 2.36 -3.29
CA LYS A 92 3.36 3.07 -2.34
C LYS A 92 2.04 2.33 -2.12
N VAL A 93 1.46 2.49 -0.94
CA VAL A 93 0.19 1.84 -0.61
C VAL A 93 -0.69 2.74 0.25
N LEU A 94 -1.99 2.68 0.02
CA LEU A 94 -2.94 3.48 0.78
C LEU A 94 -4.25 2.73 0.98
N ALA A 95 -5.10 3.27 1.85
CA ALA A 95 -6.40 2.65 2.13
C ALA A 95 -7.55 3.57 1.71
N PHE A 96 -8.59 2.98 1.13
CA PHE A 96 -9.74 3.75 0.68
C PHE A 96 -11.04 2.96 0.89
N THR A 97 -12.12 3.67 1.20
CA THR A 97 -13.40 3.03 1.43
C THR A 97 -14.47 3.61 0.50
N SER A 98 -15.70 3.11 0.64
CA SER A 98 -16.80 3.57 -0.19
C SER A 98 -17.00 5.07 -0.04
N ILE A 99 -16.56 5.61 1.09
CA ILE A 99 -16.68 7.04 1.36
C ILE A 99 -15.71 7.85 0.51
N GLY A 100 -14.41 7.65 0.75
CA GLY A 100 -13.40 8.37 0.00
C GLY A 100 -12.07 7.64 -0.02
N ASP A 101 -10.98 8.41 0.04
CA ASP A 101 -9.64 7.83 0.02
C ASP A 101 -8.86 8.24 1.27
N GLY A 102 -7.82 7.50 1.58
CA GLY A 102 -7.00 7.80 2.74
C GLY A 102 -5.59 8.23 2.38
N PRO A 103 -4.79 8.57 3.40
CA PRO A 103 -3.41 9.01 3.20
C PRO A 103 -2.50 7.87 2.74
N LEU A 104 -1.38 8.23 2.13
CA LEU A 104 -0.43 7.25 1.64
C LEU A 104 0.59 6.88 2.73
N SER A 105 1.25 5.74 2.54
CA SER A 105 2.25 5.28 3.50
C SER A 105 3.64 5.79 3.14
N SER A 106 4.57 5.68 4.09
CA SER A 106 5.94 6.13 3.87
C SER A 106 6.51 5.55 2.58
N ASP A 107 6.85 6.44 1.66
CA ASP A 107 7.41 6.01 0.37
C ASP A 107 8.59 5.06 0.58
N ILE A 108 8.55 3.92 -0.10
CA ILE A 108 9.61 2.93 0.01
C ILE A 108 10.20 2.60 -1.35
N GLN A 109 11.38 2.00 -1.35
CA GLN A 109 12.05 1.63 -2.59
C GLN A 109 12.51 0.18 -2.56
N VAL A 110 12.76 -0.38 -3.74
CA VAL A 110 13.21 -1.77 -3.84
C VAL A 110 13.94 -2.02 -5.15
N ILE A 111 15.10 -2.66 -5.06
CA ILE A 111 15.91 -2.96 -6.24
C ILE A 111 15.61 -4.36 -6.77
N THR A 112 15.43 -4.47 -8.09
CA THR A 112 15.14 -5.76 -8.72
C THR A 112 16.38 -6.63 -8.77
N GLN A 113 16.55 -7.49 -7.77
CA GLN A 113 17.70 -8.38 -7.72
C GLN A 113 17.35 -9.68 -7.01
N THR A 114 17.78 -10.80 -7.58
CA THR A 114 17.51 -12.11 -7.00
C THR A 114 18.26 -12.30 -5.69
N GLY A 115 19.57 -12.08 -5.72
CA GLY A 115 20.38 -12.23 -4.52
C GLY A 115 21.31 -13.43 -4.60
N SER A 116 22.35 -13.42 -3.77
CA SER A 116 23.31 -14.51 -3.74
C SER A 116 23.89 -14.69 -2.35
N GLY A 117 24.05 -15.94 -1.92
CA GLY A 117 24.60 -16.22 -0.61
C GLY A 117 23.74 -15.68 0.51
N PRO A 118 22.60 -16.33 0.75
CA PRO A 118 21.66 -15.94 1.80
C PRO A 118 22.21 -16.17 3.20
N SER A 119 21.65 -15.47 4.18
CA SER A 119 22.09 -15.60 5.57
C SER A 119 22.05 -17.06 6.02
N SER A 120 23.13 -17.51 6.65
CA SER A 120 23.22 -18.89 7.13
C SER A 120 22.97 -19.88 5.99
N GLY A 121 23.29 -19.45 4.77
CA GLY A 121 23.09 -20.31 3.62
C GLY A 121 24.31 -21.16 3.30
#